data_9ASB
#
_entry.id   9ASB
#
_cell.length_a   1.00
_cell.length_b   1.00
_cell.length_c   1.00
_cell.angle_alpha   90.00
_cell.angle_beta   90.00
_cell.angle_gamma   90.00
#
_symmetry.space_group_name_H-M   'P 1'
#
loop_
_entity.id
_entity.type
_entity.pdbx_description
1 polymer 'Isoform 1 of Extracellular calcium-sensing receptor'
2 polymer 'Chimeric mini guanine nucleotide-binding protein G(i)(s)(q) subunit alpha'
3 polymer 'Guanine nucleotide-binding protein G(I)/G(S)/G(T) subunit beta-1'
4 polymer 'Chimeric mini guanine nucleotide-binding protein G(i)(s)(q) subunit alpha'
5 branched 2-acetamido-2-deoxy-beta-D-glucopyranose-(1-4)-2-acetamido-2-deoxy-beta-D-glucopyranose
6 non-polymer 2-acetamido-2-deoxy-beta-D-glucopyranose
7 non-polymer CYCLOMETHYLTRYPTOPHAN
8 non-polymer 'PHOSPHATE ION'
9 non-polymer 'CALCIUM ION'
10 non-polymer 3-(2-chlorophenyl)-N-[(1R)-1-(3-methoxyphenyl)ethyl]propan-1-amine
11 non-polymer 'CHOLESTEROL HEMISUCCINATE'
12 non-polymer '(19R,22S,25R)-22,25,26-trihydroxy-16,22-dioxo-17,21,23-trioxa-22lambda~5~-phosphahexacosan-19-yl (9Z)-octadec-9-enoate'
#
loop_
_entity_poly.entity_id
_entity_poly.type
_entity_poly.pdbx_seq_one_letter_code
_entity_poly.pdbx_strand_id
1 'polypeptide(L)'
;MAFYSCCWVLLALTWHTSADYKDDDDKYGPDQRAQKKGDIILGGLFPIHFGVAAKDQDLKSRPESVECIRYNFRGFRWLQ
AMIFAIEEINSSPALLPNLTLGYRIFDTCNTVSKALEATLSFVAQNKIDSLNLDEFCNCSEHIPSTIAVVGATGSGVSTA
VANLLGLFYIPQVSYASSSRLLSNKNQFKSFLRTIPNDEHQATAMADIIEYFRWNWVGTIAADDDYGRPGIEKFREEAEE
RDICIDFSELISQYSDEEEIQHVVEVIQNSTAKVIVVFSSGPDLEPLIKEIVRRNITGKIWLASEAWASSSLIAMPQYFH
VVGGTIGFALKAGQIPGFREFLKKVHPRKSVHNGFAKEFWEETFNCHLQEGAKGPLPVDTFLRGHEESGDRFSNSSTAFR
PLCTGDENISSVETPYIDYTHLRISYNVYLAVYSIAHALQDIYTCLPGRGLFTNGSCADIKKVEAWQVLKHLRHLNFTNN
MGEQVTFDECGDLVGNYSIINWHLSPEDGSIVFKEVGYYNVYAKKGERLFINEEKILWSGFSREVPFSNCSRDCLAGTRK
GIIEGEPTCCFECVECPDGEYSDETDASACNKCPDDFWSNENHTSCIAKEIEFLSWTEPFGIALTLFAVLGIFLTAFVLG
VFIKFRNTPIVKATNRELSYLLLFSLLCCFSSSLFFIGEPQDWTCRLRQPAFGISFVLCISCILVKTNRVLLVFEAKIPT
SFHRKWWGLNLQFLLVFLCTFMQIVICVIWLYTAPPSSYRNQELEDEIIFITCHEGSLMALGFLIGYTCLLAAICFFFAF
KSRKLPENFNEAKFITFSMLIFFIVWISFIPAYASTYGKFVSAVEVIAILAASFGLLACIFFNKIYIILFKPSRNTIEEV
RCSTAAHAFKVAARATLRRSNVSRKRSSSLG
;
Q,R
2 'polypeptide(L)'
;MGCTLSAEDKAAVERSKMIEKQLQKDKQVYRATHRLLLLGADNSGKSTIVKQMRILHGGSGGSGGTSGIFETKFQVDKVN
FHMFDVGGQRDERRKWIQCFNDVTAIIFVVDSSDYNRLQEALNDFKSIWNNRWLRTISVILFLNKQDLLAEKVLAGKSKI
EDYFPEFARYTTPEDATPEPGEDPRVTRAKYFIRDEFLRISTASGDGRHYCYPHFTCAVDTENARRIFNDCKDIILQMNL
REYNLV
;
A
3 'polypeptide(L)'
;MDYKDDDDKSELDQLRQEAEQLKNQIRDARKACADATLSQITNNIDPVGRIQMRTRRTLRGHLAKIYAMHWGTDSRLLVS
ASQDGKLIIWDSYTTNKVHAIPLRSSWVMTCAYAPSGNYVACGGLDNICSIYNLKTREGNVRVSRELAGHTGYLSCCRFL
DDNQIVTSSGDTTCALWDIETGQQTTTFTGHTGDVMSLSLAPDTRLFVSGACDASAKLWDVREGMCRQTFTGHESDINAI
CFFPNGNAFATGSDDATCRLFDLRADQELMTYSHDNIICGITSVSFSKSGRLLLAGYDDFNCNVWDALKADRAGVLAGHD
NRVSCLGVTDDGMAVATGSWDSFLKIWN
;
B
4 'polypeptide(L)' MASNNTASIAQARKLVEQLKMEANIDRIKVSKAAADLMAYCEAHAKEDPLLTPVPASENPFREKKFFCAIL G
#
loop_
_chem_comp.id
_chem_comp.type
_chem_comp.name
_chem_comp.formula
9IG non-polymer 3-(2-chlorophenyl)-N-[(1R)-1-(3-methoxyphenyl)ethyl]propan-1-amine 'C18 H22 Cl N O'
A1AF7 non-polymer '(19R,22S,25R)-22,25,26-trihydroxy-16,22-dioxo-17,21,23-trioxa-22lambda~5~-phosphahexacosan-19-yl (9Z)-octadec-9-enoate' 'C40 H77 O10 P'
CA non-polymer 'CALCIUM ION' 'Ca 2'
NAG D-saccharide, beta linking 2-acetamido-2-deoxy-beta-D-glucopyranose 'C8 H15 N O6'
PO4 non-polymer 'PHOSPHATE ION' 'O4 P -3'
Y01 non-polymer 'CHOLESTEROL HEMISUCCINATE' 'C31 H50 O4'
#
# COMPACT_ATOMS: atom_id res chain seq x y z
N GLY A 29 59.31 -17.72 71.70
CA GLY A 29 58.13 -17.43 70.91
C GLY A 29 57.40 -18.67 70.43
N PRO A 30 56.91 -18.63 69.20
CA PRO A 30 56.20 -19.79 68.65
C PRO A 30 57.13 -20.99 68.48
N ASP A 31 56.52 -22.17 68.50
CA ASP A 31 57.24 -23.44 68.38
C ASP A 31 57.18 -23.92 66.93
N GLN A 32 57.67 -25.15 66.71
CA GLN A 32 57.72 -25.78 65.40
C GLN A 32 58.59 -25.00 64.42
N ARG A 33 59.40 -24.08 64.93
CA ARG A 33 60.18 -23.17 64.11
C ARG A 33 61.31 -23.90 63.40
N ALA A 34 62.01 -23.16 62.55
CA ALA A 34 63.28 -23.59 61.96
C ALA A 34 64.32 -22.55 62.34
N GLN A 35 65.27 -22.94 63.19
CA GLN A 35 66.18 -21.96 63.76
C GLN A 35 67.62 -22.46 63.64
N LYS A 36 68.50 -21.55 63.24
CA LYS A 36 69.94 -21.77 63.22
C LYS A 36 70.62 -20.54 63.79
N LYS A 37 71.54 -20.77 64.72
CA LYS A 37 72.29 -19.69 65.33
C LYS A 37 73.33 -19.16 64.34
N GLY A 38 73.54 -17.84 64.38
CA GLY A 38 74.55 -17.22 63.53
C GLY A 38 74.84 -15.83 64.04
N ASP A 39 75.83 -15.21 63.41
CA ASP A 39 76.21 -13.84 63.78
C ASP A 39 75.11 -12.85 63.43
N ILE A 40 74.37 -13.12 62.36
CA ILE A 40 73.29 -12.28 61.88
C ILE A 40 72.07 -13.16 61.65
N ILE A 41 70.91 -12.74 62.14
CA ILE A 41 69.70 -13.55 62.16
C ILE A 41 68.70 -12.98 61.17
N LEU A 42 68.29 -13.79 60.20
CA LEU A 42 67.27 -13.43 59.23
C LEU A 42 65.96 -14.10 59.62
N GLY A 43 64.93 -13.29 59.86
CA GLY A 43 63.63 -13.84 60.17
C GLY A 43 62.92 -14.36 58.94
N GLY A 44 62.04 -15.33 59.16
CA GLY A 44 61.29 -15.94 58.07
C GLY A 44 59.83 -16.10 58.43
N LEU A 45 58.98 -15.96 57.42
CA LEU A 45 57.53 -16.09 57.56
C LEU A 45 57.00 -16.85 56.36
N PHE A 46 56.66 -18.12 56.55
CA PHE A 46 56.20 -18.93 55.43
C PHE A 46 54.92 -19.66 55.79
N PRO A 47 54.03 -19.88 54.82
CA PRO A 47 52.78 -20.61 55.07
C PRO A 47 52.95 -22.11 54.92
N ILE A 48 53.54 -22.73 55.95
CA ILE A 48 53.67 -24.18 55.97
C ILE A 48 52.31 -24.87 56.04
N HIS A 49 51.27 -24.15 56.46
CA HIS A 49 49.91 -24.64 56.48
C HIS A 49 49.03 -23.67 55.71
N PHE A 50 48.02 -24.20 55.01
CA PHE A 50 47.15 -23.34 54.23
C PHE A 50 46.21 -22.51 55.08
N GLY A 51 46.00 -22.89 56.34
CA GLY A 51 45.11 -22.14 57.19
C GLY A 51 45.07 -22.73 58.58
N VAL A 52 44.12 -22.24 59.38
CA VAL A 52 43.96 -22.66 60.76
C VAL A 52 42.63 -23.39 60.91
N ALA A 53 42.43 -23.98 62.08
CA ALA A 53 41.20 -24.70 62.36
C ALA A 53 40.06 -23.72 62.56
N ALA A 54 38.99 -23.89 61.79
CA ALA A 54 37.83 -22.99 61.86
C ALA A 54 37.00 -23.37 63.06
N LYS A 55 37.41 -22.88 64.24
CA LYS A 55 36.69 -23.11 65.50
C LYS A 55 36.53 -21.75 66.19
N ASP A 56 35.37 -21.14 65.99
CA ASP A 56 35.10 -19.85 66.61
C ASP A 56 35.09 -19.97 68.12
N GLN A 57 35.94 -19.20 68.78
CA GLN A 57 36.05 -19.26 70.23
C GLN A 57 34.81 -18.67 70.88
N ASP A 58 34.10 -19.48 71.66
CA ASP A 58 32.93 -19.02 72.39
C ASP A 58 33.28 -18.25 73.64
N LEU A 59 34.55 -18.28 74.06
CA LEU A 59 35.06 -17.57 75.22
C LEU A 59 34.42 -18.03 76.53
N LYS A 60 33.80 -19.21 76.54
CA LYS A 60 33.38 -19.82 77.80
C LYS A 60 34.58 -20.31 78.61
N SER A 61 35.69 -20.61 77.94
CA SER A 61 36.93 -20.98 78.60
C SER A 61 38.05 -20.12 78.01
N ARG A 62 39.20 -20.15 78.66
CA ARG A 62 40.33 -19.34 78.22
C ARG A 62 40.73 -19.76 76.80
N PRO A 63 40.81 -18.81 75.86
CA PRO A 63 41.10 -19.18 74.47
C PRO A 63 42.51 -19.71 74.33
N GLU A 64 42.62 -20.95 73.85
CA GLU A 64 43.89 -21.59 73.61
C GLU A 64 44.42 -21.21 72.23
N SER A 65 45.64 -21.64 71.94
CA SER A 65 46.24 -21.37 70.64
C SER A 65 45.49 -22.13 69.55
N VAL A 66 45.24 -21.43 68.44
CA VAL A 66 44.54 -22.07 67.32
C VAL A 66 45.50 -23.01 66.60
N GLU A 67 44.97 -24.13 66.12
CA GLU A 67 45.75 -25.14 65.42
C GLU A 67 45.79 -24.82 63.93
N CYS A 68 46.85 -25.27 63.28
CA CYS A 68 47.07 -25.06 61.85
C CYS A 68 46.79 -26.36 61.11
N ILE A 69 46.00 -26.28 60.04
CA ILE A 69 45.58 -27.43 59.27
C ILE A 69 46.00 -27.22 57.82
N ARG A 70 45.74 -28.23 56.99
CA ARG A 70 46.01 -28.18 55.55
C ARG A 70 47.49 -27.92 55.28
N TYR A 71 48.34 -28.91 55.57
CA TYR A 71 49.78 -28.77 55.42
C TYR A 71 50.11 -28.35 53.99
N ASN A 72 50.99 -27.35 53.87
CA ASN A 72 51.39 -26.81 52.58
C ASN A 72 52.80 -27.28 52.26
N PHE A 73 52.93 -28.13 51.23
CA PHE A 73 54.24 -28.57 50.78
C PHE A 73 54.97 -27.50 49.99
N ARG A 74 54.23 -26.66 49.25
CA ARG A 74 54.84 -25.57 48.51
C ARG A 74 55.44 -24.52 49.44
N GLY A 75 54.74 -24.21 50.53
CA GLY A 75 55.30 -23.31 51.53
C GLY A 75 56.53 -23.89 52.21
N PHE A 76 56.52 -25.21 52.44
CA PHE A 76 57.72 -25.85 52.97
C PHE A 76 58.87 -25.76 51.97
N ARG A 77 58.58 -25.89 50.68
CA ARG A 77 59.63 -25.71 49.68
C ARG A 77 60.15 -24.28 49.68
N TRP A 78 59.28 -23.30 49.90
CA TRP A 78 59.74 -21.91 50.02
C TRP A 78 60.66 -21.72 51.22
N LEU A 79 60.29 -22.31 52.36
CA LEU A 79 61.15 -22.28 53.53
C LEU A 79 62.49 -22.94 53.25
N GLN A 80 62.46 -24.07 52.54
CA GLN A 80 63.70 -24.74 52.15
C GLN A 80 64.52 -23.87 51.22
N ALA A 81 63.86 -23.07 50.38
CA ALA A 81 64.59 -22.13 49.53
C ALA A 81 65.32 -21.09 50.36
N MET A 82 64.65 -20.56 51.38
CA MET A 82 65.32 -19.62 52.28
C MET A 82 66.53 -20.27 52.95
N ILE A 83 66.34 -21.49 53.48
CA ILE A 83 67.43 -22.16 54.17
C ILE A 83 68.57 -22.48 53.21
N PHE A 84 68.25 -22.90 51.99
CA PHE A 84 69.27 -23.21 51.00
C PHE A 84 70.06 -21.97 50.64
N ALA A 85 69.39 -20.84 50.46
CA ALA A 85 70.09 -19.60 50.16
C ALA A 85 71.02 -19.20 51.31
N ILE A 86 70.53 -19.32 52.55
CA ILE A 86 71.36 -18.95 53.69
C ILE A 86 72.58 -19.86 53.79
N GLU A 87 72.39 -21.16 53.57
CA GLU A 87 73.51 -22.10 53.59
C GLU A 87 74.50 -21.80 52.48
N GLU A 88 74.01 -21.44 51.30
CA GLU A 88 74.90 -21.09 50.19
C GLU A 88 75.73 -19.87 50.52
N ILE A 89 75.12 -18.85 51.12
CA ILE A 89 75.86 -17.67 51.51
C ILE A 89 76.87 -18.00 52.59
N ASN A 90 76.50 -18.84 53.56
CA ASN A 90 77.42 -19.23 54.61
C ASN A 90 78.55 -20.11 54.10
N SER A 91 78.38 -20.80 52.98
CA SER A 91 79.42 -21.64 52.42
C SER A 91 80.33 -20.90 51.45
N SER A 92 79.78 -19.99 50.65
CA SER A 92 80.59 -19.23 49.71
C SER A 92 81.30 -18.09 50.43
N PRO A 93 82.64 -18.02 50.38
CA PRO A 93 83.34 -16.89 51.00
C PRO A 93 83.31 -15.62 50.18
N ALA A 94 82.88 -15.68 48.92
CA ALA A 94 82.79 -14.47 48.10
C ALA A 94 81.74 -13.51 48.62
N LEU A 95 80.73 -14.02 49.33
CA LEU A 95 79.68 -13.21 49.92
C LEU A 95 79.75 -13.32 51.44
N LEU A 96 79.90 -12.17 52.11
CA LEU A 96 79.94 -12.08 53.56
C LEU A 96 80.96 -13.06 54.15
N PRO A 97 82.26 -12.83 53.95
CA PRO A 97 83.26 -13.75 54.48
C PRO A 97 83.38 -13.64 55.99
N ASN A 98 83.57 -14.79 56.64
CA ASN A 98 83.74 -14.89 58.08
C ASN A 98 82.56 -14.32 58.87
N LEU A 99 81.41 -14.16 58.22
CA LEU A 99 80.20 -13.68 58.86
C LEU A 99 79.10 -14.70 58.58
N THR A 100 78.48 -15.21 59.63
CA THR A 100 77.51 -16.29 59.51
C THR A 100 76.09 -15.75 59.60
N LEU A 101 75.24 -16.17 58.67
CA LEU A 101 73.82 -15.83 58.70
C LEU A 101 73.06 -16.96 59.38
N GLY A 102 72.35 -16.62 60.45
CA GLY A 102 71.41 -17.52 61.08
C GLY A 102 69.98 -17.17 60.68
N TYR A 103 69.05 -17.96 61.19
CA TYR A 103 67.66 -17.70 60.87
C TYR A 103 66.75 -18.16 61.99
N ARG A 104 65.61 -17.48 62.11
CA ARG A 104 64.48 -17.90 62.93
C ARG A 104 63.26 -17.82 62.02
N ILE A 105 62.75 -18.97 61.60
CA ILE A 105 61.67 -19.04 60.62
C ILE A 105 60.45 -19.67 61.27
N PHE A 106 59.32 -19.00 61.16
CA PHE A 106 58.07 -19.45 61.75
C PHE A 106 57.03 -19.73 60.67
N ASP A 107 55.93 -20.32 61.09
CA ASP A 107 54.81 -20.62 60.21
C ASP A 107 53.68 -19.63 60.50
N THR A 108 53.22 -18.97 59.44
CA THR A 108 52.13 -18.02 59.56
C THR A 108 50.76 -18.66 59.39
N CYS A 109 50.70 -19.80 58.68
CA CYS A 109 49.44 -20.48 58.40
C CYS A 109 48.46 -19.57 57.67
N ASN A 110 49.00 -18.66 56.85
CA ASN A 110 48.22 -17.67 56.10
C ASN A 110 47.34 -16.82 57.02
N THR A 111 47.67 -16.77 58.30
CA THR A 111 46.86 -16.11 59.32
C THR A 111 47.64 -14.95 59.90
N VAL A 112 46.94 -13.84 60.12
CA VAL A 112 47.58 -12.64 60.65
C VAL A 112 48.07 -12.87 62.08
N SER A 113 47.30 -13.59 62.88
CA SER A 113 47.64 -13.75 64.29
C SER A 113 48.94 -14.52 64.47
N LYS A 114 49.11 -15.62 63.74
CA LYS A 114 50.33 -16.41 63.87
C LYS A 114 51.55 -15.62 63.43
N ALA A 115 51.45 -14.91 62.32
CA ALA A 115 52.56 -14.09 61.85
C ALA A 115 52.84 -12.94 62.81
N LEU A 116 51.82 -12.44 63.51
CA LEU A 116 52.06 -11.40 64.49
C LEU A 116 52.75 -11.93 65.73
N GLU A 117 52.43 -13.17 66.15
CA GLU A 117 53.21 -13.79 67.21
C GLU A 117 54.67 -13.94 66.80
N ALA A 118 54.89 -14.41 65.56
CA ALA A 118 56.27 -14.53 65.06
C ALA A 118 56.96 -13.18 65.01
N THR A 119 56.24 -12.14 64.59
CA THR A 119 56.81 -10.80 64.50
C THR A 119 57.15 -10.25 65.88
N LEU A 120 56.27 -10.48 66.86
CA LEU A 120 56.58 -10.10 68.23
C LEU A 120 57.84 -10.81 68.73
N SER A 121 58.02 -12.06 68.32
CA SER A 121 59.29 -12.73 68.60
C SER A 121 60.44 -12.03 67.90
N PHE A 122 60.22 -11.54 66.67
CA PHE A 122 61.28 -10.86 65.93
C PHE A 122 61.68 -9.54 66.58
N VAL A 123 60.74 -8.83 67.19
CA VAL A 123 60.98 -7.49 67.71
C VAL A 123 61.09 -7.49 69.23
N ALA A 124 61.44 -8.63 69.83
CA ALA A 124 61.45 -8.71 71.29
C ALA A 124 62.46 -7.75 71.89
N GLN A 125 63.71 -7.81 71.43
CA GLN A 125 64.73 -6.89 71.94
C GLN A 125 64.41 -5.45 71.54
N ASN A 126 63.93 -5.25 70.32
CA ASN A 126 63.60 -3.90 69.86
C ASN A 126 62.48 -3.29 70.69
N LYS A 127 61.44 -4.07 71.00
CA LYS A 127 60.35 -3.54 71.80
C LYS A 127 60.75 -3.37 73.25
N ILE A 128 61.66 -4.22 73.74
CA ILE A 128 62.19 -4.03 75.10
C ILE A 128 62.93 -2.71 75.19
N ASP A 129 63.78 -2.42 74.20
CA ASP A 129 64.54 -1.18 74.20
C ASP A 129 63.64 0.03 74.04
N SER A 130 62.67 -0.04 73.11
CA SER A 130 61.84 1.12 72.81
C SER A 130 60.84 1.39 73.93
N LEU A 131 60.19 0.35 74.43
CA LEU A 131 59.14 0.51 75.43
C LEU A 131 59.70 0.53 76.86
N ASN A 132 60.35 -0.57 77.25
CA ASN A 132 60.88 -0.70 78.60
C ASN A 132 62.24 -0.01 78.72
N GLU A 141 68.58 -10.75 77.29
CA GLU A 141 69.85 -10.28 76.75
C GLU A 141 70.31 -11.16 75.60
N HIS A 142 70.07 -12.47 75.73
CA HIS A 142 70.51 -13.43 74.72
C HIS A 142 69.54 -13.58 73.56
N ILE A 143 68.42 -12.87 73.58
CA ILE A 143 67.44 -12.95 72.50
C ILE A 143 68.07 -12.44 71.22
N PRO A 144 68.07 -13.22 70.14
CA PRO A 144 68.68 -12.76 68.89
C PRO A 144 67.97 -11.54 68.34
N SER A 145 68.75 -10.64 67.74
CA SER A 145 68.21 -9.44 67.12
C SER A 145 67.98 -9.72 65.64
N THR A 146 66.72 -9.81 65.24
CA THR A 146 66.38 -10.05 63.84
C THR A 146 66.81 -8.84 63.01
N ILE A 147 67.68 -9.07 62.03
CA ILE A 147 68.19 -7.96 61.24
C ILE A 147 67.23 -7.63 60.10
N ALA A 148 66.53 -8.64 59.58
CA ALA A 148 65.59 -8.46 58.49
C ALA A 148 64.67 -9.68 58.46
N VAL A 149 63.54 -9.54 57.77
CA VAL A 149 62.51 -10.56 57.72
C VAL A 149 62.19 -10.87 56.27
N VAL A 150 62.04 -12.16 55.96
CA VAL A 150 61.65 -12.60 54.63
C VAL A 150 60.21 -13.10 54.74
N GLY A 151 59.28 -12.34 54.19
CA GLY A 151 57.87 -12.70 54.23
C GLY A 151 57.02 -11.46 54.33
N ALA A 152 55.72 -11.70 54.50
CA ALA A 152 55.10 -13.01 54.40
C ALA A 152 54.52 -13.22 53.00
N THR A 153 53.67 -14.22 52.85
CA THR A 153 53.02 -14.53 51.58
C THR A 153 51.76 -13.72 51.33
N GLY A 154 50.87 -13.63 52.32
CA GLY A 154 49.62 -12.92 52.15
C GLY A 154 49.81 -11.43 52.29
N SER A 155 49.10 -10.67 51.45
CA SER A 155 49.24 -9.22 51.49
C SER A 155 48.70 -8.62 52.77
N GLY A 156 47.59 -9.15 53.29
CA GLY A 156 47.12 -8.70 54.60
C GLY A 156 48.04 -9.12 55.72
N VAL A 157 48.56 -10.35 55.65
CA VAL A 157 49.52 -10.82 56.64
C VAL A 157 50.79 -9.97 56.60
N SER A 158 51.30 -9.73 55.40
CA SER A 158 52.47 -8.85 55.25
C SER A 158 52.17 -7.43 55.68
N THR A 159 50.92 -6.98 55.50
CA THR A 159 50.55 -5.63 55.96
C THR A 159 50.64 -5.54 57.48
N ALA A 160 50.10 -6.53 58.18
CA ALA A 160 50.20 -6.55 59.64
C ALA A 160 51.65 -6.64 60.09
N VAL A 161 52.42 -7.52 59.46
CA VAL A 161 53.83 -7.68 59.82
C VAL A 161 54.60 -6.41 59.56
N ALA A 162 54.31 -5.70 58.46
CA ALA A 162 54.99 -4.45 58.16
C ALA A 162 54.59 -3.36 59.14
N ASN A 163 53.31 -3.32 59.53
CA ASN A 163 52.88 -2.39 60.57
C ASN A 163 53.69 -2.59 61.84
N LEU A 164 53.91 -3.84 62.23
CA LEU A 164 54.67 -4.07 63.45
C LEU A 164 56.16 -3.79 63.27
N LEU A 165 56.73 -4.15 62.12
CA LEU A 165 58.17 -4.05 61.92
C LEU A 165 58.62 -2.61 61.68
N GLY A 166 57.82 -1.81 60.98
CA GLY A 166 58.21 -0.45 60.67
C GLY A 166 58.37 0.44 61.88
N LEU A 167 57.85 0.00 63.03
CA LEU A 167 58.12 0.71 64.28
C LEU A 167 59.61 0.75 64.56
N PHE A 168 60.31 -0.34 64.28
CA PHE A 168 61.72 -0.47 64.60
C PHE A 168 62.60 -0.42 63.36
N TYR A 169 62.02 -0.12 62.19
CA TYR A 169 62.77 0.00 60.94
C TYR A 169 63.53 -1.27 60.61
N ILE A 170 62.89 -2.41 60.87
CA ILE A 170 63.43 -3.71 60.49
C ILE A 170 63.00 -3.99 59.05
N PRO A 171 63.93 -4.16 58.12
CA PRO A 171 63.55 -4.45 56.74
C PRO A 171 62.76 -5.76 56.65
N GLN A 172 61.75 -5.76 55.80
CA GLN A 172 60.93 -6.94 55.56
C GLN A 172 60.81 -7.11 54.05
N VAL A 173 61.47 -8.13 53.51
CA VAL A 173 61.51 -8.36 52.08
C VAL A 173 60.58 -9.52 51.78
N SER A 174 59.36 -9.21 51.34
CA SER A 174 58.40 -10.23 50.99
C SER A 174 58.73 -10.86 49.64
N TYR A 175 58.23 -12.07 49.45
CA TYR A 175 58.45 -12.83 48.22
C TYR A 175 57.16 -13.06 47.45
N ALA A 176 56.00 -12.87 48.08
CA ALA A 176 54.72 -13.15 47.41
C ALA A 176 53.64 -12.14 47.74
N SER A 177 53.96 -10.99 48.32
CA SER A 177 52.96 -9.97 48.66
C SER A 177 53.03 -8.90 47.58
N SER A 178 52.04 -8.91 46.68
CA SER A 178 52.05 -8.08 45.49
C SER A 178 50.98 -6.99 45.52
N SER A 179 50.40 -6.72 46.67
CA SER A 179 49.37 -5.69 46.77
C SER A 179 49.98 -4.31 46.57
N ARG A 180 49.28 -3.46 45.83
CA ARG A 180 49.72 -2.08 45.64
C ARG A 180 49.70 -1.30 46.95
N LEU A 181 48.82 -1.67 47.89
CA LEU A 181 48.75 -0.97 49.17
C LEU A 181 50.05 -1.02 49.93
N LEU A 182 50.88 -2.03 49.69
CA LEU A 182 52.16 -2.18 50.35
C LEU A 182 53.25 -1.33 49.73
N SER A 183 52.95 -0.62 48.63
CA SER A 183 53.88 0.31 48.03
C SER A 183 53.85 1.67 48.70
N ASN A 184 52.99 1.86 49.70
CA ASN A 184 52.89 3.11 50.43
C ASN A 184 53.98 3.14 51.49
N LYS A 185 55.05 3.89 51.23
CA LYS A 185 56.15 3.97 52.17
C LYS A 185 55.83 4.86 53.37
N ASN A 186 54.81 5.72 53.26
CA ASN A 186 54.39 6.51 54.40
C ASN A 186 53.80 5.65 55.50
N GLN A 187 53.18 4.53 55.11
CA GLN A 187 52.65 3.57 56.08
C GLN A 187 53.53 2.35 56.26
N PHE A 188 54.33 2.00 55.25
CA PHE A 188 55.20 0.83 55.29
C PHE A 188 56.62 1.29 54.94
N LYS A 189 57.33 1.76 55.96
CA LYS A 189 58.63 2.37 55.74
C LYS A 189 59.68 1.32 55.36
N SER A 190 59.63 0.15 56.00
CA SER A 190 60.67 -0.85 55.86
C SER A 190 60.22 -2.07 55.05
N PHE A 191 59.32 -1.88 54.09
CA PHE A 191 58.79 -2.98 53.30
C PHE A 191 59.44 -2.99 51.92
N LEU A 192 59.85 -4.18 51.48
CA LEU A 192 60.43 -4.42 50.18
C LEU A 192 59.81 -5.71 49.65
N ARG A 193 59.88 -5.91 48.34
CA ARG A 193 59.37 -7.15 47.77
C ARG A 193 60.16 -7.53 46.53
N THR A 194 60.39 -8.82 46.36
CA THR A 194 61.00 -9.37 45.16
C THR A 194 59.96 -9.91 44.18
N ILE A 195 58.70 -9.52 44.37
CA ILE A 195 57.61 -9.90 43.47
C ILE A 195 57.09 -8.62 42.82
N PRO A 196 56.67 -8.65 41.56
CA PRO A 196 56.09 -7.44 40.96
C PRO A 196 54.78 -7.03 41.61
N ASN A 197 54.56 -5.73 41.66
CA ASN A 197 53.29 -5.18 42.12
C ASN A 197 52.19 -5.55 41.12
N ASP A 198 50.96 -5.61 41.61
CA ASP A 198 49.86 -6.19 40.86
C ASP A 198 49.01 -5.17 40.11
N GLU A 199 49.51 -3.96 39.86
CA GLU A 199 48.83 -3.08 38.93
C GLU A 199 49.06 -3.53 37.49
N HIS A 200 50.29 -3.93 37.17
CA HIS A 200 50.58 -4.44 35.83
C HIS A 200 49.76 -5.70 35.54
N GLN A 201 49.51 -6.52 36.56
CA GLN A 201 48.74 -7.73 36.34
C GLN A 201 47.29 -7.44 36.01
N ALA A 202 46.68 -6.47 36.70
CA ALA A 202 45.30 -6.09 36.37
C ALA A 202 45.22 -5.46 34.99
N THR A 203 46.20 -4.60 34.66
CA THR A 203 46.26 -4.07 33.30
C THR A 203 46.40 -5.20 32.28
N ALA A 204 47.15 -6.24 32.62
CA ALA A 204 47.33 -7.38 31.73
C ALA A 204 46.03 -8.16 31.56
N MET A 205 45.26 -8.31 32.63
CA MET A 205 43.94 -8.95 32.51
C MET A 205 43.05 -8.16 31.56
N ALA A 206 43.03 -6.83 31.72
CA ALA A 206 42.22 -6.00 30.83
C ALA A 206 42.71 -6.11 29.39
N ASP A 207 44.02 -6.15 29.19
CA ASP A 207 44.58 -6.29 27.84
C ASP A 207 44.23 -7.64 27.23
N ILE A 208 44.23 -8.70 28.03
CA ILE A 208 43.83 -10.01 27.55
C ILE A 208 42.37 -10.00 27.11
N ILE A 209 41.50 -9.39 27.93
CA ILE A 209 40.08 -9.32 27.55
C ILE A 209 39.90 -8.53 26.28
N GLU A 210 40.61 -7.42 26.13
CA GLU A 210 40.52 -6.62 24.91
C GLU A 210 41.04 -7.40 23.71
N TYR A 211 42.07 -8.24 23.92
CA TYR A 211 42.69 -8.97 22.82
C TYR A 211 41.71 -9.95 22.17
N PHE A 212 40.96 -10.68 22.98
CA PHE A 212 39.99 -11.64 22.49
C PHE A 212 38.63 -11.02 22.22
N ARG A 213 38.51 -9.71 22.38
CA ARG A 213 37.31 -8.95 21.99
C ARG A 213 36.08 -9.44 22.77
N TRP A 214 36.19 -9.29 24.09
CA TRP A 214 35.05 -9.47 24.99
C TRP A 214 34.73 -8.13 25.64
N ASN A 215 33.45 -7.89 25.90
CA ASN A 215 33.05 -6.72 26.66
C ASN A 215 32.11 -7.04 27.81
N TRP A 216 31.86 -8.31 28.10
CA TRP A 216 30.85 -8.72 29.07
C TRP A 216 31.49 -9.76 29.98
N VAL A 217 32.08 -9.29 31.08
CA VAL A 217 32.86 -10.13 31.98
C VAL A 217 32.34 -9.92 33.40
N GLY A 218 32.63 -10.89 34.27
CA GLY A 218 32.33 -10.79 35.68
C GLY A 218 33.62 -10.86 36.48
N THR A 219 33.63 -10.20 37.63
CA THR A 219 34.82 -10.09 38.45
C THR A 219 34.59 -10.74 39.81
N ILE A 220 35.57 -11.52 40.26
CA ILE A 220 35.56 -12.15 41.57
C ILE A 220 36.89 -11.86 42.24
N ALA A 221 36.83 -11.45 43.51
CA ALA A 221 38.06 -11.12 44.23
C ALA A 221 37.93 -11.61 45.66
N ALA A 222 39.08 -11.91 46.26
CA ALA A 222 39.11 -12.25 47.68
C ALA A 222 38.93 -11.00 48.51
N ASP A 223 38.15 -11.13 49.59
CA ASP A 223 37.89 -9.99 50.46
C ASP A 223 39.09 -9.75 51.38
N ASP A 224 40.22 -9.33 50.81
CA ASP A 224 41.42 -9.08 51.58
C ASP A 224 42.23 -8.00 50.88
N ASP A 225 43.35 -7.63 51.49
CA ASP A 225 44.20 -6.56 50.98
C ASP A 225 44.89 -6.91 49.67
N TYR A 226 44.63 -8.09 49.11
CA TYR A 226 45.22 -8.51 47.85
C TYR A 226 44.22 -8.48 46.70
N GLY A 227 43.08 -9.15 46.85
CA GLY A 227 42.08 -9.20 45.82
C GLY A 227 41.37 -7.89 45.54
N ARG A 228 41.04 -7.14 46.60
CA ARG A 228 40.28 -5.91 46.44
C ARG A 228 41.02 -4.85 45.63
N PRO A 229 42.26 -4.47 45.97
CA PRO A 229 42.93 -3.44 45.16
C PRO A 229 43.19 -3.88 43.73
N GLY A 230 43.52 -5.15 43.53
CA GLY A 230 43.75 -5.64 42.17
C GLY A 230 42.49 -5.62 41.33
N ILE A 231 41.36 -6.03 41.92
CA ILE A 231 40.12 -6.02 41.16
C ILE A 231 39.66 -4.58 40.93
N GLU A 232 39.99 -3.67 41.84
CA GLU A 232 39.67 -2.27 41.60
C GLU A 232 40.48 -1.70 40.44
N LYS A 233 41.77 -2.03 40.39
CA LYS A 233 42.60 -1.61 39.26
C LYS A 233 42.08 -2.21 37.96
N PHE A 234 41.66 -3.48 38.01
CA PHE A 234 41.06 -4.08 36.82
C PHE A 234 39.79 -3.35 36.40
N ARG A 235 38.98 -2.94 37.37
CA ARG A 235 37.75 -2.22 37.03
C ARG A 235 38.07 -0.90 36.35
N GLU A 236 39.06 -0.15 36.86
CA GLU A 236 39.46 1.08 36.19
C GLU A 236 39.93 0.80 34.77
N GLU A 237 40.77 -0.23 34.59
CA GLU A 237 41.28 -0.54 33.27
C GLU A 237 40.17 -0.96 32.31
N ALA A 238 39.22 -1.77 32.80
CA ALA A 238 38.11 -2.21 31.96
C ALA A 238 37.21 -1.05 31.56
N GLU A 239 36.97 -0.12 32.49
CA GLU A 239 36.21 1.07 32.14
C GLU A 239 36.95 1.89 31.09
N GLU A 240 38.28 1.98 31.21
CA GLU A 240 39.06 2.68 30.20
C GLU A 240 38.95 2.01 28.84
N ARG A 241 38.98 0.68 28.81
CA ARG A 241 39.00 -0.08 27.57
C ARG A 241 37.60 -0.47 27.10
N ASP A 242 36.55 0.09 27.71
CA ASP A 242 35.17 -0.17 27.32
C ASP A 242 34.81 -1.65 27.44
N ILE A 243 35.02 -2.19 28.64
CA ILE A 243 34.59 -3.54 28.98
C ILE A 243 33.56 -3.41 30.10
N CYS A 244 32.34 -3.85 29.83
CA CYS A 244 31.30 -3.82 30.85
C CYS A 244 31.48 -4.98 31.81
N ILE A 245 31.46 -4.69 33.10
CA ILE A 245 31.56 -5.70 34.14
C ILE A 245 30.16 -5.99 34.67
N ASP A 246 29.70 -7.22 34.49
CA ASP A 246 28.35 -7.57 34.89
C ASP A 246 28.21 -7.66 36.41
N PHE A 247 29.03 -8.49 37.04
CA PHE A 247 28.95 -8.70 38.47
C PHE A 247 30.33 -8.60 39.10
N SER A 248 30.37 -8.09 40.34
CA SER A 248 31.58 -7.98 41.13
C SER A 248 31.29 -8.55 42.50
N GLU A 249 31.71 -9.79 42.75
CA GLU A 249 31.43 -10.48 44.00
C GLU A 249 32.72 -10.73 44.76
N LEU A 250 32.65 -10.60 46.08
CA LEU A 250 33.78 -10.84 46.96
C LEU A 250 33.66 -12.21 47.61
N ILE A 251 34.80 -12.88 47.78
CA ILE A 251 34.84 -14.23 48.32
C ILE A 251 35.89 -14.27 49.44
N SER A 252 35.83 -15.34 50.22
CA SER A 252 36.82 -15.60 51.26
C SER A 252 36.79 -17.08 51.58
N GLN A 253 37.86 -17.54 52.22
CA GLN A 253 37.89 -18.93 52.68
C GLN A 253 36.99 -19.18 53.88
N TYR A 254 36.55 -18.11 54.56
CA TYR A 254 35.64 -18.23 55.69
C TYR A 254 34.23 -17.81 55.33
N SER A 255 33.92 -17.65 54.04
CA SER A 255 32.58 -17.27 53.63
C SER A 255 31.59 -18.38 53.97
N ASP A 256 30.43 -17.98 54.46
CA ASP A 256 29.40 -18.93 54.83
C ASP A 256 28.82 -19.59 53.58
N GLU A 257 28.10 -20.69 53.79
CA GLU A 257 27.45 -21.37 52.68
C GLU A 257 26.43 -20.44 52.00
N GLU A 258 25.84 -19.53 52.77
CA GLU A 258 24.91 -18.56 52.18
C GLU A 258 25.63 -17.64 51.19
N GLU A 259 26.79 -17.12 51.58
CA GLU A 259 27.54 -16.22 50.70
C GLU A 259 28.05 -16.94 49.46
N ILE A 260 28.59 -18.15 49.63
CA ILE A 260 29.08 -18.92 48.50
C ILE A 260 27.94 -19.25 47.56
N GLN A 261 26.79 -19.66 48.11
CA GLN A 261 25.64 -19.96 47.29
C GLN A 261 25.14 -18.73 46.55
N HIS A 262 25.19 -17.57 47.19
CA HIS A 262 24.79 -16.33 46.53
C HIS A 262 25.72 -16.00 45.38
N VAL A 263 27.03 -16.16 45.57
CA VAL A 263 27.97 -15.88 44.49
C VAL A 263 27.76 -16.84 43.32
N VAL A 264 27.50 -18.11 43.63
CA VAL A 264 27.24 -19.08 42.55
C VAL A 264 25.95 -18.72 41.82
N GLU A 265 24.93 -18.26 42.56
CA GLU A 265 23.71 -17.79 41.89
C GLU A 265 23.99 -16.62 40.98
N VAL A 266 24.82 -15.68 41.42
CA VAL A 266 25.17 -14.54 40.58
C VAL A 266 25.87 -15.00 39.32
N ILE A 267 26.78 -15.96 39.44
CA ILE A 267 27.48 -16.49 38.27
C ILE A 267 26.50 -17.16 37.32
N GLN A 268 25.60 -17.98 37.85
CA GLN A 268 24.66 -18.71 37.00
C GLN A 268 23.69 -17.76 36.29
N ASN A 269 23.17 -16.77 37.00
CA ASN A 269 22.22 -15.84 36.39
C ASN A 269 22.89 -15.03 35.29
N SER A 270 24.16 -14.69 35.46
CA SER A 270 24.87 -13.89 34.49
C SER A 270 25.13 -14.68 33.21
N THR A 271 25.18 -13.96 32.09
CA THR A 271 25.55 -14.53 30.80
C THR A 271 27.00 -14.24 30.44
N ALA A 272 27.79 -13.76 31.39
CA ALA A 272 29.19 -13.44 31.18
C ALA A 272 30.01 -14.73 31.30
N LYS A 273 30.46 -15.26 30.16
CA LYS A 273 31.28 -16.46 30.19
C LYS A 273 32.61 -16.20 30.86
N VAL A 274 33.23 -15.06 30.58
CA VAL A 274 34.54 -14.74 31.13
C VAL A 274 34.38 -14.21 32.55
N ILE A 275 35.07 -14.83 33.49
CA ILE A 275 35.08 -14.41 34.89
C ILE A 275 36.52 -14.12 35.27
N VAL A 276 36.79 -12.89 35.69
CA VAL A 276 38.10 -12.48 36.16
C VAL A 276 38.17 -12.70 37.67
N VAL A 277 39.01 -13.63 38.10
CA VAL A 277 39.15 -13.95 39.51
C VAL A 277 40.52 -13.45 39.95
N PHE A 278 40.53 -12.50 40.87
CA PHE A 278 41.76 -11.93 41.40
C PHE A 278 41.81 -12.32 42.87
N SER A 279 42.33 -13.52 43.13
CA SER A 279 42.23 -14.12 44.45
C SER A 279 43.32 -15.18 44.57
N SER A 280 43.34 -15.86 45.71
CA SER A 280 44.30 -16.91 46.00
C SER A 280 43.60 -18.25 46.10
N GLY A 281 44.39 -19.31 46.21
CA GLY A 281 43.90 -20.66 46.24
C GLY A 281 42.96 -20.95 47.41
N PRO A 282 43.43 -20.73 48.64
CA PRO A 282 42.55 -20.99 49.80
C PRO A 282 41.29 -20.16 49.81
N ASP A 283 41.33 -18.91 49.33
CA ASP A 283 40.17 -18.04 49.30
C ASP A 283 39.21 -18.38 48.17
N LEU A 284 39.67 -19.11 47.15
CA LEU A 284 38.83 -19.50 46.03
C LEU A 284 38.36 -20.94 46.12
N GLU A 285 38.96 -21.74 46.99
CA GLU A 285 38.63 -23.16 47.08
C GLU A 285 37.16 -23.41 47.41
N PRO A 286 36.54 -22.76 48.39
CA PRO A 286 35.10 -23.00 48.63
C PRO A 286 34.23 -22.72 47.41
N LEU A 287 34.48 -21.60 46.73
CA LEU A 287 33.67 -21.24 45.56
C LEU A 287 33.86 -22.25 44.43
N ILE A 288 35.11 -22.65 44.19
CA ILE A 288 35.36 -23.62 43.13
C ILE A 288 34.71 -24.95 43.45
N LYS A 289 34.78 -25.39 44.71
CA LYS A 289 34.14 -26.64 45.10
C LYS A 289 32.63 -26.58 44.91
N GLU A 290 32.02 -25.46 45.31
CA GLU A 290 30.57 -25.33 45.18
C GLU A 290 30.16 -25.30 43.71
N ILE A 291 30.95 -24.62 42.87
CA ILE A 291 30.65 -24.58 41.44
C ILE A 291 30.83 -25.94 40.81
N VAL A 292 31.86 -26.69 41.23
CA VAL A 292 32.07 -28.05 40.74
C VAL A 292 30.90 -28.93 41.14
N ARG A 293 30.34 -28.71 42.33
CA ARG A 293 29.19 -29.49 42.77
C ARG A 293 28.00 -29.31 41.82
N ARG A 294 27.77 -28.08 41.37
CA ARG A 294 26.62 -27.76 40.52
C ARG A 294 26.94 -27.81 39.03
N ASN A 295 28.19 -28.09 38.66
CA ASN A 295 28.59 -28.31 37.27
C ASN A 295 28.28 -27.10 36.39
N ILE A 296 28.79 -25.95 36.80
CA ILE A 296 28.76 -24.78 35.93
C ILE A 296 29.93 -24.86 34.96
N THR A 297 29.63 -24.97 33.68
CA THR A 297 30.64 -25.17 32.65
C THR A 297 30.59 -24.02 31.66
N GLY A 298 31.61 -23.95 30.82
CA GLY A 298 31.69 -22.93 29.79
C GLY A 298 32.15 -21.58 30.27
N LYS A 299 32.47 -21.44 31.55
CA LYS A 299 32.98 -20.17 32.07
C LYS A 299 34.47 -20.07 31.80
N ILE A 300 34.90 -18.93 31.29
CA ILE A 300 36.31 -18.69 31.04
C ILE A 300 36.90 -18.00 32.27
N TRP A 301 37.92 -18.62 32.86
CA TRP A 301 38.52 -18.15 34.09
C TRP A 301 39.83 -17.45 33.76
N LEU A 302 39.91 -16.17 34.10
CA LEU A 302 41.17 -15.42 34.05
C LEU A 302 41.76 -15.40 35.45
N ALA A 303 42.88 -16.09 35.62
CA ALA A 303 43.44 -16.36 36.94
C ALA A 303 44.54 -15.37 37.26
N SER A 304 44.48 -14.80 38.46
CA SER A 304 45.59 -14.03 38.99
C SER A 304 46.73 -14.98 39.36
N GLU A 305 47.92 -14.40 39.53
CA GLU A 305 49.11 -15.22 39.76
C GLU A 305 49.00 -16.04 41.04
N ALA A 306 48.16 -15.60 41.99
CA ALA A 306 48.07 -16.29 43.26
C ALA A 306 47.51 -17.70 43.11
N TRP A 307 46.46 -17.87 42.29
CA TRP A 307 45.82 -19.16 42.13
C TRP A 307 45.97 -19.76 40.74
N ALA A 308 46.64 -19.08 39.81
CA ALA A 308 46.86 -19.64 38.49
C ALA A 308 47.74 -20.88 38.53
N SER A 309 48.51 -21.05 39.59
CA SER A 309 49.39 -22.21 39.77
C SER A 309 49.15 -22.85 41.12
N SER A 310 47.89 -23.03 41.47
CA SER A 310 47.51 -23.52 42.80
C SER A 310 47.10 -24.98 42.72
N SER A 311 47.67 -25.80 43.59
CA SER A 311 47.28 -27.20 43.69
C SER A 311 45.92 -27.37 44.34
N LEU A 312 45.39 -26.34 44.98
CA LEU A 312 44.07 -26.39 45.59
C LEU A 312 42.95 -26.19 44.58
N ILE A 313 43.26 -25.69 43.39
CA ILE A 313 42.26 -25.43 42.36
C ILE A 313 42.54 -26.30 41.15
N ALA A 314 43.82 -26.41 40.78
CA ALA A 314 44.21 -27.18 39.61
C ALA A 314 44.26 -28.68 39.95
N MET A 315 43.10 -29.19 40.32
CA MET A 315 42.89 -30.59 40.63
C MET A 315 42.25 -31.30 39.44
N PRO A 316 42.60 -32.57 39.22
CA PRO A 316 42.06 -33.28 38.05
C PRO A 316 40.55 -33.37 38.02
N GLN A 317 39.88 -33.41 39.17
CA GLN A 317 38.43 -33.56 39.22
C GLN A 317 37.69 -32.23 39.17
N TYR A 318 38.41 -31.11 39.01
CA TYR A 318 37.79 -29.82 38.78
C TYR A 318 37.89 -29.38 37.33
N PHE A 319 38.45 -30.20 36.44
CA PHE A 319 38.77 -29.74 35.09
C PHE A 319 37.53 -29.46 34.26
N HIS A 320 36.40 -30.06 34.61
CA HIS A 320 35.21 -29.71 33.84
C HIS A 320 34.64 -28.37 34.21
N VAL A 321 35.31 -27.67 35.13
CA VAL A 321 34.90 -26.35 35.59
C VAL A 321 36.02 -25.35 35.36
N VAL A 322 37.23 -25.68 35.81
CA VAL A 322 38.36 -24.78 35.73
C VAL A 322 39.29 -25.15 34.58
N GLY A 323 38.85 -26.04 33.69
CA GLY A 323 39.64 -26.36 32.52
C GLY A 323 39.74 -25.18 31.58
N GLY A 324 40.89 -25.08 30.92
CA GLY A 324 41.13 -23.98 30.00
C GLY A 324 41.39 -22.65 30.66
N THR A 325 41.56 -22.63 31.98
CA THR A 325 41.80 -21.39 32.70
C THR A 325 43.06 -20.71 32.20
N ILE A 326 42.96 -19.41 31.96
CA ILE A 326 44.08 -18.60 31.51
C ILE A 326 44.58 -17.78 32.69
N GLY A 327 45.80 -18.05 33.12
CA GLY A 327 46.34 -17.37 34.28
C GLY A 327 47.70 -16.77 34.07
N PHE A 328 48.22 -16.10 35.09
CA PHE A 328 49.52 -15.45 35.05
C PHE A 328 50.48 -16.20 35.96
N ALA A 329 51.76 -16.20 35.57
CA ALA A 329 52.82 -16.79 36.38
C ALA A 329 54.03 -15.86 36.32
N LEU A 330 54.81 -15.87 37.39
CA LEU A 330 55.98 -15.02 37.46
C LEU A 330 57.12 -15.60 36.64
N LYS A 331 58.21 -14.83 36.55
CA LYS A 331 59.41 -15.32 35.91
C LYS A 331 59.89 -16.59 36.58
N ALA A 332 60.23 -17.59 35.77
CA ALA A 332 60.85 -18.79 36.30
C ALA A 332 62.33 -18.52 36.51
N GLY A 333 62.81 -18.86 37.71
CA GLY A 333 64.20 -18.75 38.05
C GLY A 333 64.86 -20.12 38.16
N GLN A 334 66.18 -20.09 38.30
CA GLN A 334 66.97 -21.31 38.42
C GLN A 334 67.82 -21.23 39.67
N ILE A 335 67.77 -22.28 40.48
CA ILE A 335 68.61 -22.39 41.66
C ILE A 335 69.39 -23.70 41.56
N PRO A 336 70.57 -23.70 40.94
CA PRO A 336 71.35 -24.94 40.84
C PRO A 336 71.63 -25.55 42.20
N GLY A 337 71.40 -26.85 42.33
CA GLY A 337 71.58 -27.56 43.58
C GLY A 337 70.40 -27.48 44.52
N PHE A 338 69.32 -26.79 44.14
CA PHE A 338 68.17 -26.68 45.03
C PHE A 338 67.42 -28.00 45.15
N ARG A 339 67.26 -28.74 44.04
CA ARG A 339 66.50 -29.98 44.07
C ARG A 339 67.18 -31.03 44.93
N GLU A 340 68.51 -31.11 44.85
CA GLU A 340 69.25 -32.04 45.70
C GLU A 340 69.06 -31.70 47.18
N PHE A 341 69.13 -30.41 47.51
CA PHE A 341 68.91 -29.99 48.89
C PHE A 341 67.49 -30.32 49.34
N LEU A 342 66.51 -30.17 48.44
CA LEU A 342 65.14 -30.56 48.76
C LEU A 342 65.05 -32.06 49.02
N LYS A 343 65.77 -32.87 48.25
CA LYS A 343 65.74 -34.31 48.38
C LYS A 343 66.63 -34.81 49.52
N LYS A 344 67.39 -33.92 50.15
CA LYS A 344 68.22 -34.27 51.29
C LYS A 344 67.51 -34.08 52.62
N VAL A 345 66.19 -33.88 52.60
CA VAL A 345 65.43 -33.63 53.83
C VAL A 345 65.28 -34.93 54.60
N HIS A 346 65.25 -34.82 55.94
CA HIS A 346 65.12 -35.97 56.83
C HIS A 346 64.78 -35.43 58.21
N PRO A 347 63.79 -35.99 58.90
CA PRO A 347 63.40 -35.44 60.21
C PRO A 347 64.51 -35.47 61.24
N ARG A 348 65.31 -36.54 61.25
CA ARG A 348 66.38 -36.67 62.24
C ARG A 348 67.67 -36.02 61.78
N LYS A 349 68.00 -36.16 60.49
CA LYS A 349 69.22 -35.54 59.98
C LYS A 349 69.13 -34.03 60.02
N SER A 350 67.97 -33.47 59.67
CA SER A 350 67.75 -32.03 59.69
C SER A 350 67.28 -31.62 61.08
N VAL A 351 68.20 -31.14 61.91
CA VAL A 351 67.87 -30.75 63.27
C VAL A 351 67.51 -29.28 63.39
N HIS A 352 67.89 -28.45 62.43
CA HIS A 352 67.61 -27.03 62.46
C HIS A 352 66.29 -26.68 61.79
N ASN A 353 65.57 -27.67 61.27
CA ASN A 353 64.30 -27.46 60.58
C ASN A 353 63.24 -28.27 61.31
N GLY A 354 62.58 -27.62 62.27
CA GLY A 354 61.53 -28.28 63.04
C GLY A 354 60.30 -28.64 62.23
N PHE A 355 60.18 -28.12 61.02
CA PHE A 355 59.07 -28.47 60.13
C PHE A 355 59.30 -29.78 59.39
N ALA A 356 60.50 -30.34 59.46
CA ALA A 356 60.78 -31.56 58.70
C ALA A 356 60.01 -32.75 59.22
N LYS A 357 59.74 -32.80 60.54
CA LYS A 357 59.02 -33.92 61.11
C LYS A 357 57.60 -34.02 60.55
N GLU A 358 56.87 -32.90 60.58
CA GLU A 358 55.50 -32.91 60.05
C GLU A 358 55.51 -33.10 58.54
N PHE A 359 56.53 -32.56 57.87
CA PHE A 359 56.67 -32.80 56.43
C PHE A 359 56.76 -34.30 56.14
N TRP A 360 57.61 -35.00 56.90
CA TRP A 360 57.72 -36.44 56.73
C TRP A 360 56.42 -37.14 57.07
N GLU A 361 55.76 -36.73 58.16
CA GLU A 361 54.54 -37.38 58.62
C GLU A 361 53.37 -37.17 57.69
N GLU A 362 53.37 -36.12 56.88
CA GLU A 362 52.28 -35.90 55.92
C GLU A 362 52.65 -36.42 54.54
N THR A 363 53.96 -36.51 54.25
CA THR A 363 54.39 -37.01 52.95
C THR A 363 54.10 -38.50 52.81
N PHE A 364 54.46 -39.29 53.82
CA PHE A 364 54.30 -40.73 53.76
C PHE A 364 53.16 -41.24 54.62
N ASN A 365 52.36 -40.35 55.21
CA ASN A 365 51.25 -40.73 56.09
C ASN A 365 51.75 -41.66 57.19
N CYS A 366 52.76 -41.19 57.90
CA CYS A 366 53.48 -41.95 58.92
C CYS A 366 53.60 -41.11 60.18
N HIS A 367 54.00 -41.74 61.27
CA HIS A 367 54.12 -41.11 62.58
C HIS A 367 55.48 -41.43 63.17
N LEU A 368 56.15 -40.41 63.70
CA LEU A 368 57.46 -40.61 64.31
C LEU A 368 57.48 -40.09 65.75
N ARG A 400 48.10 -44.56 62.66
CA ARG A 400 49.10 -44.13 61.70
C ARG A 400 50.39 -44.94 61.86
N PRO A 401 50.88 -45.51 60.75
CA PRO A 401 52.08 -46.36 60.82
C PRO A 401 53.30 -45.55 61.25
N LEU A 402 54.27 -46.28 61.81
CA LEU A 402 55.51 -45.67 62.27
C LEU A 402 56.38 -45.22 61.10
N CYS A 403 57.14 -44.16 61.32
CA CYS A 403 58.04 -43.60 60.33
C CYS A 403 59.36 -44.35 60.44
N THR A 404 59.62 -45.24 59.47
CA THR A 404 60.87 -46.00 59.50
C THR A 404 62.08 -45.08 59.34
N GLY A 405 61.89 -43.92 58.71
CA GLY A 405 62.98 -42.99 58.49
C GLY A 405 63.80 -43.26 57.25
N ASP A 406 63.55 -44.36 56.56
CA ASP A 406 64.26 -44.70 55.33
C ASP A 406 63.43 -44.45 54.09
N GLU A 407 62.29 -43.78 54.22
CA GLU A 407 61.41 -43.55 53.09
C GLU A 407 62.05 -42.58 52.10
N ASN A 408 61.67 -42.73 50.83
CA ASN A 408 62.26 -41.98 49.74
C ASN A 408 61.33 -40.82 49.36
N ILE A 409 61.89 -39.61 49.30
CA ILE A 409 61.11 -38.45 48.89
C ILE A 409 60.62 -38.57 47.46
N SER A 410 61.34 -39.30 46.61
CA SER A 410 60.99 -39.45 45.21
C SER A 410 59.94 -40.52 44.99
N SER A 411 59.18 -40.87 46.03
CA SER A 411 58.13 -41.87 45.94
C SER A 411 56.73 -41.31 46.03
N VAL A 412 56.54 -40.19 46.73
CA VAL A 412 55.22 -39.58 46.92
C VAL A 412 55.16 -38.30 46.11
N GLU A 413 54.09 -38.14 45.33
CA GLU A 413 53.92 -36.97 44.49
C GLU A 413 53.31 -35.86 45.33
N THR A 414 54.10 -34.83 45.59
CA THR A 414 53.70 -33.65 46.36
C THR A 414 54.24 -32.42 45.66
N PRO A 415 53.66 -31.25 45.92
CA PRO A 415 54.23 -30.01 45.38
C PRO A 415 55.62 -29.69 45.91
N TYR A 416 56.12 -30.44 46.89
CA TYR A 416 57.47 -30.23 47.40
C TYR A 416 58.50 -30.53 46.34
N ILE A 417 58.31 -31.61 45.59
CA ILE A 417 59.24 -32.01 44.54
C ILE A 417 58.65 -31.88 43.14
N ASP A 418 57.37 -32.22 42.95
CA ASP A 418 56.76 -32.20 41.63
C ASP A 418 56.46 -30.76 41.21
N TYR A 419 57.53 -30.01 41.00
CA TYR A 419 57.45 -28.64 40.50
C TYR A 419 58.12 -28.56 39.14
N THR A 420 57.56 -27.72 38.27
CA THR A 420 58.15 -27.50 36.95
C THR A 420 59.01 -26.25 36.89
N HIS A 421 58.66 -25.22 37.64
CA HIS A 421 59.40 -23.97 37.64
C HIS A 421 59.52 -23.44 39.06
N LEU A 422 60.58 -22.67 39.30
CA LEU A 422 60.79 -22.01 40.58
C LEU A 422 60.48 -20.54 40.41
N ARG A 423 59.31 -20.11 40.90
CA ARG A 423 58.88 -18.72 40.75
C ARG A 423 58.83 -18.01 42.10
N ILE A 424 58.05 -18.51 43.06
CA ILE A 424 58.08 -17.92 44.39
C ILE A 424 59.30 -18.40 45.17
N SER A 425 59.75 -19.62 44.88
CA SER A 425 60.99 -20.10 45.48
C SER A 425 62.17 -19.23 45.06
N TYR A 426 62.21 -18.85 43.78
CA TYR A 426 63.22 -17.90 43.33
C TYR A 426 63.02 -16.54 43.98
N ASN A 427 61.78 -16.17 44.31
CA ASN A 427 61.54 -14.93 45.02
C ASN A 427 62.14 -14.96 46.42
N VAL A 428 61.99 -16.09 47.12
CA VAL A 428 62.60 -16.23 48.45
C VAL A 428 64.13 -16.21 48.33
N TYR A 429 64.66 -16.90 47.33
CA TYR A 429 66.09 -16.88 47.06
C TYR A 429 66.57 -15.45 46.86
N LEU A 430 65.87 -14.67 46.03
CA LEU A 430 66.24 -13.28 45.78
C LEU A 430 66.11 -12.43 47.03
N ALA A 431 65.11 -12.69 47.88
CA ALA A 431 64.98 -11.93 49.11
C ALA A 431 66.18 -12.15 50.01
N VAL A 432 66.56 -13.42 50.19
CA VAL A 432 67.71 -13.74 51.04
C VAL A 432 68.98 -13.13 50.47
N TYR A 433 69.17 -13.23 49.15
CA TYR A 433 70.38 -12.68 48.55
C TYR A 433 70.38 -11.16 48.55
N SER A 434 69.21 -10.53 48.49
CA SER A 434 69.16 -9.08 48.61
C SER A 434 69.59 -8.64 50.00
N ILE A 435 69.11 -9.34 51.03
CA ILE A 435 69.57 -9.05 52.40
C ILE A 435 71.07 -9.27 52.51
N ALA A 436 71.56 -10.38 51.94
CA ALA A 436 72.97 -10.71 52.05
C ALA A 436 73.85 -9.69 51.32
N HIS A 437 73.40 -9.20 50.16
CA HIS A 437 74.19 -8.22 49.43
C HIS A 437 74.13 -6.85 50.08
N ALA A 438 73.01 -6.53 50.75
CA ALA A 438 72.99 -5.33 51.58
C ALA A 438 74.02 -5.43 52.70
N LEU A 439 74.10 -6.61 53.34
CA LEU A 439 75.12 -6.80 54.38
C LEU A 439 76.53 -6.75 53.80
N GLN A 440 76.72 -7.26 52.59
CA GLN A 440 78.01 -7.19 51.93
C GLN A 440 78.42 -5.74 51.65
N ASP A 441 77.47 -4.93 51.17
CA ASP A 441 77.74 -3.51 50.98
C ASP A 441 78.05 -2.83 52.30
N ILE A 442 77.39 -3.24 53.38
CA ILE A 442 77.76 -2.75 54.70
C ILE A 442 79.19 -3.13 55.05
N TYR A 443 79.59 -4.37 54.71
CA TYR A 443 80.92 -4.85 55.05
C TYR A 443 81.99 -4.25 54.14
N THR A 444 81.86 -4.46 52.83
CA THR A 444 82.83 -3.93 51.86
C THR A 444 82.44 -2.51 51.47
N CYS A 445 82.73 -1.57 52.36
CA CYS A 445 82.47 -0.16 52.12
C CYS A 445 83.67 0.66 52.54
N LEU A 446 84.11 1.57 51.67
CA LEU A 446 85.22 2.43 52.01
C LEU A 446 84.81 3.42 53.10
N PRO A 447 85.72 3.73 54.03
CA PRO A 447 85.36 4.54 55.20
C PRO A 447 84.63 5.83 54.88
N GLY A 448 84.99 6.54 53.82
CA GLY A 448 84.40 7.82 53.54
C GLY A 448 83.29 7.81 52.50
N ARG A 449 82.77 6.63 52.18
CA ARG A 449 81.76 6.48 51.14
C ARG A 449 80.52 5.75 51.63
N GLY A 450 80.26 5.76 52.94
CA GLY A 450 79.10 5.08 53.46
C GLY A 450 77.81 5.84 53.19
N LEU A 451 76.70 5.12 53.25
CA LEU A 451 75.38 5.72 53.05
C LEU A 451 74.80 6.29 54.32
N PHE A 452 75.57 7.11 55.05
CA PHE A 452 75.14 7.63 56.35
C PHE A 452 75.70 9.04 56.52
N THR A 453 75.56 9.58 57.73
CA THR A 453 75.95 10.95 58.00
C THR A 453 77.43 11.15 57.76
N ASN A 454 77.77 12.22 57.05
CA ASN A 454 79.15 12.56 56.70
C ASN A 454 79.84 11.41 55.98
N GLY A 455 79.07 10.60 55.25
CA GLY A 455 79.64 9.46 54.56
C GLY A 455 80.14 8.37 55.48
N SER A 456 79.70 8.36 56.74
CA SER A 456 80.15 7.35 57.69
C SER A 456 79.59 5.99 57.30
N CYS A 457 80.21 4.94 57.82
CA CYS A 457 79.89 3.57 57.45
C CYS A 457 79.32 2.82 58.64
N ALA A 458 78.46 1.86 58.33
CA ALA A 458 77.96 0.95 59.36
C ALA A 458 79.04 -0.05 59.75
N ASP A 459 78.93 -0.56 60.97
CA ASP A 459 79.85 -1.57 61.48
C ASP A 459 79.18 -2.93 61.33
N ILE A 460 79.78 -3.79 60.51
CA ILE A 460 79.19 -5.10 60.26
C ILE A 460 79.19 -5.98 61.50
N LYS A 461 80.07 -5.69 62.47
CA LYS A 461 80.07 -6.44 63.71
C LYS A 461 78.89 -6.04 64.60
N LYS A 462 78.45 -4.79 64.51
CA LYS A 462 77.35 -4.27 65.32
C LYS A 462 76.32 -3.60 64.41
N VAL A 463 75.95 -4.29 63.34
CA VAL A 463 75.02 -3.75 62.35
C VAL A 463 73.63 -3.68 62.95
N GLU A 464 72.87 -2.66 62.54
CA GLU A 464 71.50 -2.47 62.98
C GLU A 464 70.55 -2.66 61.80
N ALA A 465 69.27 -2.87 62.13
CA ALA A 465 68.27 -3.16 61.12
C ALA A 465 68.06 -1.97 60.17
N TRP A 466 68.04 -0.75 60.71
CA TRP A 466 67.79 0.41 59.87
C TRP A 466 68.94 0.65 58.89
N GLN A 467 70.17 0.30 59.27
CA GLN A 467 71.28 0.39 58.34
C GLN A 467 71.12 -0.59 57.18
N VAL A 468 70.66 -1.81 57.48
CA VAL A 468 70.39 -2.77 56.44
C VAL A 468 69.26 -2.27 55.54
N LEU A 469 68.27 -1.62 56.13
CA LEU A 469 67.20 -1.01 55.32
C LEU A 469 67.75 0.07 54.40
N LYS A 470 68.65 0.91 54.92
CA LYS A 470 69.24 1.96 54.12
C LYS A 470 70.04 1.38 52.95
N HIS A 471 70.80 0.33 53.20
CA HIS A 471 71.57 -0.29 52.12
C HIS A 471 70.66 -1.07 51.17
N LEU A 472 69.51 -1.54 51.64
CA LEU A 472 68.58 -2.23 50.77
C LEU A 472 67.86 -1.26 49.85
N ARG A 473 67.55 -0.07 50.33
CA ARG A 473 66.94 0.94 49.45
C ARG A 473 67.87 1.29 48.30
N HIS A 474 69.16 1.49 48.60
CA HIS A 474 70.17 1.71 47.57
C HIS A 474 70.92 0.40 47.30
N LEU A 475 70.18 -0.58 46.80
CA LEU A 475 70.72 -1.89 46.49
C LEU A 475 70.68 -2.13 44.99
N ASN A 476 71.77 -2.69 44.47
CA ASN A 476 71.92 -2.97 43.04
C ASN A 476 72.90 -4.14 42.93
N PHE A 477 72.35 -5.35 42.77
CA PHE A 477 73.22 -6.52 42.69
C PHE A 477 72.82 -7.39 41.50
N THR A 478 73.61 -8.44 41.27
CA THR A 478 73.46 -9.29 40.10
C THR A 478 72.98 -10.66 40.51
N ASN A 479 72.06 -11.22 39.74
CA ASN A 479 71.57 -12.57 40.02
C ASN A 479 72.53 -13.62 39.50
N ASN A 480 72.27 -14.86 39.91
CA ASN A 480 72.92 -16.01 39.29
C ASN A 480 72.50 -16.17 37.83
N MET A 481 71.38 -15.57 37.44
CA MET A 481 70.92 -15.53 36.07
C MET A 481 71.49 -14.33 35.30
N GLY A 482 72.31 -13.51 35.95
CA GLY A 482 72.84 -12.33 35.30
C GLY A 482 71.86 -11.19 35.17
N GLU A 483 70.80 -11.18 35.96
CA GLU A 483 69.77 -10.15 35.90
C GLU A 483 69.99 -9.16 37.04
N GLN A 484 69.98 -7.88 36.71
CA GLN A 484 70.14 -6.84 37.71
C GLN A 484 68.92 -6.79 38.62
N VAL A 485 69.16 -6.71 39.93
CA VAL A 485 68.11 -6.61 40.92
C VAL A 485 68.34 -5.36 41.74
N THR A 486 67.34 -4.47 41.70
CA THR A 486 67.28 -3.24 42.50
C THR A 486 65.84 -3.06 42.96
N PHE A 487 65.65 -2.21 43.95
CA PHE A 487 64.33 -1.82 44.43
C PHE A 487 64.14 -0.33 44.23
N ASP A 488 63.03 0.05 43.60
CA ASP A 488 62.80 1.45 43.30
C ASP A 488 62.37 2.21 44.55
N GLU A 489 61.97 3.47 44.33
CA GLU A 489 61.62 4.35 45.45
C GLU A 489 60.43 3.82 46.24
N CYS A 490 59.60 2.99 45.62
CA CYS A 490 58.46 2.39 46.29
C CYS A 490 58.78 1.02 46.90
N GLY A 491 60.05 0.63 46.90
CA GLY A 491 60.44 -0.65 47.45
C GLY A 491 59.88 -1.83 46.69
N ASP A 492 59.83 -1.74 45.37
CA ASP A 492 59.18 -2.72 44.53
C ASP A 492 60.18 -3.29 43.54
N LEU A 493 59.80 -4.41 42.94
CA LEU A 493 60.57 -5.03 41.88
C LEU A 493 59.68 -5.18 40.66
N VAL A 494 60.24 -4.93 39.48
CA VAL A 494 59.49 -5.01 38.23
C VAL A 494 59.85 -6.32 37.54
N GLY A 495 58.85 -7.01 37.03
CA GLY A 495 59.07 -8.31 36.41
C GLY A 495 58.02 -8.64 35.38
N ASN A 496 58.41 -9.44 34.41
CA ASN A 496 57.55 -9.90 33.33
C ASN A 496 56.46 -10.83 33.88
N TYR A 497 55.58 -11.26 32.98
CA TYR A 497 54.61 -12.31 33.28
C TYR A 497 54.57 -13.33 32.16
N SER A 498 54.23 -14.56 32.51
CA SER A 498 54.01 -15.63 31.54
C SER A 498 52.56 -16.05 31.64
N ILE A 499 51.87 -16.06 30.51
CA ILE A 499 50.46 -16.42 30.47
C ILE A 499 50.32 -17.89 30.17
N ILE A 500 49.69 -18.62 31.08
CA ILE A 500 49.57 -20.07 31.03
C ILE A 500 48.12 -20.45 30.83
N ASN A 501 47.90 -21.63 30.27
CA ASN A 501 46.56 -22.16 30.05
C ASN A 501 46.48 -23.56 30.66
N TRP A 502 45.42 -23.81 31.41
CA TRP A 502 45.26 -25.06 32.13
C TRP A 502 44.85 -26.16 31.16
N HIS A 503 45.77 -27.05 30.87
CA HIS A 503 45.53 -28.16 29.95
C HIS A 503 45.46 -29.47 30.71
N LEU A 504 44.57 -30.35 30.25
CA LEU A 504 44.52 -31.69 30.80
C LEU A 504 45.65 -32.53 30.24
N SER A 505 46.32 -33.28 31.10
CA SER A 505 47.43 -34.12 30.68
C SER A 505 46.93 -35.31 29.89
N PRO A 506 47.54 -35.62 28.75
CA PRO A 506 47.20 -36.88 28.06
C PRO A 506 47.73 -38.10 28.77
N GLU A 507 48.99 -38.06 29.22
CA GLU A 507 49.61 -39.22 29.86
C GLU A 507 49.02 -39.47 31.24
N ASP A 508 48.81 -38.40 32.01
CA ASP A 508 48.31 -38.53 33.38
C ASP A 508 47.03 -37.73 33.52
N GLY A 509 46.54 -37.57 34.75
CA GLY A 509 45.31 -36.82 34.97
C GLY A 509 45.54 -35.40 35.46
N SER A 510 46.80 -35.03 35.66
CA SER A 510 47.12 -33.74 36.27
C SER A 510 46.79 -32.59 35.34
N ILE A 511 46.74 -31.39 35.92
CA ILE A 511 46.43 -30.17 35.18
C ILE A 511 47.77 -29.58 34.73
N VAL A 512 48.05 -29.70 33.43
CA VAL A 512 49.30 -29.17 32.89
C VAL A 512 49.14 -27.67 32.63
N PHE A 513 50.05 -26.88 33.19
CA PHE A 513 50.06 -25.43 32.97
C PHE A 513 50.92 -25.17 31.74
N LYS A 514 50.27 -24.95 30.60
CA LYS A 514 50.98 -24.77 29.34
C LYS A 514 51.17 -23.29 29.06
N GLU A 515 52.42 -22.89 28.88
CA GLU A 515 52.75 -21.49 28.59
C GLU A 515 52.27 -21.12 27.20
N VAL A 516 51.32 -20.18 27.13
CA VAL A 516 50.71 -19.83 25.85
C VAL A 516 50.95 -18.36 25.50
N GLY A 517 51.64 -17.63 26.36
CA GLY A 517 51.96 -16.26 26.03
C GLY A 517 52.81 -15.60 27.10
N TYR A 518 53.00 -14.30 26.93
CA TYR A 518 53.74 -13.51 27.90
C TYR A 518 53.21 -12.09 27.95
N TYR A 519 53.56 -11.39 29.02
CA TYR A 519 53.25 -9.98 29.21
C TYR A 519 54.53 -9.25 29.55
N ASN A 520 54.88 -8.26 28.72
CA ASN A 520 56.14 -7.53 28.80
C ASN A 520 55.89 -6.22 29.53
N VAL A 521 56.19 -6.19 30.84
CA VAL A 521 55.98 -4.98 31.62
C VAL A 521 56.87 -3.84 31.15
N TYR A 522 57.99 -4.15 30.49
CA TYR A 522 58.89 -3.12 30.01
C TYR A 522 58.40 -2.48 28.72
N ALA A 523 57.60 -3.20 27.93
CA ALA A 523 57.09 -2.66 26.69
C ALA A 523 56.02 -1.59 26.98
N LYS A 524 55.74 -0.79 25.96
CA LYS A 524 54.75 0.27 26.09
C LYS A 524 53.34 -0.32 26.01
N LYS A 525 52.36 0.49 26.42
CA LYS A 525 50.98 0.05 26.45
C LYS A 525 50.50 -0.34 25.06
N GLY A 526 49.81 -1.47 24.97
CA GLY A 526 49.33 -1.99 23.71
C GLY A 526 50.30 -2.91 23.00
N GLU A 527 51.56 -2.98 23.45
CA GLU A 527 52.53 -3.90 22.90
C GLU A 527 53.06 -4.86 23.96
N ARG A 528 52.54 -4.80 25.18
CA ARG A 528 53.00 -5.65 26.26
C ARG A 528 52.53 -7.08 26.15
N LEU A 529 51.33 -7.29 25.61
CA LEU A 529 50.72 -8.60 25.55
C LEU A 529 51.20 -9.38 24.33
N PHE A 530 51.41 -10.68 24.51
CA PHE A 530 51.64 -11.58 23.39
C PHE A 530 50.97 -12.90 23.73
N ILE A 531 50.07 -13.36 22.86
CA ILE A 531 49.33 -14.60 23.08
C ILE A 531 49.36 -15.43 21.80
N ASN A 532 49.44 -16.74 21.97
CA ASN A 532 49.31 -17.71 20.87
C ASN A 532 47.98 -18.42 21.06
N GLU A 533 46.97 -17.99 20.29
CA GLU A 533 45.63 -18.56 20.44
C GLU A 533 45.61 -20.03 20.04
N GLU A 534 46.50 -20.44 19.13
CA GLU A 534 46.56 -21.84 18.73
C GLU A 534 46.97 -22.75 19.88
N LYS A 535 47.63 -22.20 20.90
CA LYS A 535 48.06 -22.96 22.07
C LYS A 535 47.03 -22.97 23.19
N ILE A 536 45.92 -22.25 23.03
CA ILE A 536 44.90 -22.16 24.05
C ILE A 536 43.81 -23.16 23.74
N LEU A 537 43.50 -24.02 24.70
CA LEU A 537 42.33 -24.91 24.62
C LEU A 537 41.26 -24.31 25.53
N TRP A 538 40.27 -23.66 24.94
CA TRP A 538 39.22 -23.02 25.72
C TRP A 538 38.38 -24.08 26.41
N SER A 539 38.17 -23.89 27.71
CA SER A 539 37.49 -24.86 28.58
C SER A 539 38.26 -26.17 28.61
N GLY A 540 39.46 -26.18 28.06
CA GLY A 540 40.30 -27.36 28.07
C GLY A 540 40.14 -28.30 26.89
N PHE A 541 39.16 -28.05 26.02
CA PHE A 541 38.93 -28.95 24.90
C PHE A 541 38.68 -28.21 23.59
N SER A 542 38.25 -26.95 23.69
CA SER A 542 37.76 -26.22 22.52
C SER A 542 38.84 -25.32 21.95
N ARG A 543 38.89 -25.26 20.61
CA ARG A 543 39.81 -24.39 19.90
C ARG A 543 39.13 -23.13 19.37
N GLU A 544 37.84 -22.95 19.66
CA GLU A 544 37.09 -21.78 19.23
C GLU A 544 37.04 -20.78 20.37
N VAL A 545 37.46 -19.55 20.11
CA VAL A 545 37.45 -18.48 21.10
C VAL A 545 36.00 -18.23 21.51
N PRO A 546 35.67 -18.28 22.79
CA PRO A 546 34.27 -18.18 23.21
C PRO A 546 33.72 -16.77 23.03
N PHE A 547 32.40 -16.70 23.03
CA PHE A 547 31.67 -15.44 22.90
C PHE A 547 31.26 -14.99 24.29
N SER A 548 31.73 -13.81 24.68
CA SER A 548 31.44 -13.25 26.01
C SER A 548 31.07 -11.78 25.85
N ASN A 549 30.12 -11.51 24.95
CA ASN A 549 29.52 -10.19 24.80
C ASN A 549 28.08 -10.26 25.26
N CYS A 550 27.59 -9.15 25.81
CA CYS A 550 26.23 -9.11 26.34
C CYS A 550 25.21 -9.29 25.21
N SER A 551 25.42 -8.59 24.11
CA SER A 551 24.51 -8.60 22.98
C SER A 551 25.27 -8.95 21.71
N ARG A 552 24.57 -9.60 20.78
CA ARG A 552 25.17 -9.93 19.50
C ARG A 552 25.38 -8.66 18.67
N ASP A 553 26.33 -8.74 17.73
CA ASP A 553 26.68 -7.59 16.92
C ASP A 553 25.49 -7.15 16.07
N CYS A 554 25.25 -5.84 16.03
CA CYS A 554 24.28 -5.27 15.10
C CYS A 554 24.88 -5.27 13.71
N LEU A 555 24.14 -5.80 12.74
CA LEU A 555 24.66 -5.99 11.39
C LEU A 555 24.48 -4.72 10.57
N ALA A 556 24.92 -4.79 9.31
CA ALA A 556 24.80 -3.65 8.42
C ALA A 556 23.34 -3.31 8.16
N GLY A 557 23.05 -2.02 8.10
CA GLY A 557 21.69 -1.55 7.97
C GLY A 557 20.92 -1.52 9.27
N THR A 558 21.55 -1.92 10.36
CA THR A 558 20.91 -1.99 11.67
C THR A 558 21.76 -1.22 12.68
N ARG A 559 21.10 -0.48 13.55
CA ARG A 559 21.76 0.36 14.54
C ARG A 559 21.46 -0.13 15.94
N LYS A 560 22.24 0.40 16.90
CA LYS A 560 22.07 0.08 18.31
C LYS A 560 20.95 0.90 18.93
N GLY A 561 20.24 0.27 19.86
CA GLY A 561 19.25 0.97 20.66
C GLY A 561 19.47 0.65 22.13
N ILE A 562 19.19 1.63 22.97
CA ILE A 562 19.45 1.52 24.41
C ILE A 562 18.47 0.52 25.00
N ILE A 563 18.99 -0.52 25.65
CA ILE A 563 18.19 -1.37 26.51
C ILE A 563 18.18 -0.73 27.89
N GLU A 564 17.00 -0.29 28.34
CA GLU A 564 16.92 0.52 29.54
C GLU A 564 17.40 -0.28 30.76
N GLY A 565 18.21 0.38 31.59
CA GLY A 565 18.77 -0.26 32.77
C GLY A 565 20.06 -0.98 32.49
N GLU A 566 20.12 -1.71 31.38
CA GLU A 566 21.31 -2.46 31.03
C GLU A 566 22.44 -1.51 30.63
N PRO A 567 23.70 -1.93 30.81
CA PRO A 567 24.83 -1.06 30.44
C PRO A 567 24.96 -0.86 28.93
N THR A 568 25.97 -0.09 28.52
CA THR A 568 26.12 0.24 27.10
C THR A 568 26.37 -1.00 26.26
N CYS A 569 27.15 -1.95 26.77
CA CYS A 569 27.47 -3.16 26.02
C CYS A 569 26.25 -4.01 25.74
N CYS A 570 25.15 -3.78 26.45
CA CYS A 570 23.89 -4.48 26.23
C CYS A 570 22.99 -3.57 25.42
N PHE A 571 22.94 -3.82 24.11
CA PHE A 571 22.19 -3.00 23.17
C PHE A 571 21.29 -3.86 22.30
N GLU A 572 20.15 -3.29 21.94
CA GLU A 572 19.26 -3.95 20.99
C GLU A 572 19.64 -3.54 19.57
N CYS A 573 19.24 -4.36 18.60
CA CYS A 573 19.45 -4.06 17.19
C CYS A 573 18.13 -3.70 16.53
N VAL A 574 18.08 -2.52 15.91
CA VAL A 574 16.87 -2.03 15.26
C VAL A 574 17.23 -1.52 13.88
N GLU A 575 16.40 -1.85 12.88
CA GLU A 575 16.67 -1.45 11.51
C GLU A 575 16.57 0.06 11.36
N CYS A 576 17.33 0.57 10.39
CA CYS A 576 17.30 1.98 10.05
C CYS A 576 16.01 2.33 9.31
N PRO A 577 15.55 3.57 9.40
CA PRO A 577 14.40 3.99 8.60
C PRO A 577 14.80 4.31 7.17
N ASP A 578 13.77 4.39 6.32
CA ASP A 578 14.00 4.60 4.89
C ASP A 578 14.71 5.92 4.65
N GLY A 579 15.68 5.91 3.73
CA GLY A 579 16.51 7.05 3.47
C GLY A 579 17.78 7.12 4.29
N GLU A 580 17.92 6.24 5.28
CA GLU A 580 19.12 6.16 6.10
C GLU A 580 19.70 4.76 6.02
N TYR A 581 21.00 4.65 6.29
CA TYR A 581 21.68 3.38 6.13
C TYR A 581 22.78 3.26 7.17
N SER A 582 23.21 2.02 7.41
CA SER A 582 24.35 1.70 8.27
C SER A 582 25.21 0.69 7.53
N ASP A 583 26.32 1.16 6.95
CA ASP A 583 27.18 0.27 6.16
C ASP A 583 27.99 -0.65 7.06
N GLU A 584 28.53 -0.13 8.15
CA GLU A 584 29.40 -0.89 9.02
C GLU A 584 28.60 -1.48 10.20
N THR A 585 29.13 -2.57 10.75
CA THR A 585 28.49 -3.31 11.83
C THR A 585 28.77 -2.64 13.17
N ASP A 586 27.81 -2.80 14.09
CA ASP A 586 27.84 -2.16 15.40
C ASP A 586 27.88 -0.64 15.26
N ALA A 587 26.81 -0.10 14.67
CA ALA A 587 26.67 1.34 14.47
C ALA A 587 25.72 1.91 15.52
N SER A 588 26.14 3.01 16.14
CA SER A 588 25.33 3.68 17.14
C SER A 588 24.25 4.58 16.53
N ALA A 589 24.34 4.88 15.24
CA ALA A 589 23.33 5.69 14.58
C ALA A 589 23.37 5.41 13.09
N CYS A 590 22.26 5.71 12.42
CA CYS A 590 22.14 5.54 10.98
C CYS A 590 22.55 6.82 10.27
N ASN A 591 22.99 6.67 9.03
CA ASN A 591 23.48 7.77 8.22
C ASN A 591 22.48 8.06 7.11
N LYS A 592 22.02 9.30 7.02
CA LYS A 592 21.15 9.70 5.93
C LYS A 592 21.91 9.67 4.60
N CYS A 593 21.25 9.16 3.57
CA CYS A 593 21.86 9.18 2.24
C CYS A 593 22.04 10.63 1.78
N PRO A 594 23.12 10.93 1.08
CA PRO A 594 23.33 12.30 0.61
C PRO A 594 22.30 12.69 -0.44
N ASP A 595 22.43 13.92 -0.93
CA ASP A 595 21.52 14.41 -1.94
C ASP A 595 21.58 13.54 -3.19
N ASP A 596 20.43 13.37 -3.84
CA ASP A 596 20.23 12.54 -5.02
C ASP A 596 20.40 11.06 -4.73
N PHE A 597 20.36 10.65 -3.46
CA PHE A 597 20.62 9.27 -3.08
C PHE A 597 19.57 8.80 -2.08
N TRP A 598 19.22 7.52 -2.14
CA TRP A 598 18.23 6.93 -1.27
C TRP A 598 18.71 5.55 -0.83
N SER A 599 18.24 5.11 0.33
CA SER A 599 18.68 3.82 0.86
C SER A 599 18.27 2.68 -0.05
N ASN A 600 19.02 1.58 0.02
CA ASN A 600 18.71 0.41 -0.78
C ASN A 600 17.66 -0.45 -0.09
N GLU A 601 17.46 -1.66 -0.62
CA GLU A 601 16.37 -2.52 -0.14
C GLU A 601 16.64 -3.11 1.23
N ASN A 602 17.89 -3.10 1.69
CA ASN A 602 18.23 -3.65 3.00
C ASN A 602 18.90 -2.62 3.91
N HIS A 603 18.86 -1.34 3.54
CA HIS A 603 19.48 -0.26 4.30
C HIS A 603 20.99 -0.45 4.47
N THR A 604 21.60 -1.29 3.64
CA THR A 604 23.03 -1.57 3.72
C THR A 604 23.88 -0.47 3.11
N SER A 605 23.38 0.24 2.11
CA SER A 605 24.12 1.30 1.44
C SER A 605 23.12 2.21 0.76
N CYS A 606 23.63 3.22 0.05
CA CYS A 606 22.82 4.19 -0.65
C CYS A 606 22.99 4.03 -2.16
N ILE A 607 21.88 4.07 -2.87
CA ILE A 607 21.85 3.97 -4.32
C ILE A 607 21.20 5.22 -4.89
N ALA A 608 21.55 5.57 -6.11
CA ALA A 608 21.04 6.78 -6.73
C ALA A 608 19.53 6.70 -6.91
N LYS A 609 18.86 7.82 -6.70
CA LYS A 609 17.43 7.90 -6.96
C LYS A 609 17.16 7.78 -8.45
N GLU A 610 16.04 7.14 -8.79
CA GLU A 610 15.66 6.98 -10.18
C GLU A 610 15.26 8.34 -10.75
N ILE A 611 15.83 8.69 -11.88
CA ILE A 611 15.55 9.96 -12.54
C ILE A 611 14.38 9.76 -13.49
N GLU A 612 13.24 10.35 -13.17
CA GLU A 612 12.03 10.15 -13.94
C GLU A 612 11.73 11.35 -14.83
N PHE A 613 11.18 11.05 -16.00
CA PHE A 613 10.86 11.97 -17.07
C PHE A 613 10.20 11.16 -18.18
N LEU A 614 9.64 11.86 -19.16
CA LEU A 614 9.06 11.18 -20.31
C LEU A 614 10.19 10.68 -21.20
N SER A 615 10.36 9.36 -21.26
CA SER A 615 11.50 8.78 -21.95
C SER A 615 11.20 8.51 -23.42
N TRP A 616 12.26 8.53 -24.24
CA TRP A 616 12.12 8.15 -25.63
C TRP A 616 11.83 6.67 -25.81
N THR A 617 12.44 5.82 -24.98
CA THR A 617 12.28 4.37 -25.10
C THR A 617 11.11 3.83 -24.30
N GLU A 618 10.45 4.67 -23.50
CA GLU A 618 9.24 4.24 -22.82
C GLU A 618 8.12 3.99 -23.83
N PRO A 619 7.33 2.93 -23.64
CA PRO A 619 6.30 2.61 -24.63
C PRO A 619 5.32 3.73 -24.89
N PHE A 620 4.99 4.52 -23.87
CA PHE A 620 4.18 5.71 -24.08
C PHE A 620 4.91 6.69 -24.99
N GLY A 621 6.18 6.95 -24.70
CA GLY A 621 6.97 7.81 -25.56
C GLY A 621 7.18 7.22 -26.94
N ILE A 622 7.27 5.89 -27.02
CA ILE A 622 7.38 5.23 -28.33
C ILE A 622 6.14 5.51 -29.16
N ALA A 623 4.95 5.36 -28.56
CA ALA A 623 3.71 5.60 -29.30
C ALA A 623 3.60 7.05 -29.72
N LEU A 624 3.95 7.98 -28.82
CA LEU A 624 3.88 9.40 -29.15
C LEU A 624 4.87 9.77 -30.25
N THR A 625 6.08 9.21 -30.21
CA THR A 625 7.05 9.45 -31.27
C THR A 625 6.56 8.89 -32.60
N LEU A 626 5.95 7.70 -32.57
CA LEU A 626 5.39 7.13 -33.78
C LEU A 626 4.31 8.03 -34.37
N PHE A 627 3.44 8.56 -33.51
CA PHE A 627 2.37 9.43 -34.01
C PHE A 627 2.92 10.74 -34.56
N ALA A 628 3.92 11.33 -33.91
CA ALA A 628 4.52 12.54 -34.44
C ALA A 628 5.21 12.28 -35.78
N VAL A 629 5.89 11.14 -35.89
CA VAL A 629 6.53 10.78 -37.16
C VAL A 629 5.49 10.59 -38.25
N LEU A 630 4.37 9.96 -37.91
CA LEU A 630 3.30 9.76 -38.87
C LEU A 630 2.70 11.09 -39.31
N GLY A 631 2.56 12.03 -38.38
CA GLY A 631 2.06 13.35 -38.75
C GLY A 631 3.00 14.09 -39.68
N ILE A 632 4.32 14.02 -39.38
CA ILE A 632 5.30 14.63 -40.29
C ILE A 632 5.24 13.97 -41.65
N PHE A 633 5.10 12.65 -41.69
CA PHE A 633 5.02 11.94 -42.96
C PHE A 633 3.79 12.37 -43.76
N LEU A 634 2.65 12.49 -43.09
CA LEU A 634 1.43 12.93 -43.78
C LEU A 634 1.57 14.35 -44.30
N THR A 635 2.16 15.24 -43.49
CA THR A 635 2.34 16.62 -43.94
C THR A 635 3.28 16.68 -45.15
N ALA A 636 4.35 15.91 -45.12
CA ALA A 636 5.27 15.86 -46.26
C ALA A 636 4.59 15.26 -47.49
N PHE A 637 3.72 14.27 -47.29
CA PHE A 637 2.97 13.70 -48.40
C PHE A 637 2.05 14.73 -49.04
N VAL A 638 1.32 15.49 -48.21
CA VAL A 638 0.45 16.53 -48.73
C VAL A 638 1.26 17.59 -49.47
N LEU A 639 2.42 17.95 -48.91
CA LEU A 639 3.30 18.91 -49.58
C LEU A 639 3.77 18.39 -50.93
N GLY A 640 4.11 17.10 -51.01
CA GLY A 640 4.52 16.49 -52.25
C GLY A 640 3.43 16.50 -53.30
N VAL A 641 2.20 16.17 -52.89
CA VAL A 641 1.07 16.22 -53.80
C VAL A 641 0.85 17.64 -54.30
N PHE A 642 0.91 18.61 -53.38
CA PHE A 642 0.74 20.01 -53.75
C PHE A 642 1.85 20.53 -54.65
N ILE A 643 3.06 19.96 -54.55
CA ILE A 643 4.18 20.39 -55.36
C ILE A 643 4.13 19.78 -56.75
N LYS A 644 3.83 18.49 -56.86
CA LYS A 644 3.73 17.89 -58.18
C LYS A 644 2.54 18.44 -58.95
N PHE A 645 1.43 18.74 -58.28
CA PHE A 645 0.24 19.28 -58.89
C PHE A 645 0.12 20.78 -58.64
N ARG A 646 1.25 21.47 -58.56
CA ARG A 646 1.22 22.91 -58.32
C ARG A 646 0.62 23.69 -59.47
N ASN A 647 0.46 23.08 -60.64
CA ASN A 647 -0.13 23.73 -61.79
C ASN A 647 -1.60 23.38 -61.98
N THR A 648 -2.18 22.60 -61.09
CA THR A 648 -3.58 22.23 -61.19
C THR A 648 -4.46 23.32 -60.60
N PRO A 649 -5.71 23.43 -61.08
CA PRO A 649 -6.60 24.50 -60.57
C PRO A 649 -6.85 24.44 -59.08
N ILE A 650 -6.96 23.24 -58.49
CA ILE A 650 -7.26 23.13 -57.06
C ILE A 650 -6.13 23.72 -56.24
N VAL A 651 -4.88 23.37 -56.58
CA VAL A 651 -3.73 23.88 -55.83
C VAL A 651 -3.57 25.38 -56.04
N LYS A 652 -3.86 25.86 -57.25
CA LYS A 652 -3.78 27.29 -57.50
C LYS A 652 -4.83 28.07 -56.72
N ALA A 653 -6.04 27.50 -56.57
CA ALA A 653 -7.12 28.22 -55.91
C ALA A 653 -6.78 28.47 -54.44
N THR A 654 -6.55 27.41 -53.68
CA THR A 654 -6.00 27.55 -52.32
C THR A 654 -4.56 28.00 -52.46
N ASN A 655 -4.32 29.29 -52.21
CA ASN A 655 -3.09 29.97 -52.58
C ASN A 655 -1.87 29.08 -52.32
N ARG A 656 -1.09 28.82 -53.37
CA ARG A 656 0.00 27.85 -53.28
C ARG A 656 1.06 28.29 -52.27
N GLU A 657 1.41 29.57 -52.26
CA GLU A 657 2.40 30.06 -51.31
C GLU A 657 1.89 29.91 -49.88
N LEU A 658 0.62 30.28 -49.66
CA LEU A 658 0.04 30.15 -48.33
C LEU A 658 -0.08 28.69 -47.92
N SER A 659 -0.43 27.80 -48.87
CA SER A 659 -0.50 26.38 -48.56
C SER A 659 0.88 25.83 -48.20
N TYR A 660 1.91 26.25 -48.92
CA TYR A 660 3.27 25.80 -48.62
C TYR A 660 3.71 26.27 -47.23
N LEU A 661 3.45 27.54 -46.92
CA LEU A 661 3.81 28.05 -45.60
C LEU A 661 3.01 27.37 -44.51
N LEU A 662 1.73 27.08 -44.77
CA LEU A 662 0.90 26.37 -43.80
C LEU A 662 1.42 24.96 -43.56
N LEU A 663 1.86 24.27 -44.61
CA LEU A 663 2.41 22.93 -44.43
C LEU A 663 3.74 22.97 -43.70
N PHE A 664 4.55 24.00 -43.95
CA PHE A 664 5.78 24.18 -43.18
C PHE A 664 5.46 24.37 -41.71
N SER A 665 4.46 25.20 -41.41
CA SER A 665 4.08 25.43 -40.02
C SER A 665 3.49 24.17 -39.39
N LEU A 666 2.80 23.36 -40.18
CA LEU A 666 2.26 22.10 -39.66
C LEU A 666 3.38 21.10 -39.35
N LEU A 667 4.39 21.06 -40.21
CA LEU A 667 5.57 20.24 -39.90
C LEU A 667 6.22 20.71 -38.62
N CYS A 668 6.34 22.03 -38.45
CA CYS A 668 6.89 22.56 -37.21
C CYS A 668 6.02 22.20 -36.01
N CYS A 669 4.70 22.24 -36.18
CA CYS A 669 3.78 21.88 -35.09
C CYS A 669 3.97 20.42 -34.68
N PHE A 670 4.05 19.52 -35.65
CA PHE A 670 4.26 18.11 -35.34
C PHE A 670 5.62 17.89 -34.71
N SER A 671 6.65 18.59 -35.18
CA SER A 671 7.99 18.41 -34.64
C SER A 671 8.12 18.98 -33.23
N SER A 672 7.32 20.00 -32.92
CA SER A 672 7.43 20.65 -31.62
C SER A 672 7.03 19.70 -30.49
N SER A 673 6.17 18.73 -30.79
CA SER A 673 5.78 17.76 -29.77
C SER A 673 6.97 16.90 -29.35
N LEU A 674 7.95 16.73 -30.23
CA LEU A 674 9.15 15.97 -29.89
C LEU A 674 10.05 16.70 -28.90
N PHE A 675 9.82 17.99 -28.67
CA PHE A 675 10.54 18.73 -27.65
C PHE A 675 9.97 18.50 -26.26
N PHE A 676 8.91 17.69 -26.15
CA PHE A 676 8.34 17.33 -24.87
C PHE A 676 8.74 15.94 -24.40
N ILE A 677 9.26 15.10 -25.27
CA ILE A 677 9.76 13.77 -24.92
C ILE A 677 11.25 13.89 -24.67
N GLY A 678 11.76 13.04 -23.78
CA GLY A 678 13.16 13.05 -23.41
C GLY A 678 13.38 13.76 -22.07
N GLU A 679 14.63 13.70 -21.63
CA GLU A 679 14.96 14.32 -20.35
C GLU A 679 14.99 15.82 -20.56
N PRO A 680 14.19 16.58 -19.82
CA PRO A 680 14.14 18.04 -20.02
C PRO A 680 15.46 18.72 -19.74
N GLN A 681 15.98 19.41 -20.74
CA GLN A 681 17.15 20.27 -20.57
C GLN A 681 16.71 21.72 -20.56
N ASP A 682 17.65 22.62 -20.25
CA ASP A 682 17.31 24.03 -20.17
C ASP A 682 16.78 24.55 -21.50
N TRP A 683 17.53 24.33 -22.58
CA TRP A 683 17.12 24.84 -23.88
C TRP A 683 15.83 24.19 -24.36
N THR A 684 15.66 22.90 -24.06
CA THR A 684 14.43 22.21 -24.44
C THR A 684 13.22 22.85 -23.77
N CYS A 685 13.33 23.16 -22.48
CA CYS A 685 12.23 23.79 -21.78
C CYS A 685 12.00 25.22 -22.26
N ARG A 686 13.07 25.94 -22.60
CA ARG A 686 12.92 27.26 -23.18
C ARG A 686 12.28 27.25 -24.55
N LEU A 687 12.41 26.16 -25.30
CA LEU A 687 11.85 26.08 -26.65
C LEU A 687 10.50 25.40 -26.73
N ARG A 688 10.08 24.64 -25.71
CA ARG A 688 8.84 23.88 -25.79
C ARG A 688 7.63 24.74 -26.11
N GLN A 689 7.25 25.63 -25.19
CA GLN A 689 6.06 26.45 -25.40
C GLN A 689 6.21 27.41 -26.57
N PRO A 690 7.31 28.18 -26.71
CA PRO A 690 7.41 29.10 -27.85
C PRO A 690 7.33 28.42 -29.20
N ALA A 691 7.91 27.23 -29.37
CA ALA A 691 7.92 26.59 -30.68
C ALA A 691 6.49 26.28 -31.14
N PHE A 692 5.72 25.59 -30.30
CA PHE A 692 4.35 25.27 -30.67
C PHE A 692 3.51 26.54 -30.79
N GLY A 693 3.72 27.49 -29.89
CA GLY A 693 2.96 28.72 -29.96
C GLY A 693 3.15 29.44 -31.27
N ILE A 694 4.40 29.62 -31.68
CA ILE A 694 4.69 30.35 -32.92
C ILE A 694 4.20 29.55 -34.13
N SER A 695 4.44 28.24 -34.14
CA SER A 695 4.03 27.43 -35.29
C SER A 695 2.52 27.42 -35.44
N PHE A 696 1.78 27.31 -34.33
CA PHE A 696 0.33 27.24 -34.42
C PHE A 696 -0.26 28.61 -34.70
N VAL A 697 0.36 29.68 -34.20
CA VAL A 697 -0.06 31.02 -34.59
C VAL A 697 0.15 31.22 -36.08
N LEU A 698 1.24 30.71 -36.63
CA LEU A 698 1.45 30.78 -38.07
C LEU A 698 0.40 29.99 -38.84
N CYS A 699 0.04 28.81 -38.33
CA CYS A 699 -1.03 28.03 -38.96
C CYS A 699 -2.35 28.79 -38.96
N ILE A 700 -2.73 29.32 -37.80
CA ILE A 700 -4.00 30.03 -37.68
C ILE A 700 -3.96 31.33 -38.48
N SER A 701 -2.76 31.88 -38.70
CA SER A 701 -2.65 33.08 -39.52
C SER A 701 -2.83 32.74 -40.99
N CYS A 702 -2.21 31.64 -41.44
CA CYS A 702 -2.38 31.21 -42.82
C CYS A 702 -3.83 30.86 -43.12
N ILE A 703 -4.48 30.14 -42.21
CA ILE A 703 -5.88 29.80 -42.41
C ILE A 703 -6.76 31.04 -42.27
N LEU A 704 -6.45 31.90 -41.30
CA LEU A 704 -7.28 33.05 -40.98
C LEU A 704 -7.27 34.09 -42.07
N VAL A 705 -6.27 34.09 -42.94
CA VAL A 705 -6.20 35.00 -44.07
C VAL A 705 -6.51 34.26 -45.37
N LYS A 706 -6.72 32.95 -45.28
CA LYS A 706 -7.12 32.12 -46.40
C LYS A 706 -8.64 32.05 -46.56
N THR A 707 -9.40 32.43 -45.53
CA THR A 707 -10.85 32.38 -45.58
C THR A 707 -11.43 33.70 -46.09
N ASN A 708 -12.74 33.87 -45.95
CA ASN A 708 -13.46 35.00 -46.49
C ASN A 708 -13.59 36.12 -45.46
N ARG A 709 -13.75 37.34 -45.97
CA ARG A 709 -14.08 38.52 -45.16
C ARG A 709 -12.99 38.83 -44.12
N VAL A 710 -11.76 38.45 -44.40
CA VAL A 710 -10.64 38.69 -43.50
C VAL A 710 -9.61 39.57 -44.16
N LEU A 711 -9.21 39.23 -45.39
CA LEU A 711 -8.29 40.09 -46.12
C LEU A 711 -9.01 41.28 -46.70
N LEU A 712 -10.30 41.12 -47.04
CA LEU A 712 -11.07 42.23 -47.58
C LEU A 712 -11.24 43.34 -46.55
N VAL A 713 -11.53 42.98 -45.30
CA VAL A 713 -11.73 43.99 -44.27
C VAL A 713 -10.43 44.72 -43.96
N PHE A 714 -9.30 44.02 -44.03
CA PHE A 714 -8.03 44.67 -43.78
C PHE A 714 -7.61 45.57 -44.94
N GLU A 715 -7.78 45.11 -46.18
CA GLU A 715 -7.39 45.93 -47.33
C GLU A 715 -8.26 47.16 -47.49
N ALA A 716 -9.38 47.24 -46.79
CA ALA A 716 -10.25 48.40 -46.86
C ALA A 716 -10.09 49.27 -45.61
N TRP A 727 5.61 47.15 -48.77
CA TRP A 727 4.55 46.80 -49.70
C TRP A 727 5.13 45.99 -50.87
N GLY A 728 4.35 45.81 -51.93
CA GLY A 728 4.76 44.98 -53.05
C GLY A 728 4.27 43.55 -52.90
N LEU A 729 4.64 42.91 -51.78
CA LEU A 729 4.17 41.57 -51.51
C LEU A 729 2.68 41.58 -51.17
N ASN A 730 2.08 40.39 -51.18
CA ASN A 730 0.65 40.27 -50.92
C ASN A 730 0.33 40.68 -49.49
N LEU A 731 -0.87 41.23 -49.30
CA LEU A 731 -1.35 41.53 -47.95
C LEU A 731 -1.56 40.27 -47.13
N GLN A 732 -1.70 39.11 -47.77
CA GLN A 732 -1.80 37.85 -47.04
C GLN A 732 -0.57 37.64 -46.17
N PHE A 733 0.62 37.82 -46.76
CA PHE A 733 1.85 37.64 -46.02
C PHE A 733 2.04 38.71 -44.97
N LEU A 734 1.61 39.95 -45.24
CA LEU A 734 1.69 40.98 -44.22
C LEU A 734 0.83 40.63 -43.02
N LEU A 735 -0.39 40.13 -43.26
CA LEU A 735 -1.26 39.75 -42.15
C LEU A 735 -0.69 38.60 -41.36
N VAL A 736 -0.19 37.56 -42.04
CA VAL A 736 0.37 36.44 -41.30
C VAL A 736 1.62 36.87 -40.55
N PHE A 737 2.40 37.79 -41.14
CA PHE A 737 3.58 38.31 -40.47
C PHE A 737 3.21 39.05 -39.19
N LEU A 738 2.20 39.91 -39.26
CA LEU A 738 1.81 40.66 -38.06
C LEU A 738 1.28 39.72 -36.99
N CYS A 739 0.42 38.78 -37.37
CA CYS A 739 -0.17 37.87 -36.39
C CYS A 739 0.90 37.00 -35.73
N THR A 740 1.89 36.54 -36.50
CA THR A 740 2.97 35.77 -35.90
C THR A 740 3.97 36.65 -35.17
N PHE A 741 4.11 37.91 -35.58
CA PHE A 741 5.07 38.81 -34.97
C PHE A 741 4.64 39.19 -33.56
N MET A 742 3.33 39.32 -33.35
CA MET A 742 2.86 39.55 -31.98
C MET A 742 3.28 38.39 -31.08
N GLN A 743 3.09 37.16 -31.55
CA GLN A 743 3.49 35.97 -30.78
C GLN A 743 5.00 35.95 -30.55
N ILE A 744 5.78 36.27 -31.58
CA ILE A 744 7.23 36.22 -31.45
C ILE A 744 7.72 37.30 -30.49
N VAL A 745 7.08 38.47 -30.50
CA VAL A 745 7.43 39.52 -29.54
C VAL A 745 7.13 39.05 -28.12
N ILE A 746 5.98 38.41 -27.92
CA ILE A 746 5.66 37.87 -26.59
C ILE A 746 6.73 36.87 -26.16
N CYS A 747 7.11 35.97 -27.06
CA CYS A 747 8.11 34.96 -26.72
C CYS A 747 9.47 35.57 -26.42
N VAL A 748 9.87 36.57 -27.21
CA VAL A 748 11.16 37.21 -26.96
C VAL A 748 11.16 37.89 -25.59
N ILE A 749 10.08 38.59 -25.27
CA ILE A 749 9.97 39.24 -23.97
C ILE A 749 10.06 38.19 -22.85
N TRP A 750 9.36 37.06 -23.05
CA TRP A 750 9.38 35.97 -22.08
C TRP A 750 10.78 35.43 -21.85
N LEU A 751 11.40 34.86 -22.90
CA LEU A 751 12.73 34.26 -22.74
C LEU A 751 13.84 35.27 -22.49
N TYR A 752 13.54 36.56 -22.57
CA TYR A 752 14.53 37.54 -22.14
C TYR A 752 14.35 37.94 -20.68
N THR A 753 13.13 38.02 -20.18
CA THR A 753 12.89 38.43 -18.81
C THR A 753 12.86 37.27 -17.83
N ALA A 754 12.09 36.23 -18.12
CA ALA A 754 11.97 35.09 -17.22
C ALA A 754 11.96 33.78 -18.00
N PRO A 755 13.10 33.36 -18.56
CA PRO A 755 13.12 32.13 -19.35
C PRO A 755 12.88 30.90 -18.48
N PRO A 756 12.26 29.86 -19.03
CA PRO A 756 12.09 28.62 -18.27
C PRO A 756 13.41 27.89 -18.09
N SER A 757 13.40 26.88 -17.24
CA SER A 757 14.61 26.13 -16.94
C SER A 757 14.23 24.70 -16.60
N SER A 758 15.25 23.85 -16.48
CA SER A 758 15.06 22.46 -16.08
C SER A 758 15.18 22.35 -14.57
N TYR A 759 14.12 21.86 -13.94
CA TYR A 759 14.01 21.80 -12.50
C TYR A 759 14.05 20.34 -12.05
N ARG A 760 14.94 20.04 -11.11
CA ARG A 760 15.07 18.71 -10.53
C ARG A 760 14.21 18.68 -9.29
N ASN A 761 12.96 18.24 -9.45
CA ASN A 761 11.98 18.24 -8.36
C ASN A 761 12.21 16.98 -7.53
N GLN A 762 12.64 17.18 -6.28
CA GLN A 762 12.84 16.10 -5.32
C GLN A 762 11.81 16.11 -4.20
N GLU A 763 10.69 16.81 -4.39
CA GLU A 763 9.71 16.99 -3.34
C GLU A 763 8.45 16.14 -3.50
N LEU A 764 8.04 15.86 -4.74
CA LEU A 764 6.85 15.04 -4.93
C LEU A 764 7.07 13.62 -4.43
N GLU A 765 8.26 13.07 -4.66
CA GLU A 765 8.62 11.74 -4.19
C GLU A 765 10.00 11.80 -3.56
N ASP A 766 10.26 10.87 -2.63
CA ASP A 766 11.53 10.82 -1.93
C ASP A 766 12.51 9.80 -2.49
N GLU A 767 12.05 8.81 -3.24
CA GLU A 767 12.94 7.80 -3.80
C GLU A 767 13.29 8.05 -5.26
N ILE A 768 12.58 8.95 -5.94
CA ILE A 768 12.85 9.28 -7.32
C ILE A 768 12.89 10.80 -7.47
N ILE A 769 13.52 11.26 -8.55
CA ILE A 769 13.68 12.68 -8.84
C ILE A 769 13.00 12.97 -10.16
N PHE A 770 12.00 13.83 -10.14
CA PHE A 770 11.29 14.23 -11.35
C PHE A 770 12.10 15.30 -12.07
N ILE A 771 12.10 15.28 -13.39
CA ILE A 771 12.69 16.34 -14.18
C ILE A 771 11.55 17.11 -14.84
N THR A 772 11.39 18.38 -14.48
CA THR A 772 10.29 19.19 -14.96
C THR A 772 10.84 20.44 -15.65
N CYS A 773 9.98 21.13 -16.39
CA CYS A 773 10.31 22.42 -16.98
C CYS A 773 9.61 23.50 -16.18
N HIS A 774 10.38 24.22 -15.38
CA HIS A 774 9.83 25.32 -14.58
C HIS A 774 9.78 26.54 -15.48
N GLU A 775 8.57 26.94 -15.85
CA GLU A 775 8.40 28.13 -16.67
C GLU A 775 8.62 29.38 -15.83
N GLY A 776 9.44 30.29 -16.35
CA GLY A 776 9.82 31.47 -15.60
C GLY A 776 8.66 32.37 -15.24
N SER A 777 7.77 32.60 -16.20
CA SER A 777 6.61 33.46 -15.99
C SER A 777 5.38 32.76 -16.52
N LEU A 778 4.44 32.45 -15.62
CA LEU A 778 3.15 31.93 -16.06
C LEU A 778 2.30 33.01 -16.73
N MET A 779 2.60 34.28 -16.47
CA MET A 779 1.94 35.37 -17.18
C MET A 779 2.24 35.32 -18.66
N ALA A 780 3.51 35.11 -19.02
CA ALA A 780 3.89 35.03 -20.42
C ALA A 780 3.30 33.80 -21.11
N LEU A 781 3.33 32.65 -20.42
CA LEU A 781 2.70 31.46 -20.98
C LEU A 781 1.21 31.66 -21.19
N GLY A 782 0.55 32.29 -20.21
CA GLY A 782 -0.85 32.62 -20.39
C GLY A 782 -1.10 33.56 -21.54
N PHE A 783 -0.17 34.49 -21.77
CA PHE A 783 -0.30 35.38 -22.91
C PHE A 783 -0.16 34.64 -24.23
N LEU A 784 0.80 33.71 -24.31
CA LEU A 784 0.91 32.88 -25.51
C LEU A 784 -0.39 32.13 -25.78
N ILE A 785 -0.91 31.46 -24.75
CA ILE A 785 -2.12 30.66 -24.94
C ILE A 785 -3.31 31.54 -25.28
N GLY A 786 -3.41 32.70 -24.62
CA GLY A 786 -4.51 33.60 -24.89
C GLY A 786 -4.49 34.15 -26.30
N TYR A 787 -3.31 34.51 -26.79
CA TYR A 787 -3.20 34.98 -28.16
C TYR A 787 -3.55 33.88 -29.16
N THR A 788 -3.06 32.66 -28.90
CA THR A 788 -3.38 31.55 -29.80
C THR A 788 -4.88 31.31 -29.84
N CYS A 789 -5.53 31.29 -28.68
CA CYS A 789 -6.97 31.06 -28.63
C CYS A 789 -7.76 32.22 -29.22
N LEU A 790 -7.27 33.46 -29.06
CA LEU A 790 -7.94 34.60 -29.67
C LEU A 790 -7.89 34.52 -31.19
N LEU A 791 -6.72 34.19 -31.75
CA LEU A 791 -6.63 34.02 -33.19
C LEU A 791 -7.51 32.87 -33.67
N ALA A 792 -7.54 31.77 -32.93
CA ALA A 792 -8.39 30.66 -33.31
C ALA A 792 -9.87 31.05 -33.27
N ALA A 793 -10.26 31.83 -32.27
CA ALA A 793 -11.66 32.28 -32.19
C ALA A 793 -12.00 33.22 -33.33
N ILE A 794 -11.09 34.13 -33.70
CA ILE A 794 -11.32 35.01 -34.84
C ILE A 794 -11.49 34.18 -36.11
N CYS A 795 -10.60 33.22 -36.31
CA CYS A 795 -10.67 32.37 -37.50
C CYS A 795 -11.97 31.59 -37.53
N PHE A 796 -12.36 31.02 -36.39
CA PHE A 796 -13.61 30.28 -36.32
C PHE A 796 -14.81 31.16 -36.63
N PHE A 797 -14.84 32.37 -36.07
CA PHE A 797 -16.00 33.24 -36.30
C PHE A 797 -16.10 33.63 -37.76
N PHE A 798 -14.98 34.00 -38.38
CA PHE A 798 -15.02 34.45 -39.76
C PHE A 798 -15.33 33.29 -40.71
N ALA A 799 -14.86 32.08 -40.38
CA ALA A 799 -15.22 30.92 -41.20
C ALA A 799 -16.68 30.54 -41.00
N PHE A 800 -17.19 30.66 -39.78
CA PHE A 800 -18.57 30.32 -39.48
C PHE A 800 -19.53 31.27 -40.19
N LYS A 801 -19.18 32.55 -40.28
CA LYS A 801 -20.03 33.48 -41.01
C LYS A 801 -20.06 33.16 -42.51
N SER A 802 -19.10 32.36 -42.99
CA SER A 802 -19.03 31.99 -44.40
C SER A 802 -19.01 30.48 -44.59
N ARG A 803 -19.52 29.72 -43.63
CA ARG A 803 -19.41 28.27 -43.70
C ARG A 803 -20.24 27.68 -44.84
N LYS A 804 -21.36 28.33 -45.17
CA LYS A 804 -22.25 27.79 -46.19
C LYS A 804 -21.73 28.02 -47.59
N LEU A 805 -20.74 28.90 -47.75
CA LEU A 805 -20.20 29.16 -49.08
C LEU A 805 -19.48 27.91 -49.60
N PRO A 806 -19.68 27.54 -50.86
CA PRO A 806 -19.12 26.29 -51.38
C PRO A 806 -17.76 26.43 -52.05
N GLU A 807 -17.12 27.59 -51.97
CA GLU A 807 -15.85 27.80 -52.66
C GLU A 807 -14.78 26.88 -52.11
N ASN A 808 -13.95 26.38 -53.03
CA ASN A 808 -12.83 25.51 -52.72
C ASN A 808 -13.28 24.28 -51.95
N PHE A 809 -14.34 23.66 -52.47
CA PHE A 809 -14.92 22.45 -51.88
C PHE A 809 -15.30 22.66 -50.42
N ASN A 810 -16.07 23.73 -50.20
CA ASN A 810 -16.55 24.10 -48.87
C ASN A 810 -15.37 24.34 -47.92
N GLU A 811 -14.49 25.25 -48.30
CA GLU A 811 -13.27 25.47 -47.52
C GLU A 811 -13.58 26.00 -46.12
N ALA A 812 -14.53 26.94 -46.03
CA ALA A 812 -14.82 27.56 -44.74
C ALA A 812 -15.46 26.57 -43.78
N LYS A 813 -16.25 25.64 -44.30
CA LYS A 813 -16.85 24.62 -43.44
C LYS A 813 -15.79 23.79 -42.75
N PHE A 814 -14.77 23.37 -43.50
CA PHE A 814 -13.69 22.59 -42.90
C PHE A 814 -12.78 23.44 -42.02
N ILE A 815 -12.65 24.74 -42.32
CA ILE A 815 -11.96 25.62 -41.38
C ILE A 815 -12.69 25.65 -40.04
N THR A 816 -14.02 25.76 -40.09
CA THR A 816 -14.83 25.70 -38.87
C THR A 816 -14.62 24.37 -38.15
N PHE A 817 -14.61 23.27 -38.91
CA PHE A 817 -14.41 21.97 -38.30
C PHE A 817 -13.07 21.90 -37.57
N SER A 818 -12.01 22.41 -38.21
CA SER A 818 -10.69 22.38 -37.59
C SER A 818 -10.66 23.23 -36.34
N MET A 819 -11.32 24.39 -36.35
CA MET A 819 -11.32 25.23 -35.17
C MET A 819 -12.07 24.59 -34.01
N LEU A 820 -13.21 23.94 -34.28
CA LEU A 820 -13.86 23.17 -33.22
C LEU A 820 -12.98 22.05 -32.70
N ILE A 821 -12.27 21.36 -33.59
CA ILE A 821 -11.37 20.31 -33.13
C ILE A 821 -10.31 20.89 -32.20
N PHE A 822 -9.74 22.04 -32.58
CA PHE A 822 -8.75 22.69 -31.72
C PHE A 822 -9.33 23.03 -30.36
N PHE A 823 -10.52 23.64 -30.33
CA PHE A 823 -11.09 24.07 -29.07
C PHE A 823 -11.47 22.88 -28.20
N ILE A 824 -12.02 21.82 -28.79
CA ILE A 824 -12.32 20.61 -28.02
C ILE A 824 -11.04 20.02 -27.44
N VAL A 825 -9.98 19.97 -28.26
CA VAL A 825 -8.72 19.40 -27.81
C VAL A 825 -8.17 20.15 -26.61
N TRP A 826 -8.19 21.48 -26.65
CA TRP A 826 -7.61 22.22 -25.53
C TRP A 826 -8.53 22.35 -24.32
N ILE A 827 -9.85 22.42 -24.52
CA ILE A 827 -10.75 22.36 -23.38
C ILE A 827 -10.61 21.01 -22.68
N SER A 828 -10.37 19.94 -23.42
CA SER A 828 -10.06 18.65 -22.79
C SER A 828 -8.66 18.63 -22.20
N PHE A 829 -7.72 19.40 -22.77
CA PHE A 829 -6.39 19.51 -22.21
C PHE A 829 -6.41 20.12 -20.82
N ILE A 830 -7.37 20.99 -20.56
CA ILE A 830 -7.46 21.63 -19.24
C ILE A 830 -7.54 20.60 -18.13
N PRO A 831 -8.60 19.77 -18.02
CA PRO A 831 -8.64 18.82 -16.89
C PRO A 831 -7.56 17.77 -16.97
N ALA A 832 -7.18 17.35 -18.17
CA ALA A 832 -6.15 16.33 -18.32
C ALA A 832 -4.82 16.80 -17.76
N TYR A 833 -4.45 18.05 -18.04
CA TYR A 833 -3.23 18.60 -17.47
C TYR A 833 -3.38 18.84 -15.99
N ALA A 834 -4.53 19.36 -15.56
CA ALA A 834 -4.76 19.66 -14.15
C ALA A 834 -4.88 18.41 -13.30
N SER A 835 -5.00 17.23 -13.92
CA SER A 835 -5.17 15.99 -13.18
C SER A 835 -4.08 14.96 -13.44
N THR A 836 -3.01 15.33 -14.13
CA THR A 836 -1.92 14.39 -14.43
C THR A 836 -0.72 14.72 -13.57
N TYR A 837 -0.13 13.69 -12.97
CA TYR A 837 0.96 13.85 -12.03
C TYR A 837 2.18 13.11 -12.54
N GLY A 838 3.36 13.64 -12.26
CA GLY A 838 4.60 12.97 -12.58
C GLY A 838 5.06 13.26 -13.99
N LYS A 839 5.82 12.33 -14.58
CA LYS A 839 6.34 12.50 -15.93
C LYS A 839 5.24 12.60 -16.98
N PHE A 840 4.18 11.79 -16.87
CA PHE A 840 3.11 11.75 -17.85
C PHE A 840 2.49 13.11 -18.11
N VAL A 841 2.77 14.12 -17.29
CA VAL A 841 2.27 15.46 -17.58
C VAL A 841 2.72 15.90 -18.96
N SER A 842 4.02 15.77 -19.25
CA SER A 842 4.49 16.12 -20.59
C SER A 842 3.74 15.33 -21.64
N ALA A 843 3.45 14.06 -21.32
CA ALA A 843 2.65 13.20 -22.17
C ALA A 843 1.45 13.93 -22.72
N VAL A 844 0.58 14.45 -21.84
CA VAL A 844 -0.69 15.00 -22.33
C VAL A 844 -0.43 16.12 -23.32
N GLU A 845 0.60 16.94 -23.05
CA GLU A 845 0.93 18.04 -23.93
C GLU A 845 1.08 17.53 -25.35
N VAL A 846 1.93 16.52 -25.53
CA VAL A 846 2.19 16.00 -26.86
C VAL A 846 0.88 15.63 -27.53
N ILE A 847 0.05 14.86 -26.82
CA ILE A 847 -1.19 14.37 -27.41
C ILE A 847 -2.00 15.56 -27.91
N ALA A 848 -2.21 16.54 -27.04
CA ALA A 848 -3.00 17.71 -27.43
C ALA A 848 -2.43 18.31 -28.70
N ILE A 849 -1.11 18.60 -28.67
CA ILE A 849 -0.46 19.16 -29.85
C ILE A 849 -0.79 18.32 -31.07
N LEU A 850 -0.45 17.03 -31.02
CA LEU A 850 -0.66 16.17 -32.17
C LEU A 850 -2.09 16.28 -32.66
N ALA A 851 -3.04 16.12 -31.73
CA ALA A 851 -4.44 16.11 -32.13
C ALA A 851 -4.78 17.38 -32.90
N ALA A 852 -4.47 18.54 -32.30
CA ALA A 852 -4.81 19.79 -32.96
C ALA A 852 -4.20 19.82 -34.34
N SER A 853 -2.90 19.53 -34.44
CA SER A 853 -2.23 19.56 -35.74
C SER A 853 -2.96 18.64 -36.71
N PHE A 854 -3.18 17.39 -36.30
CA PHE A 854 -3.87 16.45 -37.18
C PHE A 854 -5.18 17.04 -37.66
N GLY A 855 -5.98 17.56 -36.71
CA GLY A 855 -7.23 18.20 -37.09
C GLY A 855 -7.03 19.17 -38.23
N LEU A 856 -6.22 20.21 -38.01
CA LEU A 856 -5.99 21.20 -39.04
C LEU A 856 -5.60 20.52 -40.35
N LEU A 857 -4.60 19.64 -40.27
CA LEU A 857 -4.13 18.96 -41.48
C LEU A 857 -5.32 18.41 -42.25
N ALA A 858 -6.08 17.53 -41.60
CA ALA A 858 -7.19 16.90 -42.29
C ALA A 858 -8.12 17.96 -42.87
N CYS A 859 -8.56 18.88 -42.01
CA CYS A 859 -9.62 19.79 -42.41
C CYS A 859 -9.17 20.71 -43.53
N ILE A 860 -7.87 20.82 -43.77
CA ILE A 860 -7.42 21.69 -44.84
C ILE A 860 -7.03 20.92 -46.09
N PHE A 861 -6.65 19.65 -45.96
CA PHE A 861 -5.97 19.06 -47.11
C PHE A 861 -6.50 17.73 -47.58
N PHE A 862 -6.91 16.81 -46.69
CA PHE A 862 -7.15 15.43 -47.11
C PHE A 862 -8.19 15.37 -48.21
N ASN A 863 -9.33 16.04 -48.02
CA ASN A 863 -10.32 16.16 -49.08
C ASN A 863 -9.67 16.54 -50.40
N LYS A 864 -9.02 17.71 -50.43
CA LYS A 864 -8.36 18.16 -51.65
C LYS A 864 -7.40 17.10 -52.17
N ILE A 865 -6.61 16.50 -51.29
CA ILE A 865 -5.65 15.49 -51.72
C ILE A 865 -6.37 14.39 -52.48
N TYR A 866 -7.49 13.90 -51.93
CA TYR A 866 -8.29 12.93 -52.64
C TYR A 866 -8.60 13.42 -54.04
N ILE A 867 -9.25 14.59 -54.14
CA ILE A 867 -9.68 15.11 -55.43
C ILE A 867 -8.51 15.36 -56.36
N ILE A 868 -7.30 15.45 -55.81
CA ILE A 868 -6.13 15.66 -56.65
C ILE A 868 -5.54 14.34 -57.10
N LEU A 869 -5.50 13.35 -56.22
CA LEU A 869 -4.88 12.08 -56.58
C LEU A 869 -5.86 11.15 -57.28
N PHE A 870 -7.05 11.02 -56.72
CA PHE A 870 -8.08 10.12 -57.23
C PHE A 870 -9.24 10.95 -57.76
N LYS A 871 -9.77 10.53 -58.90
CA LYS A 871 -10.85 11.24 -59.58
C LYS A 871 -10.43 12.69 -59.78
N PRO A 872 -9.45 12.97 -60.65
CA PRO A 872 -9.05 14.35 -60.90
C PRO A 872 -9.97 15.08 -61.86
N SER A 873 -11.16 14.56 -62.14
CA SER A 873 -12.09 15.25 -63.01
C SER A 873 -12.50 16.60 -62.43
N ARG A 874 -12.66 16.66 -61.11
CA ARG A 874 -12.98 17.93 -60.46
C ARG A 874 -11.76 18.85 -60.32
N ASN A 875 -10.56 18.38 -60.67
CA ASN A 875 -9.37 19.23 -60.64
C ASN A 875 -9.43 20.18 -61.83
N THR A 876 -10.40 21.08 -61.77
CA THR A 876 -10.62 22.09 -62.82
C THR A 876 -11.19 23.35 -62.18
N ILE A 877 -11.08 24.46 -62.91
CA ILE A 877 -11.49 25.75 -62.36
C ILE A 877 -13.00 25.79 -62.10
N GLU A 878 -13.78 25.13 -62.96
CA GLU A 878 -15.23 25.14 -62.79
C GLU A 878 -15.65 24.42 -61.51
N GLU A 879 -15.07 23.25 -61.25
CA GLU A 879 -15.49 22.46 -60.10
C GLU A 879 -15.01 23.09 -58.80
N VAL A 880 -13.79 23.60 -58.77
CA VAL A 880 -13.30 24.25 -57.56
C VAL A 880 -14.10 25.51 -57.26
N ARG A 881 -14.67 26.15 -58.29
CA ARG A 881 -15.59 27.27 -58.11
C ARG A 881 -14.94 28.45 -57.38
N GLY B 29 55.89 3.19 78.14
CA GLY B 29 55.63 3.47 76.74
C GLY B 29 55.79 4.93 76.37
N PRO B 30 54.84 5.45 75.59
CA PRO B 30 54.91 6.87 75.19
C PRO B 30 54.91 7.79 76.41
N ASP B 31 55.67 8.89 76.29
CA ASP B 31 55.81 9.82 77.40
C ASP B 31 54.50 10.56 77.67
N GLN B 32 53.92 11.15 76.63
CA GLN B 32 52.67 11.90 76.81
C GLN B 32 51.52 10.93 76.99
N ARG B 33 50.88 10.98 78.16
CA ARG B 33 49.84 10.04 78.49
C ARG B 33 48.87 10.67 79.47
N ALA B 34 47.64 10.17 79.46
CA ALA B 34 46.68 10.43 80.52
C ALA B 34 46.53 9.14 81.31
N GLN B 35 47.12 9.10 82.50
CA GLN B 35 47.23 7.87 83.26
C GLN B 35 46.69 8.07 84.66
N LYS B 36 45.93 7.09 85.14
CA LYS B 36 45.44 7.06 86.51
C LYS B 36 45.30 5.61 86.91
N LYS B 37 45.85 5.27 88.08
CA LYS B 37 45.83 3.89 88.54
C LYS B 37 44.44 3.49 89.01
N GLY B 38 44.19 2.19 88.99
CA GLY B 38 42.92 1.65 89.45
C GLY B 38 42.95 0.14 89.44
N ASP B 39 41.91 -0.44 90.04
CA ASP B 39 41.79 -1.90 90.05
C ASP B 39 41.67 -2.45 88.64
N ILE B 40 40.92 -1.77 87.78
CA ILE B 40 40.71 -2.16 86.39
C ILE B 40 41.18 -1.01 85.51
N ILE B 41 42.05 -1.31 84.56
CA ILE B 41 42.67 -0.30 83.71
C ILE B 41 42.05 -0.35 82.32
N LEU B 42 41.57 0.80 81.85
CA LEU B 42 40.98 0.92 80.52
C LEU B 42 41.93 1.67 79.62
N GLY B 43 42.41 1.01 78.57
CA GLY B 43 43.25 1.67 77.61
C GLY B 43 42.49 2.63 76.72
N GLY B 44 43.21 3.64 76.24
CA GLY B 44 42.59 4.64 75.40
C GLY B 44 43.50 5.14 74.29
N LEU B 45 42.93 5.30 73.10
CA LEU B 45 43.65 5.78 71.94
C LEU B 45 42.85 6.90 71.30
N PHE B 46 43.35 8.12 71.37
CA PHE B 46 42.65 9.28 70.84
C PHE B 46 43.58 10.10 69.97
N PRO B 47 43.05 10.74 68.94
CA PRO B 47 43.87 11.59 68.06
C PRO B 47 44.01 13.01 68.60
N ILE B 48 44.86 13.15 69.63
CA ILE B 48 45.15 14.48 70.17
C ILE B 48 45.86 15.36 69.16
N HIS B 49 46.45 14.77 68.12
CA HIS B 49 47.08 15.50 67.04
C HIS B 49 46.54 15.00 65.71
N PHE B 50 46.46 15.90 64.74
CA PHE B 50 45.89 15.53 63.45
C PHE B 50 46.82 14.62 62.65
N GLY B 51 48.12 14.80 62.80
CA GLY B 51 49.07 13.97 62.09
C GLY B 51 50.45 14.12 62.65
N VAL B 52 51.42 13.47 62.00
CA VAL B 52 52.81 13.53 62.39
C VAL B 52 53.59 14.30 61.34
N ALA B 53 54.74 14.83 61.75
CA ALA B 53 55.57 15.62 60.85
C ALA B 53 56.05 14.78 59.67
N ALA B 54 55.97 15.35 58.47
CA ALA B 54 56.40 14.68 57.25
C ALA B 54 57.88 14.96 57.05
N LYS B 55 58.73 14.14 57.67
CA LYS B 55 60.17 14.23 57.49
C LYS B 55 60.63 12.99 56.74
N ASP B 56 61.30 13.20 55.61
CA ASP B 56 61.82 12.08 54.84
C ASP B 56 62.92 11.36 55.61
N GLN B 57 62.64 10.13 56.02
CA GLN B 57 63.61 9.34 56.79
C GLN B 57 64.70 8.87 55.85
N ASP B 58 65.72 9.71 55.66
CA ASP B 58 66.83 9.33 54.80
C ASP B 58 67.67 8.21 55.42
N LEU B 59 67.50 7.95 56.71
CA LEU B 59 68.17 6.85 57.40
C LEU B 59 69.68 6.99 57.38
N LYS B 60 70.17 8.22 57.24
CA LYS B 60 71.59 8.49 57.43
C LYS B 60 72.00 8.42 58.89
N SER B 61 71.07 8.65 59.81
CA SER B 61 71.29 8.51 61.23
C SER B 61 70.21 7.59 61.80
N ARG B 62 70.34 7.26 63.06
CA ARG B 62 69.36 6.40 63.71
C ARG B 62 68.00 7.08 63.71
N PRO B 63 66.95 6.42 63.21
CA PRO B 63 65.62 7.04 63.19
C PRO B 63 65.16 7.51 64.56
N GLU B 64 64.85 8.81 64.66
CA GLU B 64 64.35 9.39 65.89
C GLU B 64 62.82 9.28 65.91
N SER B 65 62.23 9.45 67.10
CA SER B 65 60.79 9.38 67.25
C SER B 65 60.12 10.47 66.42
N VAL B 66 59.06 10.10 65.69
CA VAL B 66 58.38 11.05 64.83
C VAL B 66 57.59 12.04 65.67
N GLU B 67 57.53 13.28 65.20
CA GLU B 67 56.87 14.35 65.92
C GLU B 67 55.49 14.64 65.33
N CYS B 68 54.54 14.91 66.21
CA CYS B 68 53.17 15.24 65.84
C CYS B 68 53.02 16.76 65.80
N ILE B 69 52.33 17.27 64.77
CA ILE B 69 52.38 18.70 64.48
C ILE B 69 51.10 19.45 64.86
N ARG B 70 49.97 19.11 64.24
CA ARG B 70 48.77 19.90 64.44
C ARG B 70 47.98 19.38 65.63
N TYR B 71 47.46 20.30 66.43
CA TYR B 71 46.73 19.94 67.65
C TYR B 71 45.25 19.80 67.35
N ASN B 72 44.67 18.69 67.77
CA ASN B 72 43.26 18.38 67.54
C ASN B 72 42.51 18.57 68.86
N PHE B 73 41.80 19.68 68.97
CA PHE B 73 41.02 19.97 70.17
C PHE B 73 39.77 19.11 70.28
N ARG B 74 39.19 18.70 69.15
CA ARG B 74 38.08 17.76 69.18
C ARG B 74 38.52 16.41 69.73
N GLY B 75 39.72 15.95 69.35
CA GLY B 75 40.25 14.72 69.92
C GLY B 75 40.52 14.85 71.40
N PHE B 76 41.00 16.02 71.83
CA PHE B 76 41.17 16.25 73.27
C PHE B 76 39.84 16.22 74.00
N ARG B 77 38.79 16.75 73.37
CA ARG B 77 37.46 16.66 73.96
C ARG B 77 36.99 15.21 74.06
N TRP B 78 37.31 14.40 73.05
CA TRP B 78 36.99 12.97 73.13
C TRP B 78 37.72 12.29 74.29
N LEU B 79 39.01 12.60 74.45
CA LEU B 79 39.77 12.05 75.56
C LEU B 79 39.18 12.47 76.90
N GLN B 80 38.79 13.74 77.01
CA GLN B 80 38.13 14.20 78.22
C GLN B 80 36.77 13.56 78.40
N ALA B 81 36.10 13.18 77.33
CA ALA B 81 34.86 12.40 77.46
C ALA B 81 35.13 11.04 78.08
N MET B 82 36.20 10.38 77.63
CA MET B 82 36.60 9.12 78.26
C MET B 82 36.90 9.32 79.75
N ILE B 83 37.68 10.34 80.08
CA ILE B 83 38.06 10.58 81.46
C ILE B 83 36.82 10.91 82.30
N PHE B 84 35.93 11.74 81.76
CA PHE B 84 34.72 12.10 82.48
C PHE B 84 33.83 10.90 82.73
N ALA B 85 33.69 10.02 81.74
CA ALA B 85 32.91 8.81 81.94
C ALA B 85 33.53 7.94 83.02
N ILE B 86 34.86 7.80 83.01
CA ILE B 86 35.53 6.97 84.01
C ILE B 86 35.32 7.54 85.41
N GLU B 87 35.47 8.86 85.55
CA GLU B 87 35.27 9.49 86.85
C GLU B 87 33.82 9.38 87.30
N GLU B 88 32.88 9.52 86.38
CA GLU B 88 31.46 9.38 86.71
C GLU B 88 31.15 7.97 87.20
N ILE B 89 31.73 6.96 86.55
CA ILE B 89 31.52 5.59 86.98
C ILE B 89 32.16 5.35 88.35
N ASN B 90 33.38 5.88 88.55
CA ASN B 90 34.07 5.69 89.82
C ASN B 90 33.32 6.34 90.98
N SER B 91 32.82 7.55 90.77
CA SER B 91 32.09 8.24 91.84
C SER B 91 30.74 7.59 92.10
N SER B 92 30.06 7.15 91.05
CA SER B 92 28.75 6.53 91.21
C SER B 92 28.89 5.19 91.90
N PRO B 93 28.14 4.93 92.98
CA PRO B 93 28.27 3.64 93.67
C PRO B 93 27.45 2.53 93.05
N ALA B 94 26.46 2.84 92.22
CA ALA B 94 25.65 1.80 91.59
C ALA B 94 26.49 0.96 90.65
N LEU B 95 27.37 1.61 89.88
CA LEU B 95 28.17 0.92 88.88
C LEU B 95 29.53 0.56 89.46
N LEU B 96 29.85 -0.73 89.48
CA LEU B 96 31.11 -1.28 89.97
C LEU B 96 31.43 -0.77 91.37
N PRO B 97 30.64 -1.15 92.38
CA PRO B 97 30.90 -0.68 93.74
C PRO B 97 32.20 -1.25 94.29
N ASN B 98 32.84 -0.47 95.14
CA ASN B 98 34.10 -0.87 95.79
C ASN B 98 35.16 -1.26 94.76
N LEU B 99 35.21 -0.52 93.66
CA LEU B 99 36.19 -0.78 92.60
C LEU B 99 36.54 0.54 91.93
N THR B 100 37.80 0.65 91.51
CA THR B 100 38.30 1.84 90.85
C THR B 100 38.67 1.52 89.41
N LEU B 101 38.16 2.31 88.48
CA LEU B 101 38.52 2.19 87.08
C LEU B 101 39.69 3.13 86.79
N GLY B 102 40.83 2.55 86.45
CA GLY B 102 41.97 3.31 85.99
C GLY B 102 41.99 3.40 84.47
N TYR B 103 42.92 4.21 83.98
CA TYR B 103 43.06 4.37 82.55
C TYR B 103 44.50 4.67 82.18
N ARG B 104 44.88 4.23 80.98
CA ARG B 104 46.14 4.58 80.34
C ARG B 104 45.80 5.01 78.92
N ILE B 105 45.92 6.30 78.64
CA ILE B 105 45.46 6.87 77.37
C ILE B 105 46.65 7.49 76.66
N PHE B 106 46.85 7.10 75.40
CA PHE B 106 47.94 7.63 74.59
C PHE B 106 47.37 8.31 73.35
N ASP B 107 48.20 9.13 72.72
CA ASP B 107 47.81 9.85 71.52
C ASP B 107 48.32 9.10 70.29
N THR B 108 47.44 8.89 69.32
CA THR B 108 47.77 8.16 68.11
C THR B 108 48.22 9.05 66.96
N CYS B 109 47.81 10.33 66.97
CA CYS B 109 48.17 11.28 65.92
C CYS B 109 47.67 10.83 64.55
N ASN B 110 46.57 10.05 64.54
CA ASN B 110 46.00 9.51 63.32
C ASN B 110 47.02 8.69 62.54
N THR B 111 47.95 8.08 63.27
CA THR B 111 49.04 7.34 62.65
C THR B 111 49.12 5.94 63.24
N VAL B 112 49.35 4.96 62.38
CA VAL B 112 49.41 3.57 62.81
C VAL B 112 50.60 3.34 63.73
N SER B 113 51.71 4.03 63.46
CA SER B 113 52.93 3.79 64.23
C SER B 113 52.76 4.13 65.70
N LYS B 114 52.27 5.35 65.99
CA LYS B 114 52.07 5.77 67.37
C LYS B 114 51.06 4.85 68.07
N ALA B 115 49.99 4.50 67.37
CA ALA B 115 48.98 3.63 67.95
C ALA B 115 49.55 2.25 68.27
N LEU B 116 50.46 1.73 67.44
CA LEU B 116 51.05 0.43 67.73
C LEU B 116 52.07 0.50 68.87
N GLU B 117 52.81 1.61 69.00
CA GLU B 117 53.63 1.75 70.20
C GLU B 117 52.75 1.77 71.46
N ALA B 118 51.65 2.51 71.42
CA ALA B 118 50.75 2.55 72.56
C ALA B 118 50.14 1.19 72.83
N THR B 119 49.81 0.45 71.77
CA THR B 119 49.21 -0.88 71.94
C THR B 119 50.23 -1.88 72.47
N LEU B 120 51.48 -1.78 72.03
CA LEU B 120 52.54 -2.60 72.60
C LEU B 120 52.71 -2.30 74.08
N SER B 121 52.52 -1.04 74.47
CA SER B 121 52.42 -0.73 75.90
C SER B 121 51.22 -1.41 76.52
N PHE B 122 50.09 -1.45 75.80
CA PHE B 122 48.87 -2.04 76.34
C PHE B 122 49.03 -3.54 76.60
N VAL B 123 49.66 -4.26 75.68
CA VAL B 123 49.68 -5.71 75.71
C VAL B 123 50.99 -6.24 76.30
N ALA B 124 51.73 -5.41 77.04
CA ALA B 124 53.07 -5.78 77.47
C ALA B 124 53.05 -7.03 78.35
N GLN B 125 52.11 -7.11 79.28
CA GLN B 125 52.06 -8.27 80.17
C GLN B 125 51.65 -9.53 79.41
N ASN B 126 50.61 -9.43 78.58
CA ASN B 126 50.23 -10.57 77.75
C ASN B 126 51.34 -10.93 76.77
N LYS B 127 52.04 -9.92 76.25
CA LYS B 127 53.12 -10.17 75.30
C LYS B 127 54.25 -10.95 75.95
N ILE B 128 54.66 -10.55 77.16
CA ILE B 128 55.75 -11.28 77.83
C ILE B 128 55.27 -12.65 78.30
N ASP B 129 53.98 -12.77 78.64
CA ASP B 129 53.44 -14.08 79.02
C ASP B 129 53.47 -15.05 77.84
N SER B 130 53.13 -14.56 76.65
CA SER B 130 53.09 -15.42 75.46
C SER B 130 54.40 -15.49 74.71
N LEU B 131 55.41 -14.72 75.13
CA LEU B 131 56.70 -14.69 74.44
C LEU B 131 57.85 -15.11 75.34
N ASN B 132 57.60 -15.30 76.64
CA ASN B 132 58.63 -15.70 77.61
C ASN B 132 59.80 -14.73 77.62
N SER B 140 58.33 -8.60 86.28
CA SER B 140 57.98 -7.34 86.93
C SER B 140 56.47 -7.09 86.85
N GLU B 141 55.83 -6.94 88.01
CA GLU B 141 54.40 -6.68 88.06
C GLU B 141 54.07 -5.19 87.89
N HIS B 142 55.08 -4.33 87.77
CA HIS B 142 54.83 -2.90 87.64
C HIS B 142 54.02 -2.59 86.39
N ILE B 143 54.11 -3.44 85.37
CA ILE B 143 53.34 -3.25 84.14
C ILE B 143 51.86 -3.49 84.44
N PRO B 144 50.99 -2.51 84.21
CA PRO B 144 49.57 -2.71 84.45
C PRO B 144 48.94 -3.58 83.37
N SER B 145 47.84 -4.23 83.75
CA SER B 145 47.08 -5.08 82.86
C SER B 145 45.88 -4.32 82.33
N THR B 146 45.93 -3.92 81.06
CA THR B 146 44.81 -3.25 80.43
C THR B 146 43.74 -4.29 80.11
N ILE B 147 42.53 -4.07 80.61
CA ILE B 147 41.46 -5.05 80.43
C ILE B 147 40.69 -4.82 79.13
N ALA B 148 40.76 -3.62 78.57
CA ALA B 148 40.04 -3.24 77.36
C ALA B 148 40.57 -1.89 76.91
N VAL B 149 40.38 -1.60 75.63
CA VAL B 149 40.91 -0.39 74.99
C VAL B 149 39.78 0.35 74.32
N VAL B 150 39.72 1.65 74.51
CA VAL B 150 38.77 2.52 73.83
C VAL B 150 39.51 3.25 72.73
N GLY B 151 39.21 2.90 71.49
CA GLY B 151 39.90 3.47 70.34
C GLY B 151 39.91 2.48 69.19
N ALA B 152 40.33 2.96 68.03
CA ALA B 152 40.75 4.35 67.84
C ALA B 152 39.85 5.03 66.82
N THR B 153 40.26 6.22 66.37
CA THR B 153 39.47 6.99 65.42
C THR B 153 39.60 6.47 64.00
N GLY B 154 40.83 6.42 63.47
CA GLY B 154 41.02 5.98 62.11
C GLY B 154 40.80 4.48 61.97
N SER B 155 40.31 4.09 60.79
CA SER B 155 40.00 2.68 60.55
C SER B 155 41.25 1.85 60.29
N GLY B 156 42.26 2.41 59.63
CA GLY B 156 43.52 1.70 59.50
C GLY B 156 44.26 1.58 60.82
N VAL B 157 44.26 2.67 61.60
CA VAL B 157 44.82 2.63 62.94
C VAL B 157 44.09 1.60 63.78
N SER B 158 42.75 1.61 63.73
CA SER B 158 41.98 0.62 64.46
C SER B 158 42.22 -0.79 63.94
N THR B 159 42.53 -0.93 62.65
CA THR B 159 42.82 -2.25 62.09
C THR B 159 44.11 -2.81 62.67
N ALA B 160 45.17 -2.00 62.68
CA ALA B 160 46.44 -2.45 63.26
C ALA B 160 46.28 -2.74 64.75
N VAL B 161 45.64 -1.83 65.48
CA VAL B 161 45.44 -2.03 66.91
C VAL B 161 44.57 -3.25 67.17
N ALA B 162 43.59 -3.51 66.30
CA ALA B 162 42.72 -4.66 66.48
C ALA B 162 43.46 -5.96 66.23
N ASN B 163 44.33 -5.99 65.22
CA ASN B 163 45.18 -7.16 65.04
C ASN B 163 45.97 -7.45 66.30
N LEU B 164 46.68 -6.42 66.80
CA LEU B 164 47.52 -6.64 67.97
C LEU B 164 46.72 -7.03 69.20
N LEU B 165 45.56 -6.40 69.42
CA LEU B 165 44.78 -6.65 70.62
C LEU B 165 44.06 -7.99 70.56
N GLY B 166 43.46 -8.33 69.43
CA GLY B 166 42.78 -9.61 69.30
C GLY B 166 43.75 -10.77 69.27
N LEU B 167 45.03 -10.49 69.01
CA LEU B 167 46.04 -11.52 69.26
C LEU B 167 45.99 -11.99 70.71
N PHE B 168 45.77 -11.08 71.66
CA PHE B 168 45.67 -11.41 73.07
C PHE B 168 44.24 -11.36 73.59
N TYR B 169 43.26 -11.24 72.71
CA TYR B 169 41.84 -11.25 73.07
C TYR B 169 41.48 -10.12 74.03
N ILE B 170 42.16 -8.98 73.92
CA ILE B 170 41.83 -7.79 74.69
C ILE B 170 40.72 -7.05 73.96
N PRO B 171 39.56 -6.85 74.56
CA PRO B 171 38.47 -6.16 73.87
C PRO B 171 38.87 -4.74 73.50
N GLN B 172 38.42 -4.30 72.32
CA GLN B 172 38.70 -2.96 71.82
C GLN B 172 37.41 -2.37 71.31
N VAL B 173 36.88 -1.38 72.04
CA VAL B 173 35.63 -0.74 71.68
C VAL B 173 35.97 0.60 71.05
N SER B 174 35.84 0.68 69.74
CA SER B 174 36.12 1.92 69.03
C SER B 174 34.90 2.84 69.03
N TYR B 175 35.17 4.12 68.80
CA TYR B 175 34.15 5.14 68.83
C TYR B 175 33.97 5.87 67.51
N ALA B 176 34.94 5.81 66.61
CA ALA B 176 34.87 6.55 65.36
C ALA B 176 35.18 5.67 64.16
N SER B 177 35.97 4.62 64.34
CA SER B 177 36.30 3.74 63.23
C SER B 177 35.06 2.98 62.78
N SER B 178 34.67 3.17 61.53
CA SER B 178 33.42 2.61 61.01
C SER B 178 33.61 1.79 59.75
N SER B 179 34.83 1.41 59.41
CA SER B 179 35.06 0.61 58.21
C SER B 179 34.39 -0.75 58.33
N ARG B 180 33.76 -1.18 57.23
CA ARG B 180 33.13 -2.49 57.20
C ARG B 180 34.12 -3.63 57.36
N LEU B 181 35.38 -3.41 57.00
CA LEU B 181 36.39 -4.45 57.14
C LEU B 181 36.61 -4.83 58.59
N LEU B 182 36.24 -3.96 59.53
CA LEU B 182 36.34 -4.24 60.95
C LEU B 182 35.17 -5.05 61.48
N SER B 183 34.21 -5.39 60.62
CA SER B 183 33.12 -6.28 60.97
C SER B 183 33.46 -7.74 60.74
N ASN B 184 34.67 -8.04 60.27
CA ASN B 184 35.10 -9.41 60.02
C ASN B 184 35.64 -9.99 61.33
N LYS B 185 34.84 -10.82 61.98
CA LYS B 185 35.24 -11.41 63.25
C LYS B 185 36.22 -12.56 63.09
N ASN B 186 36.43 -13.04 61.86
CA ASN B 186 37.48 -14.02 61.61
C ASN B 186 38.85 -13.40 61.84
N GLN B 187 39.04 -12.15 61.39
CA GLN B 187 40.30 -11.46 61.58
C GLN B 187 40.31 -10.67 62.88
N PHE B 188 39.23 -9.94 63.16
CA PHE B 188 39.14 -9.06 64.31
C PHE B 188 38.17 -9.66 65.31
N LYS B 189 38.69 -10.51 66.20
CA LYS B 189 37.88 -11.24 67.16
C LYS B 189 37.40 -10.38 68.32
N SER B 190 38.19 -9.40 68.74
CA SER B 190 37.89 -8.63 69.94
C SER B 190 37.45 -7.20 69.65
N PHE B 191 37.04 -6.90 68.42
CA PHE B 191 36.70 -5.54 68.03
C PHE B 191 35.20 -5.29 68.19
N LEU B 192 34.85 -4.16 68.77
CA LEU B 192 33.47 -3.74 68.96
C LEU B 192 33.35 -2.26 68.59
N ARG B 193 32.14 -1.84 68.24
CA ARG B 193 31.93 -0.48 67.78
C ARG B 193 30.73 0.15 68.48
N THR B 194 30.92 1.37 68.95
CA THR B 194 29.81 2.23 69.35
C THR B 194 29.41 3.20 68.25
N ILE B 195 30.04 3.09 67.07
CA ILE B 195 29.68 3.88 65.91
C ILE B 195 29.03 2.94 64.90
N PRO B 196 28.04 3.38 64.12
CA PRO B 196 27.47 2.52 63.09
C PRO B 196 28.47 2.20 61.99
N ASN B 197 28.32 1.01 61.41
CA ASN B 197 29.10 0.61 60.26
C ASN B 197 28.75 1.50 59.05
N ASP B 198 29.68 1.58 58.11
CA ASP B 198 29.53 2.45 56.95
C ASP B 198 28.85 1.75 55.78
N GLU B 199 28.27 0.57 56.02
CA GLU B 199 27.40 -0.05 55.02
C GLU B 199 26.18 0.80 54.71
N HIS B 200 25.59 1.42 55.73
CA HIS B 200 24.37 2.20 55.56
C HIS B 200 24.63 3.58 55.00
N GLN B 201 25.82 4.15 55.23
CA GLN B 201 26.07 5.52 54.79
C GLN B 201 26.23 5.60 53.28
N ALA B 202 26.87 4.60 52.66
CA ALA B 202 26.94 4.57 51.21
C ALA B 202 25.56 4.42 50.59
N THR B 203 24.72 3.56 51.16
CA THR B 203 23.34 3.43 50.69
C THR B 203 22.58 4.74 50.87
N ALA B 204 22.85 5.44 51.97
CA ALA B 204 22.19 6.72 52.20
C ALA B 204 22.61 7.76 51.16
N MET B 205 23.89 7.78 50.80
CA MET B 205 24.34 8.69 49.76
C MET B 205 23.70 8.34 48.42
N ALA B 206 23.60 7.05 48.11
CA ALA B 206 22.91 6.63 46.90
C ALA B 206 21.45 7.07 46.91
N ASP B 207 20.79 6.94 48.05
CA ASP B 207 19.40 7.38 48.17
C ASP B 207 19.27 8.88 48.04
N ILE B 208 20.26 9.64 48.54
CA ILE B 208 20.25 11.09 48.38
C ILE B 208 20.37 11.46 46.91
N ILE B 209 21.28 10.80 46.19
CA ILE B 209 21.43 11.10 44.76
C ILE B 209 20.18 10.70 43.99
N GLU B 210 19.55 9.59 44.37
CA GLU B 210 18.31 9.17 43.72
C GLU B 210 17.17 10.15 44.02
N TYR B 211 17.15 10.71 45.22
CA TYR B 211 16.07 11.61 45.62
C TYR B 211 16.07 12.88 44.79
N PHE B 212 17.25 13.46 44.56
CA PHE B 212 17.38 14.71 43.84
C PHE B 212 17.49 14.51 42.34
N ARG B 213 17.34 13.27 41.87
CA ARG B 213 17.23 12.96 40.45
C ARG B 213 18.50 13.36 39.70
N TRP B 214 19.62 12.90 40.24
CA TRP B 214 20.92 12.99 39.59
C TRP B 214 21.34 11.60 39.12
N ASN B 215 22.08 11.54 38.03
CA ASN B 215 22.66 10.29 37.57
C ASN B 215 24.11 10.40 37.12
N TRP B 216 24.71 11.59 37.16
CA TRP B 216 26.06 11.82 36.66
C TRP B 216 26.87 12.47 37.77
N VAL B 217 27.64 11.66 38.51
CA VAL B 217 28.34 12.09 39.70
C VAL B 217 29.79 11.63 39.63
N GLY B 218 30.62 12.25 40.47
CA GLY B 218 31.99 11.84 40.63
C GLY B 218 32.24 11.40 42.06
N THR B 219 33.29 10.61 42.26
CA THR B 219 33.58 10.04 43.56
C THR B 219 35.04 10.28 43.94
N ILE B 220 35.26 10.71 45.17
CA ILE B 220 36.59 10.83 45.75
C ILE B 220 36.60 10.08 47.07
N ALA B 221 37.70 9.40 47.35
CA ALA B 221 37.81 8.62 48.56
C ALA B 221 39.22 8.73 49.11
N ALA B 222 39.34 8.56 50.42
CA ALA B 222 40.65 8.46 51.05
C ALA B 222 41.27 7.11 50.74
N ASP B 223 42.58 7.11 50.50
CA ASP B 223 43.30 5.88 50.16
C ASP B 223 43.66 5.14 51.44
N ASP B 224 42.61 4.62 52.11
CA ASP B 224 42.78 3.87 53.35
C ASP B 224 41.58 2.97 53.54
N ASP B 225 41.58 2.24 54.66
CA ASP B 225 40.52 1.28 54.96
C ASP B 225 39.19 1.95 55.25
N TYR B 226 39.14 3.28 55.32
CA TYR B 226 37.88 3.99 55.51
C TYR B 226 37.21 4.34 54.18
N GLY B 227 37.91 5.11 53.35
CA GLY B 227 37.35 5.59 52.10
C GLY B 227 37.10 4.52 51.07
N ARG B 228 38.03 3.57 50.93
CA ARG B 228 37.90 2.58 49.87
C ARG B 228 36.70 1.66 50.03
N PRO B 229 36.47 1.00 51.18
CA PRO B 229 35.27 0.15 51.28
C PRO B 229 33.97 0.93 51.14
N GLY B 230 33.91 2.14 51.73
CA GLY B 230 32.71 2.93 51.62
C GLY B 230 32.43 3.36 50.19
N ILE B 231 33.47 3.75 49.46
CA ILE B 231 33.24 4.19 48.09
C ILE B 231 32.93 3.00 47.19
N GLU B 232 33.46 1.82 47.52
CA GLU B 232 33.07 0.63 46.78
C GLU B 232 31.60 0.29 47.00
N LYS B 233 31.15 0.38 48.25
CA LYS B 233 29.73 0.13 48.53
C LYS B 233 28.85 1.16 47.84
N PHE B 234 29.28 2.43 47.83
CA PHE B 234 28.51 3.45 47.12
C PHE B 234 28.49 3.18 45.62
N ARG B 235 29.61 2.72 45.05
CA ARG B 235 29.63 2.35 43.64
C ARG B 235 28.63 1.25 43.35
N GLU B 236 28.58 0.24 44.20
CA GLU B 236 27.63 -0.84 44.03
C GLU B 236 26.20 -0.33 44.10
N GLU B 237 25.89 0.50 45.11
CA GLU B 237 24.54 1.02 45.26
C GLU B 237 24.14 1.91 44.09
N ALA B 238 25.06 2.75 43.62
CA ALA B 238 24.79 3.61 42.48
C ALA B 238 24.54 2.79 41.22
N GLU B 239 25.33 1.74 41.03
CA GLU B 239 25.09 0.84 39.89
C GLU B 239 23.71 0.20 39.98
N GLU B 240 23.29 -0.17 41.19
CA GLU B 240 21.94 -0.69 41.37
C GLU B 240 20.89 0.37 41.05
N ARG B 241 21.15 1.62 41.43
CA ARG B 241 20.19 2.70 41.27
C ARG B 241 20.36 3.46 39.96
N ASP B 242 21.08 2.89 38.99
CA ASP B 242 21.24 3.49 37.65
C ASP B 242 21.85 4.89 37.73
N ILE B 243 22.90 5.02 38.53
CA ILE B 243 23.68 6.26 38.62
C ILE B 243 25.04 6.01 37.98
N CYS B 244 25.44 6.90 37.07
CA CYS B 244 26.72 6.78 36.37
C CYS B 244 27.77 7.60 37.10
N ILE B 245 28.89 6.97 37.42
CA ILE B 245 29.98 7.61 38.15
C ILE B 245 31.05 7.97 37.12
N ASP B 246 31.24 9.27 36.90
CA ASP B 246 32.18 9.73 35.89
C ASP B 246 33.61 9.37 36.27
N PHE B 247 34.02 9.71 37.49
CA PHE B 247 35.38 9.49 37.92
C PHE B 247 35.41 8.98 39.35
N SER B 248 36.45 8.21 39.65
CA SER B 248 36.71 7.71 41.01
C SER B 248 38.16 8.01 41.32
N GLU B 249 38.40 8.89 42.29
CA GLU B 249 39.75 9.31 42.64
C GLU B 249 40.05 8.94 44.09
N LEU B 250 41.31 8.64 44.35
CA LEU B 250 41.80 8.30 45.68
C LEU B 250 42.79 9.37 46.13
N ILE B 251 42.59 9.88 47.34
CA ILE B 251 43.44 10.93 47.89
C ILE B 251 43.91 10.51 49.27
N SER B 252 44.83 11.30 49.82
CA SER B 252 45.36 11.09 51.15
C SER B 252 45.98 12.40 51.61
N GLN B 253 46.32 12.47 52.90
CA GLN B 253 47.02 13.64 53.40
C GLN B 253 48.49 13.66 52.98
N TYR B 254 48.99 12.56 52.42
CA TYR B 254 50.35 12.46 51.92
C TYR B 254 50.40 12.39 50.41
N SER B 255 49.31 12.79 49.75
CA SER B 255 49.28 12.83 48.29
C SER B 255 50.19 13.94 47.79
N ASP B 256 51.03 13.61 46.82
CA ASP B 256 51.97 14.58 46.28
C ASP B 256 51.23 15.70 45.56
N GLU B 257 51.98 16.74 45.20
CA GLU B 257 51.40 17.86 44.48
C GLU B 257 50.87 17.42 43.12
N GLU B 258 51.61 16.53 42.43
CA GLU B 258 51.16 16.05 41.13
C GLU B 258 49.88 15.25 41.27
N GLU B 259 49.77 14.42 42.30
CA GLU B 259 48.56 13.63 42.51
C GLU B 259 47.35 14.52 42.76
N ILE B 260 47.51 15.50 43.65
CA ILE B 260 46.41 16.43 43.96
C ILE B 260 46.02 17.22 42.72
N GLN B 261 47.01 17.68 41.96
CA GLN B 261 46.73 18.46 40.77
C GLN B 261 46.03 17.62 39.70
N HIS B 262 46.40 16.33 39.60
CA HIS B 262 45.72 15.43 38.67
C HIS B 262 44.27 15.23 39.08
N VAL B 263 44.03 15.05 40.38
CA VAL B 263 42.65 14.88 40.85
C VAL B 263 41.84 16.15 40.58
N VAL B 264 42.45 17.31 40.79
CA VAL B 264 41.77 18.58 40.52
C VAL B 264 41.45 18.70 39.04
N GLU B 265 42.38 18.28 38.17
CA GLU B 265 42.12 18.29 36.73
C GLU B 265 40.95 17.38 36.38
N VAL B 266 40.92 16.19 36.99
CA VAL B 266 39.81 15.25 36.74
C VAL B 266 38.49 15.87 37.16
N ILE B 267 38.48 16.58 38.29
CA ILE B 267 37.27 17.26 38.74
C ILE B 267 36.86 18.34 37.74
N GLN B 268 37.82 19.14 37.29
CA GLN B 268 37.53 20.20 36.33
C GLN B 268 37.11 19.66 34.97
N ASN B 269 37.61 18.49 34.57
CA ASN B 269 37.31 17.92 33.27
C ASN B 269 36.02 17.11 33.26
N SER B 270 35.12 17.39 34.20
CA SER B 270 33.91 16.61 34.35
C SER B 270 32.70 17.54 34.38
N THR B 271 31.59 17.05 33.81
CA THR B 271 30.33 17.77 33.85
C THR B 271 29.52 17.46 35.10
N ALA B 272 30.02 16.56 35.95
CA ALA B 272 29.33 16.21 37.18
C ALA B 272 29.52 17.30 38.22
N LYS B 273 28.41 17.84 38.74
CA LYS B 273 28.47 18.79 39.84
C LYS B 273 28.39 18.13 41.19
N VAL B 274 27.89 16.90 41.26
CA VAL B 274 27.78 16.17 42.52
C VAL B 274 29.01 15.29 42.68
N ILE B 275 29.69 15.45 43.81
CA ILE B 275 30.90 14.71 44.13
C ILE B 275 30.71 14.07 45.49
N VAL B 276 30.72 12.75 45.54
CA VAL B 276 30.60 12.01 46.80
C VAL B 276 31.99 11.78 47.36
N VAL B 277 32.23 12.24 48.58
CA VAL B 277 33.56 12.17 49.18
C VAL B 277 33.48 11.26 50.41
N PHE B 278 34.24 10.18 50.40
CA PHE B 278 34.44 9.32 51.56
C PHE B 278 35.86 9.54 52.07
N SER B 279 36.02 10.54 52.92
CA SER B 279 37.33 10.88 53.44
C SER B 279 37.17 11.54 54.79
N SER B 280 38.28 11.63 55.51
CA SER B 280 38.37 12.42 56.72
C SER B 280 38.95 13.79 56.37
N GLY B 281 38.80 14.73 57.32
CA GLY B 281 39.34 16.06 57.14
C GLY B 281 40.82 16.14 56.89
N PRO B 282 41.66 15.45 57.66
CA PRO B 282 43.10 15.46 57.36
C PRO B 282 43.43 14.97 55.96
N ASP B 283 42.74 13.93 55.48
CA ASP B 283 43.05 13.34 54.18
C ASP B 283 42.37 14.08 53.03
N LEU B 284 41.50 15.05 53.33
CA LEU B 284 40.85 15.84 52.31
C LEU B 284 41.33 17.29 52.27
N GLU B 285 42.01 17.75 53.31
CA GLU B 285 42.45 19.15 53.36
C GLU B 285 43.32 19.56 52.18
N PRO B 286 44.35 18.79 51.78
CA PRO B 286 45.15 19.24 50.62
C PRO B 286 44.34 19.43 49.35
N LEU B 287 43.43 18.49 49.07
CA LEU B 287 42.59 18.59 47.89
C LEU B 287 41.70 19.82 47.96
N ILE B 288 41.08 20.06 49.12
CA ILE B 288 40.19 21.20 49.26
C ILE B 288 40.97 22.51 49.11
N LYS B 289 42.18 22.56 49.67
CA LYS B 289 43.00 23.76 49.53
C LYS B 289 43.37 24.00 48.08
N GLU B 290 43.76 22.95 47.35
CA GLU B 290 44.12 23.12 45.95
C GLU B 290 42.91 23.54 45.12
N ILE B 291 41.73 23.00 45.43
CA ILE B 291 40.51 23.38 44.71
C ILE B 291 40.14 24.83 45.03
N VAL B 292 40.34 25.25 46.28
CA VAL B 292 40.06 26.62 46.66
C VAL B 292 40.97 27.58 45.92
N ARG B 293 42.26 27.25 45.82
CA ARG B 293 43.20 28.15 45.17
C ARG B 293 42.86 28.31 43.69
N ARG B 294 42.16 27.34 43.10
CA ARG B 294 41.74 27.40 41.71
C ARG B 294 40.33 27.95 41.52
N ASN B 295 39.63 28.28 42.61
CA ASN B 295 38.27 28.82 42.55
C ASN B 295 37.35 27.93 41.72
N ILE B 296 37.34 26.64 42.04
CA ILE B 296 36.44 25.70 41.39
C ILE B 296 35.11 25.71 42.12
N THR B 297 34.20 26.57 41.69
CA THR B 297 32.91 26.73 42.34
C THR B 297 31.86 25.86 41.64
N GLY B 298 30.68 25.79 42.24
CA GLY B 298 29.57 25.09 41.64
C GLY B 298 29.60 23.58 41.77
N LYS B 299 30.24 23.04 42.79
CA LYS B 299 30.30 21.60 43.01
C LYS B 299 29.49 21.24 44.25
N ILE B 300 28.68 20.21 44.13
CA ILE B 300 27.80 19.77 45.21
C ILE B 300 28.50 18.62 45.92
N TRP B 301 29.09 18.90 47.08
CA TRP B 301 29.84 17.89 47.82
C TRP B 301 28.90 17.13 48.74
N LEU B 302 28.90 15.81 48.63
CA LEU B 302 28.21 14.92 49.55
C LEU B 302 29.22 14.33 50.49
N ALA B 303 29.15 14.73 51.76
CA ALA B 303 30.18 14.45 52.75
C ALA B 303 29.82 13.22 53.58
N SER B 304 30.82 12.39 53.82
CA SER B 304 30.68 11.32 54.79
C SER B 304 30.76 11.88 56.20
N GLU B 305 30.51 11.02 57.19
CA GLU B 305 30.49 11.47 58.57
C GLU B 305 31.86 12.00 59.02
N ALA B 306 32.93 11.54 58.40
CA ALA B 306 34.27 11.88 58.89
C ALA B 306 34.62 13.33 58.64
N TRP B 307 34.11 13.94 57.57
CA TRP B 307 34.43 15.32 57.26
C TRP B 307 33.22 16.23 57.10
N ALA B 308 32.00 15.72 57.29
CA ALA B 308 30.82 16.57 57.21
C ALA B 308 30.79 17.61 58.33
N SER B 309 31.41 17.32 59.47
CA SER B 309 31.48 18.26 60.58
C SER B 309 32.92 18.64 60.91
N SER B 310 33.85 18.33 60.02
CA SER B 310 35.26 18.62 60.28
C SER B 310 35.52 20.12 60.27
N SER B 311 36.31 20.57 61.24
CA SER B 311 36.72 21.96 61.30
C SER B 311 37.86 22.27 60.33
N LEU B 312 38.49 21.24 59.77
CA LEU B 312 39.54 21.44 58.78
C LEU B 312 38.99 21.81 57.42
N ILE B 313 37.83 21.28 57.05
CA ILE B 313 37.21 21.59 55.77
C ILE B 313 36.12 22.65 55.89
N ALA B 314 35.42 22.71 57.03
CA ALA B 314 34.37 23.71 57.22
C ALA B 314 34.97 25.02 57.74
N MET B 315 35.87 25.58 56.94
CA MET B 315 36.38 26.89 57.31
C MET B 315 35.76 27.96 56.42
N PRO B 316 35.47 29.15 56.97
CA PRO B 316 34.72 30.15 56.20
C PRO B 316 35.37 30.56 54.89
N GLN B 317 36.70 30.69 54.85
CA GLN B 317 37.35 31.12 53.62
C GLN B 317 37.32 30.05 52.53
N TYR B 318 36.88 28.83 52.86
CA TYR B 318 36.65 27.79 51.88
C TYR B 318 35.21 27.75 51.40
N PHE B 319 34.33 28.63 51.91
CA PHE B 319 32.91 28.47 51.67
C PHE B 319 32.54 28.56 50.19
N HIS B 320 33.32 29.28 49.39
CA HIS B 320 33.02 29.39 47.98
C HIS B 320 33.22 28.08 47.22
N VAL B 321 33.82 27.07 47.87
CA VAL B 321 34.07 25.79 47.23
C VAL B 321 33.31 24.68 47.92
N VAL B 322 33.12 24.80 49.24
CA VAL B 322 32.51 23.75 50.03
C VAL B 322 31.18 24.18 50.62
N GLY B 323 30.65 25.33 50.20
CA GLY B 323 29.37 25.78 50.69
C GLY B 323 28.23 24.90 50.22
N GLY B 324 27.17 24.86 51.02
CA GLY B 324 26.03 24.05 50.69
C GLY B 324 26.29 22.56 50.70
N THR B 325 27.37 22.13 51.33
CA THR B 325 27.71 20.72 51.39
C THR B 325 26.63 19.96 52.12
N ILE B 326 26.18 18.84 51.54
CA ILE B 326 25.23 17.95 52.19
C ILE B 326 25.99 16.80 52.80
N GLY B 327 25.94 16.69 54.12
CA GLY B 327 26.72 15.67 54.80
C GLY B 327 25.93 14.89 55.83
N PHE B 328 26.61 13.93 56.46
CA PHE B 328 26.01 13.06 57.46
C PHE B 328 26.60 13.36 58.83
N ALA B 329 25.75 13.22 59.84
CA ALA B 329 26.17 13.35 61.22
C ALA B 329 25.57 12.20 62.02
N LEU B 330 26.28 11.77 63.07
CA LEU B 330 25.74 10.73 63.91
C LEU B 330 24.65 11.30 64.82
N LYS B 331 23.95 10.41 65.51
CA LYS B 331 22.94 10.85 66.47
C LYS B 331 23.63 11.53 67.64
N ALA B 332 23.23 12.77 67.92
CA ALA B 332 23.81 13.51 69.02
C ALA B 332 23.40 12.89 70.35
N GLY B 333 24.28 13.03 71.34
CA GLY B 333 24.01 12.50 72.65
C GLY B 333 24.12 13.58 73.70
N GLN B 334 23.48 13.32 74.84
CA GLN B 334 23.48 14.25 75.97
C GLN B 334 24.31 13.64 77.10
N ILE B 335 25.37 14.35 77.48
CA ILE B 335 26.20 13.94 78.61
C ILE B 335 26.11 15.03 79.67
N PRO B 336 25.26 14.87 80.69
CA PRO B 336 25.13 15.93 81.71
C PRO B 336 26.44 16.14 82.46
N GLY B 337 26.78 17.41 82.67
CA GLY B 337 27.98 17.78 83.39
C GLY B 337 29.24 17.71 82.57
N PHE B 338 29.16 17.33 81.30
CA PHE B 338 30.37 17.19 80.49
C PHE B 338 31.02 18.54 80.22
N ARG B 339 30.21 19.56 79.94
CA ARG B 339 30.79 20.87 79.62
C ARG B 339 31.50 21.48 80.83
N GLU B 340 30.93 21.30 82.02
CA GLU B 340 31.60 21.79 83.22
C GLU B 340 32.95 21.11 83.42
N PHE B 341 32.99 19.78 83.21
CA PHE B 341 34.24 19.05 83.30
C PHE B 341 35.24 19.56 82.27
N LEU B 342 34.77 19.85 81.06
CA LEU B 342 35.64 20.40 80.03
C LEU B 342 36.23 21.74 80.46
N LYS B 343 35.38 22.62 81.02
CA LYS B 343 35.85 23.93 81.44
C LYS B 343 36.73 23.86 82.68
N LYS B 344 36.69 22.77 83.45
CA LYS B 344 37.53 22.63 84.63
C LYS B 344 38.94 22.17 84.31
N VAL B 345 39.35 22.20 83.04
CA VAL B 345 40.71 21.80 82.69
C VAL B 345 41.69 22.87 83.14
N HIS B 346 42.83 22.42 83.67
CA HIS B 346 43.87 23.31 84.16
C HIS B 346 45.20 22.59 83.98
N PRO B 347 46.26 23.31 83.61
CA PRO B 347 47.55 22.62 83.36
C PRO B 347 48.11 21.91 84.57
N ARG B 348 47.87 22.43 85.77
CA ARG B 348 48.47 21.89 86.98
C ARG B 348 47.52 21.05 87.82
N LYS B 349 46.23 21.42 87.87
CA LYS B 349 45.28 20.59 88.58
C LYS B 349 45.10 19.23 87.93
N SER B 350 45.15 19.18 86.60
CA SER B 350 45.04 17.91 85.87
C SER B 350 46.40 17.21 85.91
N VAL B 351 46.68 16.59 87.04
CA VAL B 351 47.94 15.86 87.19
C VAL B 351 47.87 14.51 86.48
N HIS B 352 46.67 13.96 86.32
CA HIS B 352 46.51 12.66 85.67
C HIS B 352 46.37 12.77 84.16
N ASN B 353 46.31 13.99 83.62
CA ASN B 353 46.22 14.20 82.18
C ASN B 353 47.48 14.91 81.71
N GLY B 354 48.31 14.21 80.95
CA GLY B 354 49.51 14.78 80.40
C GLY B 354 49.31 15.59 79.14
N PHE B 355 48.08 15.66 78.64
CA PHE B 355 47.74 16.46 77.48
C PHE B 355 47.15 17.81 77.84
N ALA B 356 47.02 18.12 79.13
CA ALA B 356 46.47 19.40 79.54
C ALA B 356 47.46 20.52 79.27
N LYS B 357 48.75 20.26 79.44
CA LYS B 357 49.77 21.30 79.26
C LYS B 357 49.82 21.76 77.81
N GLU B 358 49.90 20.83 76.87
CA GLU B 358 49.91 21.21 75.46
C GLU B 358 48.59 21.82 75.03
N PHE B 359 47.48 21.35 75.60
CA PHE B 359 46.19 21.97 75.32
C PHE B 359 46.18 23.43 75.74
N TRP B 360 46.71 23.71 76.93
CA TRP B 360 46.78 25.09 77.41
C TRP B 360 47.72 25.92 76.54
N GLU B 361 48.85 25.34 76.15
CA GLU B 361 49.82 26.07 75.33
C GLU B 361 49.26 26.43 73.96
N GLU B 362 48.54 25.49 73.34
CA GLU B 362 47.97 25.77 72.02
C GLU B 362 46.74 26.66 72.11
N THR B 363 45.96 26.53 73.17
CA THR B 363 44.73 27.30 73.31
C THR B 363 45.03 28.79 73.47
N PHE B 364 45.96 29.12 74.36
CA PHE B 364 46.27 30.50 74.68
C PHE B 364 47.56 30.98 74.02
N ASN B 365 48.17 30.15 73.17
CA ASN B 365 49.36 30.52 72.41
C ASN B 365 50.48 31.00 73.32
N CYS B 366 50.65 30.30 74.44
CA CYS B 366 51.67 30.63 75.42
C CYS B 366 52.50 29.39 75.71
N HIS B 367 53.46 29.54 76.62
CA HIS B 367 54.33 28.44 77.05
C HIS B 367 54.38 28.40 78.57
N LEU B 368 54.34 27.19 79.11
CA LEU B 368 54.42 27.02 80.56
C LEU B 368 55.55 26.06 80.94
N ARG B 400 56.74 33.95 71.77
CA ARG B 400 55.61 33.34 72.48
C ARG B 400 55.66 33.69 73.96
N PRO B 401 54.54 34.19 74.48
CA PRO B 401 54.51 34.60 75.90
C PRO B 401 54.43 33.41 76.84
N LEU B 402 54.29 33.68 78.14
CA LEU B 402 54.20 32.65 79.16
C LEU B 402 52.77 32.50 79.62
N CYS B 403 52.41 31.27 80.00
CA CYS B 403 51.08 30.97 80.50
C CYS B 403 51.00 31.33 81.97
N THR B 404 50.17 32.33 82.30
CA THR B 404 49.99 32.70 83.70
C THR B 404 49.29 31.59 84.48
N GLY B 405 48.47 30.81 83.81
CA GLY B 405 47.71 29.74 84.44
C GLY B 405 46.29 30.09 84.78
N ASP B 406 45.94 31.37 84.82
CA ASP B 406 44.60 31.82 85.18
C ASP B 406 43.77 32.22 83.97
N GLU B 407 44.22 31.93 82.76
CA GLU B 407 43.48 32.29 81.57
C GLU B 407 42.15 31.54 81.53
N ASN B 408 41.14 32.20 80.96
CA ASN B 408 39.79 31.63 80.89
C ASN B 408 39.65 30.77 79.65
N ILE B 409 39.19 29.53 79.84
CA ILE B 409 39.02 28.59 78.73
C ILE B 409 38.01 29.13 77.72
N SER B 410 36.95 29.79 78.19
CA SER B 410 35.92 30.31 77.31
C SER B 410 36.38 31.51 76.50
N SER B 411 37.53 32.09 76.82
CA SER B 411 37.98 33.27 76.10
C SER B 411 38.33 32.95 74.64
N VAL B 412 38.96 31.80 74.42
CA VAL B 412 39.43 31.42 73.08
C VAL B 412 38.45 30.42 72.49
N GLU B 413 38.07 30.65 71.23
CA GLU B 413 37.11 29.80 70.53
C GLU B 413 37.87 28.69 69.82
N THR B 414 37.77 27.47 70.35
CA THR B 414 38.35 26.27 69.76
C THR B 414 37.28 25.20 69.69
N PRO B 415 37.46 24.13 68.91
CA PRO B 415 36.47 23.04 68.92
C PRO B 415 36.33 22.33 70.26
N TYR B 416 37.13 22.70 71.26
CA TYR B 416 37.07 22.06 72.58
C TYR B 416 35.77 22.40 73.30
N ILE B 417 35.39 23.67 73.30
CA ILE B 417 34.15 24.12 73.92
C ILE B 417 33.12 24.55 72.88
N ASP B 418 33.53 25.18 71.78
CA ASP B 418 32.61 25.62 70.74
C ASP B 418 32.17 24.41 69.92
N TYR B 419 31.30 23.61 70.54
CA TYR B 419 30.65 22.49 69.88
C TYR B 419 29.15 22.62 70.07
N THR B 420 28.38 22.09 69.12
CA THR B 420 26.93 22.15 69.21
C THR B 420 26.32 20.83 69.66
N HIS B 421 26.85 19.72 69.16
CA HIS B 421 26.34 18.40 69.48
C HIS B 421 27.48 17.49 69.92
N LEU B 422 27.14 16.46 70.70
CA LEU B 422 28.10 15.50 71.20
C LEU B 422 27.84 14.18 70.49
N ARG B 423 28.47 14.00 69.32
CA ARG B 423 28.25 12.79 68.54
C ARG B 423 29.33 11.74 68.78
N ILE B 424 30.59 12.07 68.50
CA ILE B 424 31.67 11.12 68.75
C ILE B 424 32.05 11.12 70.21
N SER B 425 31.88 12.26 70.90
CA SER B 425 32.08 12.28 72.34
C SER B 425 31.11 11.34 73.03
N TYR B 426 29.86 11.31 72.56
CA TYR B 426 28.92 10.33 73.07
C TYR B 426 29.35 8.90 72.73
N ASN B 427 30.02 8.71 71.59
CA ASN B 427 30.54 7.38 71.27
C ASN B 427 31.62 6.95 72.26
N VAL B 428 32.51 7.87 72.64
CA VAL B 428 33.53 7.57 73.65
C VAL B 428 32.87 7.26 74.99
N TYR B 429 31.89 8.09 75.37
CA TYR B 429 31.13 7.86 76.59
C TYR B 429 30.48 6.47 76.59
N LEU B 430 29.89 6.09 75.46
CA LEU B 430 29.24 4.79 75.35
C LEU B 430 30.25 3.66 75.41
N ALA B 431 31.42 3.84 74.81
CA ALA B 431 32.45 2.80 74.89
C ALA B 431 32.85 2.56 76.34
N VAL B 432 33.11 3.65 77.08
CA VAL B 432 33.50 3.50 78.47
C VAL B 432 32.39 2.84 79.28
N TYR B 433 31.14 3.30 79.10
CA TYR B 433 30.05 2.75 79.88
C TYR B 433 29.73 1.32 79.48
N SER B 434 29.98 0.94 78.23
CA SER B 434 29.77 -0.44 77.82
C SER B 434 30.79 -1.35 78.47
N ILE B 435 32.06 -0.93 78.51
CA ILE B 435 33.05 -1.74 79.22
C ILE B 435 32.72 -1.82 80.70
N ALA B 436 32.27 -0.70 81.29
CA ALA B 436 31.90 -0.70 82.70
C ALA B 436 30.73 -1.63 82.96
N HIS B 437 29.74 -1.66 82.06
CA HIS B 437 28.59 -2.53 82.27
C HIS B 437 28.94 -4.00 82.05
N ALA B 438 29.87 -4.30 81.15
CA ALA B 438 30.39 -5.66 81.06
C ALA B 438 31.07 -6.07 82.35
N LEU B 439 31.88 -5.17 82.92
CA LEU B 439 32.50 -5.46 84.21
C LEU B 439 31.47 -5.63 85.32
N GLN B 440 30.39 -4.85 85.28
CA GLN B 440 29.32 -5.00 86.27
C GLN B 440 28.62 -6.34 86.12
N ASP B 441 28.36 -6.77 84.87
CA ASP B 441 27.79 -8.09 84.64
C ASP B 441 28.71 -9.19 85.16
N ILE B 442 30.02 -9.00 85.05
CA ILE B 442 30.95 -9.90 85.70
C ILE B 442 30.77 -9.86 87.21
N TYR B 443 30.64 -8.65 87.77
CA TYR B 443 30.50 -8.50 89.21
C TYR B 443 29.15 -9.00 89.71
N THR B 444 28.07 -8.60 89.05
CA THR B 444 26.73 -9.03 89.41
C THR B 444 26.38 -10.35 88.72
N CYS B 445 27.14 -11.39 89.04
CA CYS B 445 27.03 -12.69 88.41
C CYS B 445 26.65 -13.72 89.46
N LEU B 446 25.48 -14.34 89.28
CA LEU B 446 25.05 -15.38 90.21
C LEU B 446 25.87 -16.65 89.97
N PRO B 447 26.21 -17.39 91.04
CA PRO B 447 27.14 -18.52 90.90
C PRO B 447 26.78 -19.52 89.80
N GLY B 448 25.53 -19.95 89.76
CA GLY B 448 25.12 -20.90 88.75
C GLY B 448 24.78 -20.31 87.40
N ARG B 449 24.66 -18.99 87.30
CA ARG B 449 24.27 -18.32 86.06
C ARG B 449 25.45 -17.49 85.57
N GLY B 450 26.23 -18.08 84.67
CA GLY B 450 27.40 -17.40 84.13
C GLY B 450 27.55 -17.69 82.66
N LEU B 451 28.36 -16.85 82.01
CA LEU B 451 28.62 -16.98 80.58
C LEU B 451 29.72 -17.98 80.27
N PHE B 452 30.34 -18.57 81.27
CA PHE B 452 31.49 -19.43 81.09
C PHE B 452 31.10 -20.89 81.33
N THR B 453 32.10 -21.77 81.31
CA THR B 453 31.86 -23.21 81.36
C THR B 453 31.08 -23.60 82.61
N ASN B 454 30.07 -24.45 82.43
CA ASN B 454 29.22 -24.92 83.52
C ASN B 454 28.54 -23.76 84.24
N GLY B 455 28.27 -22.69 83.50
CA GLY B 455 27.63 -21.52 84.06
C GLY B 455 28.47 -20.82 85.12
N SER B 456 29.78 -21.02 85.07
CA SER B 456 30.66 -20.38 86.04
C SER B 456 30.77 -18.89 85.74
N CYS B 457 31.14 -18.14 86.77
CA CYS B 457 31.32 -16.69 86.66
C CYS B 457 32.78 -16.33 86.90
N ALA B 458 33.20 -15.23 86.28
CA ALA B 458 34.56 -14.75 86.46
C ALA B 458 34.71 -14.09 87.82
N ASP B 459 35.97 -13.85 88.20
CA ASP B 459 36.30 -13.16 89.43
C ASP B 459 36.65 -11.72 89.10
N ILE B 460 35.87 -10.78 89.64
CA ILE B 460 36.08 -9.37 89.34
C ILE B 460 37.45 -8.91 89.85
N LYS B 461 37.95 -9.53 90.92
CA LYS B 461 39.24 -9.13 91.46
C LYS B 461 40.39 -9.59 90.56
N LYS B 462 40.19 -10.69 89.84
CA LYS B 462 41.22 -11.26 88.97
C LYS B 462 40.60 -11.56 87.60
N VAL B 463 39.93 -10.56 87.06
CA VAL B 463 39.26 -10.72 85.76
C VAL B 463 40.28 -10.59 84.64
N GLU B 464 40.01 -11.29 83.54
CA GLU B 464 40.88 -11.31 82.38
C GLU B 464 40.17 -10.70 81.18
N ALA B 465 40.97 -10.27 80.20
CA ALA B 465 40.44 -9.51 79.07
C ALA B 465 39.43 -10.31 78.26
N TRP B 466 39.71 -11.59 78.02
CA TRP B 466 38.80 -12.41 77.22
C TRP B 466 37.43 -12.57 77.89
N GLN B 467 37.40 -12.62 79.22
CA GLN B 467 36.12 -12.68 79.92
C GLN B 467 35.32 -11.41 79.72
N VAL B 468 35.98 -10.26 79.78
CA VAL B 468 35.31 -8.99 79.50
C VAL B 468 34.84 -8.93 78.06
N LEU B 469 35.61 -9.51 77.13
CA LEU B 469 35.17 -9.59 75.75
C LEU B 469 33.91 -10.43 75.62
N LYS B 470 33.88 -11.57 76.31
CA LYS B 470 32.68 -12.42 76.31
C LYS B 470 31.47 -11.67 76.84
N HIS B 471 31.64 -10.92 77.94
CA HIS B 471 30.52 -10.19 78.49
C HIS B 471 30.13 -9.00 77.61
N LEU B 472 31.09 -8.42 76.90
CA LEU B 472 30.76 -7.34 75.97
C LEU B 472 29.97 -7.85 74.79
N ARG B 473 30.28 -9.06 74.32
CA ARG B 473 29.49 -9.66 73.25
C ARG B 473 28.07 -9.97 73.68
N HIS B 474 27.82 -10.14 74.98
CA HIS B 474 26.49 -10.41 75.49
C HIS B 474 26.01 -9.24 76.34
N LEU B 475 26.32 -8.02 75.92
CA LEU B 475 26.02 -6.82 76.68
C LEU B 475 24.81 -6.12 76.09
N ASN B 476 23.80 -5.88 76.93
CA ASN B 476 22.56 -5.21 76.53
C ASN B 476 22.14 -4.34 77.71
N PHE B 477 22.58 -3.08 77.68
CA PHE B 477 22.33 -2.17 78.79
C PHE B 477 21.54 -0.95 78.31
N THR B 478 21.35 0.02 79.20
CA THR B 478 20.51 1.18 78.93
C THR B 478 21.35 2.45 79.00
N ASN B 479 21.14 3.35 78.02
CA ASN B 479 21.79 4.65 78.02
C ASN B 479 21.33 5.52 79.19
N ASN B 480 21.98 6.66 79.33
CA ASN B 480 21.43 7.74 80.15
C ASN B 480 20.29 8.45 79.44
N MET B 481 20.11 8.21 78.14
CA MET B 481 18.96 8.71 77.40
C MET B 481 17.83 7.68 77.34
N GLY B 482 17.96 6.59 78.08
CA GLY B 482 16.93 5.56 78.10
C GLY B 482 16.76 4.84 76.77
N GLU B 483 17.88 4.54 76.12
CA GLU B 483 17.86 3.76 74.89
C GLU B 483 18.82 2.60 75.04
N GLN B 484 18.39 1.41 74.61
CA GLN B 484 19.18 0.21 74.81
C GLN B 484 20.40 0.18 73.88
N VAL B 485 21.53 -0.22 74.44
CA VAL B 485 22.76 -0.43 73.70
C VAL B 485 23.08 -1.92 73.75
N THR B 486 23.27 -2.50 72.57
CA THR B 486 23.70 -3.87 72.42
C THR B 486 24.56 -3.97 71.17
N PHE B 487 25.42 -4.97 71.14
CA PHE B 487 26.31 -5.22 70.01
C PHE B 487 25.85 -6.46 69.27
N ASP B 488 25.88 -6.40 67.94
CA ASP B 488 25.49 -7.53 67.11
C ASP B 488 26.62 -8.56 67.07
N GLU B 489 26.47 -9.58 66.23
CA GLU B 489 27.48 -10.63 66.13
C GLU B 489 28.80 -10.10 65.59
N CYS B 490 28.78 -8.97 64.89
CA CYS B 490 29.98 -8.34 64.38
C CYS B 490 30.47 -7.20 65.26
N GLY B 491 29.90 -7.06 66.46
CA GLY B 491 30.27 -5.99 67.36
C GLY B 491 29.94 -4.61 66.84
N ASP B 492 28.76 -4.45 66.25
CA ASP B 492 28.34 -3.18 65.67
C ASP B 492 27.13 -2.64 66.41
N LEU B 493 26.98 -1.33 66.37
CA LEU B 493 25.88 -0.61 67.02
C LEU B 493 25.18 0.22 65.96
N VAL B 494 24.10 -0.33 65.39
CA VAL B 494 23.40 0.34 64.30
C VAL B 494 22.68 1.58 64.82
N GLY B 495 22.77 2.67 64.06
CA GLY B 495 22.19 3.92 64.49
C GLY B 495 21.78 4.79 63.32
N ASN B 496 20.95 5.78 63.61
CA ASN B 496 20.46 6.72 62.61
C ASN B 496 21.55 7.65 62.13
N TYR B 497 21.26 8.35 61.03
CA TYR B 497 22.08 9.46 60.57
C TYR B 497 21.24 10.71 60.44
N SER B 498 21.90 11.87 60.50
CA SER B 498 21.26 13.16 60.33
C SER B 498 21.88 13.85 59.13
N ILE B 499 21.04 14.24 58.18
CA ILE B 499 21.48 14.93 56.98
C ILE B 499 21.57 16.42 57.30
N ILE B 500 22.78 16.97 57.22
CA ILE B 500 23.05 18.36 57.54
C ILE B 500 23.52 19.07 56.28
N ASN B 501 23.37 20.40 56.29
CA ASN B 501 23.76 21.25 55.18
C ASN B 501 24.69 22.35 55.68
N TRP B 502 25.78 22.57 54.95
CA TRP B 502 26.72 23.62 55.32
C TRP B 502 26.18 24.97 54.88
N HIS B 503 25.92 25.85 55.84
CA HIS B 503 25.47 27.19 55.58
C HIS B 503 26.53 28.19 56.02
N LEU B 504 26.21 29.48 55.87
CA LEU B 504 27.09 30.55 56.26
C LEU B 504 26.45 31.36 57.38
N SER B 505 27.21 31.60 58.44
CA SER B 505 26.67 32.31 59.59
C SER B 505 26.37 33.76 59.21
N PRO B 506 25.14 34.24 59.39
CA PRO B 506 24.83 35.63 59.03
C PRO B 506 25.60 36.66 59.84
N GLU B 507 26.05 36.32 61.05
CA GLU B 507 26.75 37.26 61.92
C GLU B 507 28.21 36.87 62.12
N ASP B 508 28.48 35.64 62.57
CA ASP B 508 29.85 35.23 62.81
C ASP B 508 30.64 35.09 61.51
N GLY B 509 29.97 34.67 60.45
CA GLY B 509 30.63 34.44 59.18
C GLY B 509 31.19 33.04 59.01
N SER B 510 31.12 32.21 60.03
CA SER B 510 31.61 30.84 59.95
C SER B 510 30.58 29.96 59.25
N ILE B 511 30.82 28.66 59.26
CA ILE B 511 29.95 27.69 58.62
C ILE B 511 29.09 27.00 59.68
N VAL B 512 27.79 26.93 59.41
CA VAL B 512 26.80 26.37 60.33
C VAL B 512 26.20 25.13 59.67
N PHE B 513 26.23 24.01 60.39
CA PHE B 513 25.66 22.75 59.90
C PHE B 513 24.19 22.72 60.31
N LYS B 514 23.30 22.99 59.35
CA LYS B 514 21.87 22.97 59.60
C LYS B 514 21.31 21.61 59.21
N GLU B 515 20.59 20.98 60.13
CA GLU B 515 19.97 19.70 59.84
C GLU B 515 18.85 19.89 58.82
N VAL B 516 18.97 19.20 57.69
CA VAL B 516 17.99 19.33 56.62
C VAL B 516 17.32 17.99 56.38
N GLY B 517 17.62 17.01 57.23
CA GLY B 517 16.90 15.75 57.15
C GLY B 517 17.47 14.65 58.02
N TYR B 518 17.00 13.43 57.82
CA TYR B 518 17.52 12.29 58.56
C TYR B 518 17.52 11.05 57.67
N TYR B 519 18.28 10.05 58.11
CA TYR B 519 18.29 8.73 57.50
C TYR B 519 18.02 7.72 58.60
N ASN B 520 16.89 7.02 58.48
CA ASN B 520 16.39 6.10 59.50
C ASN B 520 16.79 4.69 59.07
N VAL B 521 17.79 4.13 59.75
CA VAL B 521 18.29 2.80 59.36
C VAL B 521 17.32 1.70 59.72
N TYR B 522 16.36 1.95 60.61
CA TYR B 522 15.43 0.94 61.06
C TYR B 522 14.21 0.80 60.16
N ALA B 523 14.10 1.62 59.12
CA ALA B 523 13.05 1.47 58.14
C ALA B 523 13.46 0.40 57.12
N LYS B 524 12.63 0.17 56.12
CA LYS B 524 12.95 -0.76 55.05
C LYS B 524 13.39 0.01 53.83
N LYS B 525 14.07 -0.68 52.92
CA LYS B 525 14.59 -0.07 51.70
C LYS B 525 13.48 0.64 50.94
N GLY B 526 13.67 1.94 50.73
CA GLY B 526 12.73 2.74 49.98
C GLY B 526 12.24 4.00 50.68
N GLU B 527 12.13 3.99 52.01
CA GLU B 527 11.74 5.19 52.74
C GLU B 527 12.69 5.45 53.91
N ARG B 528 13.96 5.11 53.73
CA ARG B 528 14.98 5.29 54.76
C ARG B 528 15.50 6.71 54.82
N LEU B 529 15.16 7.55 53.85
CA LEU B 529 15.65 8.92 53.76
C LEU B 529 14.49 9.90 53.90
N PHE B 530 14.71 10.96 54.67
CA PHE B 530 13.82 12.10 54.68
C PHE B 530 14.66 13.36 54.54
N ILE B 531 14.30 14.23 53.61
CA ILE B 531 15.02 15.47 53.39
C ILE B 531 14.01 16.61 53.23
N ASN B 532 14.15 17.65 54.04
CA ASN B 532 13.36 18.86 53.88
C ASN B 532 14.13 19.80 52.97
N GLU B 533 13.83 19.74 51.67
CA GLU B 533 14.62 20.45 50.66
C GLU B 533 14.52 21.97 50.77
N GLU B 534 13.47 22.49 51.41
CA GLU B 534 13.36 23.94 51.57
C GLU B 534 14.38 24.49 52.56
N LYS B 535 15.04 23.64 53.33
CA LYS B 535 16.09 24.06 54.24
C LYS B 535 17.47 23.98 53.63
N ILE B 536 17.59 23.49 52.39
CA ILE B 536 18.88 23.34 51.73
C ILE B 536 19.21 24.61 50.97
N LEU B 537 20.46 25.06 51.08
CA LEU B 537 20.97 26.21 50.34
C LEU B 537 22.12 25.70 49.47
N TRP B 538 21.79 25.30 48.24
CA TRP B 538 22.79 24.74 47.34
C TRP B 538 23.91 25.74 47.08
N SER B 539 25.14 25.25 47.20
CA SER B 539 26.36 26.05 47.08
C SER B 539 26.39 27.22 48.04
N GLY B 540 25.56 27.21 49.08
CA GLY B 540 25.51 28.26 50.08
C GLY B 540 24.58 29.41 49.76
N PHE B 541 24.12 29.54 48.52
CA PHE B 541 23.26 30.66 48.14
C PHE B 541 22.02 30.21 47.39
N SER B 542 22.16 29.20 46.54
CA SER B 542 21.08 28.84 45.62
C SER B 542 19.96 28.09 46.35
N ARG B 543 18.75 28.24 45.84
CA ARG B 543 17.57 27.55 46.36
C ARG B 543 16.97 26.58 45.36
N GLU B 544 17.60 26.40 44.20
CA GLU B 544 17.13 25.48 43.18
C GLU B 544 18.06 24.27 43.12
N VAL B 545 17.48 23.08 42.96
CA VAL B 545 18.30 21.87 42.92
C VAL B 545 19.19 21.92 41.68
N PRO B 546 20.49 21.70 41.81
CA PRO B 546 21.38 21.80 40.64
C PRO B 546 21.15 20.64 39.68
N PHE B 547 21.69 20.81 38.48
CA PHE B 547 21.60 19.83 37.41
C PHE B 547 22.90 19.03 37.35
N SER B 548 22.81 17.72 37.59
CA SER B 548 23.97 16.84 37.61
C SER B 548 23.67 15.58 36.80
N ASN B 549 23.11 15.78 35.61
CA ASN B 549 22.90 14.70 34.64
C ASN B 549 23.84 14.93 33.48
N CYS B 550 24.33 13.83 32.89
CA CYS B 550 25.28 13.95 31.79
C CYS B 550 24.65 14.61 30.58
N SER B 551 23.45 14.19 30.20
CA SER B 551 22.78 14.70 29.02
C SER B 551 21.36 15.10 29.38
N ARG B 552 20.89 16.16 28.75
CA ARG B 552 19.54 16.64 29.01
C ARG B 552 18.52 15.65 28.47
N ASP B 553 17.41 15.53 29.19
CA ASP B 553 16.38 14.56 28.82
C ASP B 553 15.84 14.86 27.44
N CYS B 554 15.70 13.81 26.63
CA CYS B 554 15.08 13.94 25.32
C CYS B 554 13.57 14.14 25.48
N LEU B 555 13.03 15.02 24.66
CA LEU B 555 11.63 15.40 24.74
C LEU B 555 10.78 14.47 23.88
N ALA B 556 9.46 14.59 24.03
CA ALA B 556 8.52 13.77 23.28
C ALA B 556 8.74 13.94 21.78
N GLY B 557 8.76 12.82 21.06
CA GLY B 557 9.11 12.84 19.65
C GLY B 557 10.59 12.72 19.37
N THR B 558 11.39 12.38 20.37
CA THR B 558 12.84 12.25 20.21
C THR B 558 13.32 11.14 21.13
N ARG B 559 14.00 10.15 20.56
CA ARG B 559 14.52 9.02 21.31
C ARG B 559 15.97 9.26 21.71
N LYS B 560 16.50 8.32 22.49
CA LYS B 560 17.86 8.38 22.99
C LYS B 560 18.79 7.56 22.13
N GLY B 561 19.83 8.21 21.60
CA GLY B 561 20.87 7.52 20.86
C GLY B 561 22.15 7.38 21.66
N ILE B 562 22.92 6.34 21.33
CA ILE B 562 24.07 5.92 22.11
C ILE B 562 25.29 6.69 21.64
N ILE B 563 26.07 7.18 22.60
CA ILE B 563 27.39 7.76 22.33
C ILE B 563 28.40 6.65 22.59
N GLU B 564 29.17 6.30 21.56
CA GLU B 564 30.13 5.21 21.69
C GLU B 564 31.23 5.53 22.68
N GLY B 565 31.56 4.56 23.53
CA GLY B 565 32.63 4.69 24.49
C GLY B 565 32.25 5.41 25.76
N GLU B 566 31.02 5.89 25.86
CA GLU B 566 30.54 6.72 26.95
C GLU B 566 29.35 6.03 27.61
N PRO B 567 29.17 6.14 28.92
CA PRO B 567 28.17 5.31 29.60
C PRO B 567 26.74 5.69 29.23
N THR B 568 25.81 4.93 29.81
CA THR B 568 24.40 4.99 29.40
C THR B 568 23.76 6.33 29.70
N CYS B 569 24.21 7.00 30.76
CA CYS B 569 23.59 8.26 31.14
C CYS B 569 23.86 9.35 30.12
N CYS B 570 24.85 9.19 29.26
CA CYS B 570 25.20 10.20 28.27
C CYS B 570 24.62 9.73 26.93
N PHE B 571 23.58 10.40 26.48
CA PHE B 571 22.90 10.04 25.24
C PHE B 571 22.70 11.27 24.37
N GLU B 572 22.48 11.02 23.08
CA GLU B 572 22.10 12.06 22.13
C GLU B 572 20.59 12.03 21.93
N CYS B 573 20.06 13.13 21.43
CA CYS B 573 18.64 13.25 21.11
C CYS B 573 18.47 13.04 19.62
N VAL B 574 17.89 11.90 19.24
CA VAL B 574 17.68 11.57 17.84
C VAL B 574 16.18 11.63 17.55
N GLU B 575 15.79 12.47 16.61
CA GLU B 575 14.37 12.66 16.32
C GLU B 575 13.77 11.38 15.76
N CYS B 576 12.55 11.07 16.21
CA CYS B 576 11.85 9.91 15.69
C CYS B 576 11.55 10.09 14.21
N PRO B 577 11.59 9.02 13.42
CA PRO B 577 11.23 9.13 12.01
C PRO B 577 9.72 9.10 11.82
N ASP B 578 9.31 9.37 10.58
CA ASP B 578 7.89 9.35 10.25
C ASP B 578 7.33 7.96 10.45
N GLY B 579 6.08 7.90 10.92
CA GLY B 579 5.43 6.64 11.18
C GLY B 579 5.58 6.19 12.61
N GLU B 580 6.79 6.33 13.18
CA GLU B 580 7.02 6.04 14.58
C GLU B 580 6.80 7.32 15.40
N TYR B 581 6.84 7.18 16.72
CA TYR B 581 6.66 8.32 17.60
C TYR B 581 7.26 7.99 18.95
N SER B 582 7.44 9.03 19.77
CA SER B 582 7.84 8.89 21.17
C SER B 582 6.99 9.85 21.99
N ASP B 583 6.20 9.32 22.91
CA ASP B 583 5.29 10.13 23.69
C ASP B 583 5.86 10.58 25.02
N GLU B 584 6.66 9.72 25.68
CA GLU B 584 7.23 10.05 26.97
C GLU B 584 8.61 10.68 26.79
N THR B 585 9.16 11.17 27.89
CA THR B 585 10.52 11.68 27.91
C THR B 585 11.48 10.59 28.37
N ASP B 586 12.75 10.76 28.02
CA ASP B 586 13.79 9.76 28.28
C ASP B 586 13.38 8.41 27.72
N ALA B 587 12.95 8.43 26.47
CA ALA B 587 12.53 7.23 25.77
C ALA B 587 13.69 6.66 24.96
N SER B 588 13.86 5.34 25.05
CA SER B 588 14.96 4.67 24.38
C SER B 588 14.57 4.08 23.04
N ALA B 589 13.32 4.22 22.62
CA ALA B 589 12.87 3.64 21.36
C ALA B 589 11.70 4.43 20.81
N CYS B 590 11.69 4.61 19.50
CA CYS B 590 10.54 5.18 18.82
C CYS B 590 9.56 4.05 18.49
N ASN B 591 8.30 4.22 18.89
CA ASN B 591 7.28 3.20 18.69
C ASN B 591 6.47 3.52 17.44
N LYS B 592 6.25 2.51 16.61
CA LYS B 592 5.46 2.69 15.41
C LYS B 592 3.99 2.91 15.77
N CYS B 593 3.35 3.84 15.08
CA CYS B 593 1.91 3.99 15.22
C CYS B 593 1.20 2.72 14.75
N PRO B 594 0.06 2.39 15.31
CA PRO B 594 -0.63 1.15 14.94
C PRO B 594 -1.09 1.19 13.49
N ASP B 595 -1.74 0.11 13.07
CA ASP B 595 -2.31 0.05 11.75
C ASP B 595 -3.38 1.13 11.60
N ASP B 596 -3.50 1.65 10.38
CA ASP B 596 -4.43 2.73 10.07
C ASP B 596 -4.14 3.97 10.91
N PHE B 597 -2.88 4.17 11.26
CA PHE B 597 -2.48 5.31 12.08
C PHE B 597 -1.10 5.79 11.67
N TRP B 598 -0.96 7.10 11.50
CA TRP B 598 0.32 7.73 11.19
C TRP B 598 0.72 8.63 12.35
N SER B 599 1.90 9.23 12.24
CA SER B 599 2.44 10.09 13.28
C SER B 599 2.32 11.55 12.85
N ASN B 600 1.96 12.41 13.80
CA ASN B 600 1.84 13.84 13.51
C ASN B 600 3.21 14.47 13.29
N GLU B 601 3.23 15.79 13.07
CA GLU B 601 4.47 16.46 12.71
C GLU B 601 5.50 16.37 13.84
N ASN B 602 5.06 16.54 15.08
CA ASN B 602 5.99 16.56 16.23
C ASN B 602 6.37 15.17 16.71
N HIS B 603 5.81 14.10 16.16
CA HIS B 603 6.13 12.73 16.56
C HIS B 603 5.79 12.48 18.03
N THR B 604 4.92 13.31 18.60
CA THR B 604 4.52 13.18 19.99
C THR B 604 3.27 12.35 20.18
N SER B 605 2.55 12.02 19.11
CA SER B 605 1.35 11.22 19.19
C SER B 605 1.08 10.62 17.81
N CYS B 606 -0.01 9.87 17.70
CA CYS B 606 -0.39 9.25 16.44
C CYS B 606 -1.82 9.64 16.11
N ILE B 607 -2.04 10.11 14.89
CA ILE B 607 -3.36 10.46 14.39
C ILE B 607 -3.75 9.44 13.33
N ALA B 608 -5.05 9.19 13.20
CA ALA B 608 -5.53 8.29 12.15
C ALA B 608 -5.19 8.86 10.78
N LYS B 609 -4.89 7.97 9.84
CA LYS B 609 -4.54 8.39 8.50
C LYS B 609 -5.72 9.08 7.82
N GLU B 610 -5.40 10.03 6.95
CA GLU B 610 -6.40 10.78 6.22
C GLU B 610 -7.08 9.89 5.19
N ILE B 611 -8.42 9.88 5.24
CA ILE B 611 -9.24 9.03 4.38
C ILE B 611 -9.54 9.80 3.10
N GLU B 612 -9.06 9.28 1.97
CA GLU B 612 -9.17 9.99 0.70
C GLU B 612 -10.02 9.24 -0.29
N PHE B 613 -11.08 9.91 -0.76
CA PHE B 613 -11.94 9.48 -1.85
C PHE B 613 -12.63 10.72 -2.40
N LEU B 614 -13.18 10.60 -3.61
CA LEU B 614 -13.99 11.68 -4.19
C LEU B 614 -15.33 11.72 -3.46
N SER B 615 -15.49 12.69 -2.58
CA SER B 615 -16.64 12.74 -1.67
C SER B 615 -17.75 13.63 -2.22
N TRP B 616 -18.97 13.33 -1.80
CA TRP B 616 -20.12 14.15 -2.17
C TRP B 616 -20.04 15.54 -1.56
N THR B 617 -19.56 15.67 -0.32
CA THR B 617 -19.45 16.95 0.34
C THR B 617 -18.22 17.74 -0.10
N GLU B 618 -17.27 17.07 -0.73
CA GLU B 618 -16.12 17.76 -1.29
C GLU B 618 -16.58 18.74 -2.36
N PRO B 619 -16.03 19.97 -2.39
CA PRO B 619 -16.51 20.95 -3.38
C PRO B 619 -16.36 20.48 -4.82
N PHE B 620 -15.29 19.78 -5.15
CA PHE B 620 -15.16 19.22 -6.49
C PHE B 620 -16.25 18.20 -6.76
N GLY B 621 -16.56 17.37 -5.75
CA GLY B 621 -17.68 16.46 -5.89
C GLY B 621 -19.00 17.19 -6.03
N ILE B 622 -19.16 18.30 -5.33
CA ILE B 622 -20.39 19.10 -5.45
C ILE B 622 -20.53 19.61 -6.88
N ALA B 623 -19.46 20.13 -7.45
CA ALA B 623 -19.51 20.61 -8.83
C ALA B 623 -19.79 19.47 -9.81
N LEU B 624 -19.18 18.31 -9.58
CA LEU B 624 -19.40 17.17 -10.45
C LEU B 624 -20.85 16.69 -10.37
N THR B 625 -21.47 16.71 -9.19
CA THR B 625 -22.88 16.38 -9.08
C THR B 625 -23.76 17.43 -9.76
N LEU B 626 -23.39 18.71 -9.63
CA LEU B 626 -24.16 19.76 -10.28
C LEU B 626 -24.14 19.60 -11.79
N PHE B 627 -22.99 19.24 -12.35
CA PHE B 627 -22.91 19.03 -13.80
C PHE B 627 -23.72 17.81 -14.23
N ALA B 628 -23.70 16.74 -13.44
CA ALA B 628 -24.50 15.57 -13.77
C ALA B 628 -26.00 15.89 -13.73
N VAL B 629 -26.42 16.65 -12.71
CA VAL B 629 -27.82 17.06 -12.63
C VAL B 629 -28.18 17.98 -13.79
N LEU B 630 -27.26 18.86 -14.17
CA LEU B 630 -27.51 19.74 -15.31
C LEU B 630 -27.68 18.95 -16.59
N GLY B 631 -26.83 17.94 -16.79
CA GLY B 631 -26.97 17.08 -17.96
C GLY B 631 -28.28 16.31 -17.95
N ILE B 632 -28.67 15.80 -16.78
CA ILE B 632 -29.93 15.09 -16.67
C ILE B 632 -31.11 16.01 -17.01
N PHE B 633 -31.10 17.23 -16.49
CA PHE B 633 -32.18 18.17 -16.78
C PHE B 633 -32.18 18.65 -18.23
N LEU B 634 -31.01 18.84 -18.84
CA LEU B 634 -30.98 19.17 -20.26
C LEU B 634 -31.51 18.03 -21.11
N THR B 635 -31.16 16.80 -20.78
CA THR B 635 -31.70 15.65 -21.50
C THR B 635 -33.21 15.55 -21.32
N ALA B 636 -33.70 15.79 -20.10
CA ALA B 636 -35.14 15.79 -19.87
C ALA B 636 -35.83 16.90 -20.64
N PHE B 637 -35.20 18.07 -20.74
CA PHE B 637 -35.78 19.17 -21.50
C PHE B 637 -35.84 18.83 -22.99
N VAL B 638 -34.78 18.22 -23.51
CA VAL B 638 -34.78 17.81 -24.92
C VAL B 638 -35.87 16.77 -25.16
N LEU B 639 -36.02 15.83 -24.23
CA LEU B 639 -37.10 14.85 -24.32
C LEU B 639 -38.46 15.52 -24.30
N GLY B 640 -38.64 16.52 -23.43
CA GLY B 640 -39.90 17.23 -23.37
C GLY B 640 -40.22 17.97 -24.65
N VAL B 641 -39.21 18.60 -25.25
CA VAL B 641 -39.42 19.28 -26.52
C VAL B 641 -39.76 18.28 -27.62
N PHE B 642 -39.03 17.16 -27.65
CA PHE B 642 -39.29 16.09 -28.62
C PHE B 642 -40.64 15.44 -28.42
N ILE B 643 -41.24 15.54 -27.24
CA ILE B 643 -42.58 15.01 -27.02
C ILE B 643 -43.68 16.02 -27.26
N LYS B 644 -43.51 17.29 -26.89
CA LYS B 644 -44.48 18.32 -27.24
C LYS B 644 -44.47 18.65 -28.72
N PHE B 645 -43.49 18.15 -29.47
CA PHE B 645 -43.42 18.27 -30.92
C PHE B 645 -43.25 16.89 -31.55
N ARG B 646 -43.86 15.87 -30.97
CA ARG B 646 -43.63 14.50 -31.43
C ARG B 646 -44.16 14.24 -32.82
N ASN B 647 -45.00 15.14 -33.35
CA ASN B 647 -45.55 14.99 -34.69
C ASN B 647 -45.00 16.01 -35.68
N THR B 648 -44.05 16.86 -35.27
CA THR B 648 -43.46 17.80 -36.20
C THR B 648 -42.50 17.09 -37.15
N PRO B 649 -42.29 17.62 -38.35
CA PRO B 649 -41.42 16.93 -39.31
C PRO B 649 -40.00 16.69 -38.83
N ILE B 650 -39.41 17.62 -38.07
CA ILE B 650 -38.03 17.43 -37.63
C ILE B 650 -37.93 16.23 -36.70
N VAL B 651 -38.84 16.12 -35.74
CA VAL B 651 -38.80 15.02 -34.79
C VAL B 651 -39.06 13.70 -35.50
N LYS B 652 -39.91 13.69 -36.52
CA LYS B 652 -40.11 12.47 -37.30
C LYS B 652 -38.85 12.10 -38.08
N ALA B 653 -38.15 13.09 -38.63
CA ALA B 653 -36.99 12.80 -39.47
C ALA B 653 -35.90 12.09 -38.68
N THR B 654 -35.51 12.66 -37.55
CA THR B 654 -34.60 11.99 -36.61
C THR B 654 -35.44 10.99 -35.82
N ASN B 655 -35.19 9.71 -36.06
CA ASN B 655 -36.09 8.63 -35.64
C ASN B 655 -36.54 8.81 -34.19
N ARG B 656 -37.82 9.10 -34.00
CA ARG B 656 -38.27 9.56 -32.68
C ARG B 656 -38.31 8.44 -31.66
N GLU B 657 -38.57 7.21 -32.09
CA GLU B 657 -38.49 6.09 -31.17
C GLU B 657 -37.06 5.90 -30.68
N LEU B 658 -36.11 5.82 -31.61
CA LEU B 658 -34.71 5.74 -31.25
C LEU B 658 -34.22 7.02 -30.60
N SER B 659 -34.81 8.16 -30.92
CA SER B 659 -34.47 9.39 -30.22
C SER B 659 -34.86 9.31 -28.75
N TYR B 660 -36.05 8.78 -28.46
CA TYR B 660 -36.48 8.59 -27.08
C TYR B 660 -35.55 7.63 -26.36
N LEU B 661 -35.20 6.52 -27.02
CA LEU B 661 -34.32 5.54 -26.39
C LEU B 661 -32.94 6.15 -26.14
N LEU B 662 -32.45 6.96 -27.06
CA LEU B 662 -31.13 7.56 -26.91
C LEU B 662 -31.13 8.62 -25.81
N LEU B 663 -32.23 9.37 -25.68
CA LEU B 663 -32.32 10.34 -24.60
C LEU B 663 -32.40 9.65 -23.24
N PHE B 664 -33.15 8.54 -23.17
CA PHE B 664 -33.15 7.74 -21.95
C PHE B 664 -31.76 7.22 -21.64
N SER B 665 -31.03 6.79 -22.66
CA SER B 665 -29.68 6.29 -22.46
C SER B 665 -28.72 7.41 -22.05
N LEU B 666 -28.94 8.63 -22.51
CA LEU B 666 -28.14 9.76 -22.06
C LEU B 666 -28.42 10.10 -20.60
N LEU B 667 -29.69 10.02 -20.19
CA LEU B 667 -30.00 10.10 -18.76
C LEU B 667 -29.25 9.02 -17.98
N CYS B 668 -29.21 7.80 -18.54
CA CYS B 668 -28.48 6.73 -17.88
C CYS B 668 -26.98 7.04 -17.78
N CYS B 669 -26.41 7.62 -18.83
CA CYS B 669 -24.99 7.97 -18.81
C CYS B 669 -24.71 9.01 -17.74
N PHE B 670 -25.53 10.07 -17.69
CA PHE B 670 -25.34 11.11 -16.70
C PHE B 670 -25.54 10.57 -15.28
N SER B 671 -26.43 9.59 -15.11
CA SER B 671 -26.60 8.98 -13.81
C SER B 671 -25.42 8.10 -13.44
N SER B 672 -24.88 7.37 -14.42
CA SER B 672 -23.70 6.55 -14.17
C SER B 672 -22.51 7.40 -13.79
N SER B 673 -22.47 8.64 -14.28
CA SER B 673 -21.41 9.56 -13.85
C SER B 673 -21.46 9.80 -12.35
N LEU B 674 -22.61 9.56 -11.72
CA LEU B 674 -22.77 9.74 -10.29
C LEU B 674 -22.37 8.52 -9.47
N PHE B 675 -22.01 7.41 -10.12
CA PHE B 675 -21.54 6.22 -9.44
C PHE B 675 -20.04 6.26 -9.15
N PHE B 676 -19.35 7.31 -9.58
CA PHE B 676 -17.95 7.49 -9.30
C PHE B 676 -17.69 8.50 -8.19
N ILE B 677 -18.74 8.97 -7.52
CA ILE B 677 -18.62 9.94 -6.45
C ILE B 677 -18.98 9.26 -5.14
N GLY B 678 -18.43 9.77 -4.05
CA GLY B 678 -18.64 9.19 -2.74
C GLY B 678 -17.63 8.12 -2.43
N GLU B 679 -17.80 7.51 -1.27
CA GLU B 679 -16.89 6.48 -0.82
C GLU B 679 -17.06 5.23 -1.67
N PRO B 680 -16.02 4.74 -2.33
CA PRO B 680 -16.15 3.53 -3.14
C PRO B 680 -16.61 2.34 -2.32
N GLN B 681 -17.55 1.59 -2.88
CA GLN B 681 -18.11 0.41 -2.23
C GLN B 681 -18.22 -0.71 -3.25
N ASP B 682 -18.27 -1.95 -2.76
CA ASP B 682 -18.20 -3.11 -3.65
C ASP B 682 -19.28 -3.07 -4.71
N TRP B 683 -20.53 -2.80 -4.31
CA TRP B 683 -21.61 -2.70 -5.29
C TRP B 683 -21.40 -1.51 -6.21
N THR B 684 -20.97 -0.38 -5.65
CA THR B 684 -20.68 0.80 -6.46
C THR B 684 -19.54 0.53 -7.43
N CYS B 685 -18.49 -0.16 -6.97
CA CYS B 685 -17.38 -0.50 -7.85
C CYS B 685 -17.82 -1.43 -8.97
N ARG B 686 -18.67 -2.41 -8.66
CA ARG B 686 -19.17 -3.32 -9.67
C ARG B 686 -20.23 -2.70 -10.57
N LEU B 687 -20.78 -1.56 -10.19
CA LEU B 687 -21.84 -0.90 -10.95
C LEU B 687 -21.35 0.28 -11.78
N ARG B 688 -20.20 0.85 -11.44
CA ARG B 688 -19.76 2.09 -12.10
C ARG B 688 -19.35 1.85 -13.55
N GLN B 689 -18.41 0.92 -13.78
CA GLN B 689 -17.97 0.64 -15.15
C GLN B 689 -19.10 0.08 -16.00
N PRO B 690 -19.83 -0.96 -15.58
CA PRO B 690 -20.92 -1.47 -16.43
C PRO B 690 -21.98 -0.45 -16.78
N ALA B 691 -22.35 0.43 -15.84
CA ALA B 691 -23.43 1.36 -16.10
C ALA B 691 -23.09 2.28 -17.28
N PHE B 692 -21.94 2.94 -17.20
CA PHE B 692 -21.55 3.83 -18.29
C PHE B 692 -21.30 3.04 -19.57
N GLY B 693 -20.66 1.87 -19.47
CA GLY B 693 -20.40 1.10 -20.67
C GLY B 693 -21.66 0.76 -21.42
N ILE B 694 -22.63 0.18 -20.71
CA ILE B 694 -23.88 -0.23 -21.35
C ILE B 694 -24.65 0.99 -21.85
N SER B 695 -24.69 2.07 -21.06
CA SER B 695 -25.46 3.24 -21.46
C SER B 695 -24.89 3.88 -22.72
N PHE B 696 -23.57 4.02 -22.79
CA PHE B 696 -22.97 4.65 -23.95
C PHE B 696 -23.06 3.75 -25.17
N VAL B 697 -22.90 2.44 -24.99
CA VAL B 697 -23.09 1.52 -26.10
C VAL B 697 -24.52 1.57 -26.59
N LEU B 698 -25.47 1.78 -25.67
CA LEU B 698 -26.87 1.91 -26.05
C LEU B 698 -27.10 3.16 -26.89
N CYS B 699 -26.50 4.28 -26.48
CA CYS B 699 -26.59 5.50 -27.28
C CYS B 699 -25.99 5.27 -28.67
N ILE B 700 -24.82 4.66 -28.73
CA ILE B 700 -24.14 4.43 -30.00
C ILE B 700 -24.96 3.52 -30.89
N SER B 701 -25.55 2.47 -30.33
CA SER B 701 -26.37 1.56 -31.11
C SER B 701 -27.62 2.25 -31.63
N CYS B 702 -28.22 3.12 -30.83
CA CYS B 702 -29.35 3.90 -31.31
C CYS B 702 -28.94 4.76 -32.50
N ILE B 703 -27.79 5.43 -32.39
CA ILE B 703 -27.30 6.25 -33.50
C ILE B 703 -27.09 5.40 -34.74
N LEU B 704 -26.45 4.24 -34.57
CA LEU B 704 -26.12 3.38 -35.71
C LEU B 704 -27.37 2.86 -36.40
N VAL B 705 -28.33 2.36 -35.62
CA VAL B 705 -29.55 1.83 -36.22
C VAL B 705 -30.36 2.94 -36.87
N LYS B 706 -30.41 4.11 -36.25
CA LYS B 706 -31.09 5.25 -36.85
C LYS B 706 -30.48 5.62 -38.19
N THR B 707 -29.16 5.74 -38.25
CA THR B 707 -28.48 6.09 -39.49
C THR B 707 -28.66 5.03 -40.56
N ASN B 708 -28.54 3.75 -40.18
CA ASN B 708 -28.72 2.67 -41.16
C ASN B 708 -30.14 2.65 -41.70
N ARG B 709 -31.13 2.86 -40.84
CA ARG B 709 -32.51 2.92 -41.30
C ARG B 709 -32.71 4.05 -42.30
N VAL B 710 -32.24 5.25 -41.95
CA VAL B 710 -32.42 6.38 -42.86
C VAL B 710 -31.70 6.12 -44.18
N LEU B 711 -30.52 5.49 -44.12
CA LEU B 711 -29.77 5.14 -45.32
C LEU B 711 -30.49 4.15 -46.22
N LEU B 712 -31.05 3.08 -45.65
CA LEU B 712 -31.83 2.13 -46.44
C LEU B 712 -33.13 2.70 -46.97
N VAL B 713 -33.72 3.70 -46.30
CA VAL B 713 -34.88 4.35 -46.89
C VAL B 713 -34.49 5.16 -48.12
N PHE B 714 -33.32 5.81 -48.09
CA PHE B 714 -32.89 6.69 -49.17
C PHE B 714 -32.08 5.98 -50.24
N GLU B 715 -31.87 4.67 -50.12
CA GLU B 715 -31.13 3.92 -51.12
C GLU B 715 -31.94 2.71 -51.52
N ALA B 716 -33.23 2.92 -51.79
CA ALA B 716 -34.12 1.86 -52.26
C ALA B 716 -34.46 2.13 -53.72
N LYS B 717 -33.58 1.69 -54.62
CA LYS B 717 -33.93 1.68 -56.04
C LYS B 717 -35.05 0.70 -56.31
N ILE B 718 -35.21 -0.30 -55.44
CA ILE B 718 -36.31 -1.26 -55.47
C ILE B 718 -37.61 -0.50 -55.20
N PRO B 719 -38.79 -1.12 -55.41
CA PRO B 719 -40.04 -0.42 -55.07
C PRO B 719 -40.20 -0.20 -53.58
N THR B 720 -41.38 0.26 -53.17
CA THR B 720 -41.64 0.48 -51.75
C THR B 720 -41.33 -0.78 -50.95
N SER B 721 -40.61 -0.59 -49.84
CA SER B 721 -40.26 -1.73 -48.99
C SER B 721 -41.51 -2.41 -48.44
N PHE B 722 -42.52 -1.64 -48.09
CA PHE B 722 -43.77 -2.17 -47.54
C PHE B 722 -43.50 -3.07 -46.34
N HIS B 723 -42.64 -2.59 -45.45
CA HIS B 723 -42.28 -3.33 -44.24
C HIS B 723 -43.46 -3.29 -43.28
N ARG B 724 -44.50 -4.08 -43.57
CA ARG B 724 -45.74 -4.03 -42.81
C ARG B 724 -45.53 -4.58 -41.40
N LYS B 725 -46.61 -4.60 -40.62
CA LYS B 725 -46.61 -5.04 -39.23
C LYS B 725 -45.80 -4.09 -38.36
N TRP B 726 -45.81 -4.33 -37.05
CA TRP B 726 -45.00 -3.55 -36.12
C TRP B 726 -43.52 -3.94 -36.17
N TRP B 727 -43.11 -4.72 -37.17
CA TRP B 727 -41.76 -5.28 -37.19
C TRP B 727 -40.70 -4.22 -37.47
N GLY B 728 -41.09 -3.00 -37.85
CA GLY B 728 -40.10 -1.96 -38.10
C GLY B 728 -39.42 -1.43 -36.85
N LEU B 729 -40.22 -0.83 -35.96
CA LEU B 729 -39.69 -0.38 -34.68
C LEU B 729 -39.11 -1.54 -33.89
N ASN B 730 -39.75 -2.70 -33.96
CA ASN B 730 -39.22 -3.88 -33.30
C ASN B 730 -37.85 -4.26 -33.86
N LEU B 731 -37.67 -4.17 -35.17
CA LEU B 731 -36.38 -4.47 -35.76
C LEU B 731 -35.31 -3.49 -35.28
N GLN B 732 -35.66 -2.21 -35.20
CA GLN B 732 -34.76 -1.23 -34.62
C GLN B 732 -34.32 -1.65 -33.22
N PHE B 733 -35.30 -1.97 -32.38
CA PHE B 733 -35.00 -2.30 -30.99
C PHE B 733 -34.18 -3.58 -30.88
N LEU B 734 -34.45 -4.57 -31.72
CA LEU B 734 -33.65 -5.79 -31.71
C LEU B 734 -32.20 -5.53 -32.12
N LEU B 735 -31.98 -4.70 -33.14
CA LEU B 735 -30.59 -4.41 -33.51
C LEU B 735 -29.85 -3.70 -32.38
N VAL B 736 -30.50 -2.71 -31.77
CA VAL B 736 -29.94 -2.03 -30.61
C VAL B 736 -29.64 -3.04 -29.50
N PHE B 737 -30.56 -3.98 -29.29
CA PHE B 737 -30.39 -4.96 -28.23
C PHE B 737 -29.23 -5.90 -28.52
N LEU B 738 -29.02 -6.24 -29.80
CA LEU B 738 -27.88 -7.10 -30.13
C LEU B 738 -26.55 -6.43 -29.82
N CYS B 739 -26.41 -5.15 -30.17
CA CYS B 739 -25.18 -4.45 -29.81
C CYS B 739 -25.00 -4.40 -28.28
N THR B 740 -26.02 -3.91 -27.58
CA THR B 740 -25.97 -3.89 -26.13
C THR B 740 -25.83 -5.30 -25.55
N PHE B 741 -26.20 -6.32 -26.31
CA PHE B 741 -26.15 -7.70 -25.85
C PHE B 741 -24.73 -8.23 -25.86
N MET B 742 -23.97 -7.89 -26.90
CA MET B 742 -22.54 -8.18 -26.85
C MET B 742 -21.90 -7.50 -25.65
N GLN B 743 -22.25 -6.24 -25.43
CA GLN B 743 -21.69 -5.54 -24.26
C GLN B 743 -22.11 -6.22 -22.94
N ILE B 744 -23.36 -6.64 -22.85
CA ILE B 744 -23.88 -7.27 -21.63
C ILE B 744 -23.21 -8.62 -21.39
N VAL B 745 -22.91 -9.36 -22.45
CA VAL B 745 -22.19 -10.62 -22.28
C VAL B 745 -20.82 -10.36 -21.70
N ILE B 746 -20.10 -9.36 -22.23
CA ILE B 746 -18.83 -8.99 -21.64
C ILE B 746 -19.00 -8.65 -20.17
N CYS B 747 -20.04 -7.88 -19.87
CA CYS B 747 -20.30 -7.42 -18.51
C CYS B 747 -20.54 -8.58 -17.55
N VAL B 748 -21.39 -9.53 -17.94
CA VAL B 748 -21.76 -10.60 -17.03
C VAL B 748 -20.58 -11.55 -16.83
N ILE B 749 -19.83 -11.83 -17.90
CA ILE B 749 -18.64 -12.66 -17.75
C ILE B 749 -17.69 -12.02 -16.75
N TRP B 750 -17.48 -10.70 -16.88
CA TRP B 750 -16.65 -9.98 -15.92
C TRP B 750 -17.18 -10.12 -14.50
N LEU B 751 -18.40 -9.64 -14.27
CA LEU B 751 -18.94 -9.56 -12.91
C LEU B 751 -19.18 -10.91 -12.27
N TYR B 752 -19.19 -11.99 -13.05
CA TYR B 752 -19.32 -13.32 -12.47
C TYR B 752 -17.97 -13.97 -12.22
N THR B 753 -17.00 -13.76 -13.11
CA THR B 753 -15.69 -14.39 -12.92
C THR B 753 -14.87 -13.70 -11.85
N ALA B 754 -14.51 -12.44 -12.07
CA ALA B 754 -13.72 -11.66 -11.12
C ALA B 754 -14.34 -10.27 -11.00
N PRO B 755 -15.37 -10.12 -10.16
CA PRO B 755 -16.01 -8.82 -10.02
C PRO B 755 -15.09 -7.83 -9.32
N PRO B 756 -15.23 -6.54 -9.61
CA PRO B 756 -14.43 -5.53 -8.91
C PRO B 756 -14.74 -5.49 -7.42
N SER B 757 -13.94 -4.74 -6.68
CA SER B 757 -14.16 -4.61 -5.25
C SER B 757 -13.52 -3.33 -4.73
N SER B 758 -14.14 -2.74 -3.71
CA SER B 758 -13.54 -1.60 -3.03
C SER B 758 -12.28 -2.04 -2.31
N TYR B 759 -11.28 -1.16 -2.27
CA TYR B 759 -9.97 -1.48 -1.75
C TYR B 759 -9.40 -0.28 -1.02
N ARG B 760 -9.16 -0.43 0.28
CA ARG B 760 -8.37 0.54 1.00
C ARG B 760 -6.90 0.34 0.69
N ASN B 761 -6.21 1.43 0.38
CA ASN B 761 -4.83 1.38 -0.10
C ASN B 761 -3.96 2.24 0.80
N GLN B 762 -2.92 1.64 1.37
CA GLN B 762 -1.99 2.32 2.25
C GLN B 762 -0.56 2.24 1.73
N GLU B 763 -0.37 1.76 0.50
CA GLU B 763 0.97 1.58 -0.06
C GLU B 763 1.39 2.74 -0.96
N LEU B 764 0.42 3.39 -1.60
CA LEU B 764 0.73 4.50 -2.49
C LEU B 764 1.44 5.63 -1.74
N GLU B 765 0.88 6.03 -0.60
CA GLU B 765 1.49 6.99 0.29
C GLU B 765 1.60 6.36 1.67
N ASP B 766 2.00 7.18 2.65
CA ASP B 766 2.10 6.73 4.03
C ASP B 766 1.19 7.48 4.98
N GLU B 767 0.87 8.74 4.71
CA GLU B 767 0.02 9.54 5.57
C GLU B 767 -1.45 9.45 5.21
N ILE B 768 -1.79 8.85 4.07
CA ILE B 768 -3.14 8.88 3.52
C ILE B 768 -3.54 7.48 3.08
N ILE B 769 -4.78 7.11 3.39
CA ILE B 769 -5.40 5.87 2.93
C ILE B 769 -6.34 6.22 1.79
N PHE B 770 -6.04 5.72 0.61
CA PHE B 770 -6.85 5.99 -0.59
C PHE B 770 -7.84 4.84 -0.76
N ILE B 771 -9.13 5.17 -0.81
CA ILE B 771 -10.13 4.13 -1.06
C ILE B 771 -10.46 4.16 -2.55
N THR B 772 -10.10 3.08 -3.26
CA THR B 772 -10.23 3.01 -4.69
C THR B 772 -10.85 1.69 -5.10
N CYS B 773 -11.53 1.69 -6.24
CA CYS B 773 -12.06 0.46 -6.79
C CYS B 773 -10.96 -0.31 -7.51
N HIS B 774 -10.85 -1.59 -7.19
CA HIS B 774 -9.94 -2.49 -7.89
C HIS B 774 -10.77 -3.36 -8.82
N GLU B 775 -10.58 -3.18 -10.12
CA GLU B 775 -11.25 -4.02 -11.09
C GLU B 775 -10.74 -5.45 -10.99
N GLY B 776 -11.67 -6.41 -11.01
CA GLY B 776 -11.27 -7.80 -10.85
C GLY B 776 -10.42 -8.31 -11.99
N SER B 777 -10.73 -7.88 -13.22
CA SER B 777 -9.99 -8.33 -14.40
C SER B 777 -9.85 -7.12 -15.34
N LEU B 778 -8.61 -6.69 -15.55
CA LEU B 778 -8.35 -5.61 -16.49
C LEU B 778 -8.63 -6.06 -17.92
N MET B 779 -8.61 -7.36 -18.18
CA MET B 779 -8.90 -7.86 -19.52
C MET B 779 -10.34 -7.58 -19.92
N ALA B 780 -11.29 -7.80 -19.00
CA ALA B 780 -12.69 -7.55 -19.31
C ALA B 780 -12.96 -6.06 -19.49
N LEU B 781 -12.35 -5.22 -18.65
CA LEU B 781 -12.48 -3.78 -18.83
C LEU B 781 -11.89 -3.35 -20.17
N GLY B 782 -10.75 -3.92 -20.56
CA GLY B 782 -10.17 -3.60 -21.85
C GLY B 782 -11.08 -4.00 -22.99
N PHE B 783 -11.70 -5.17 -22.89
CA PHE B 783 -12.66 -5.60 -23.90
C PHE B 783 -13.85 -4.66 -23.97
N LEU B 784 -14.34 -4.22 -22.81
CA LEU B 784 -15.46 -3.29 -22.77
C LEU B 784 -15.13 -1.98 -23.48
N ILE B 785 -13.98 -1.40 -23.14
CA ILE B 785 -13.57 -0.16 -23.78
C ILE B 785 -13.34 -0.36 -25.28
N GLY B 786 -12.75 -1.49 -25.65
CA GLY B 786 -12.53 -1.76 -27.07
C GLY B 786 -13.82 -1.87 -27.84
N TYR B 787 -14.83 -2.50 -27.25
CA TYR B 787 -16.13 -2.59 -27.91
C TYR B 787 -16.75 -1.20 -28.08
N THR B 788 -16.65 -0.36 -27.04
CA THR B 788 -17.19 0.99 -27.15
C THR B 788 -16.48 1.78 -28.26
N CYS B 789 -15.15 1.69 -28.31
CA CYS B 789 -14.40 2.41 -29.35
C CYS B 789 -14.71 1.85 -30.73
N LEU B 790 -14.88 0.54 -30.85
CA LEU B 790 -15.23 -0.05 -32.13
C LEU B 790 -16.58 0.45 -32.62
N LEU B 791 -17.56 0.53 -31.72
CA LEU B 791 -18.87 1.04 -32.10
C LEU B 791 -18.79 2.52 -32.49
N ALA B 792 -17.94 3.28 -31.80
CA ALA B 792 -17.77 4.69 -32.19
C ALA B 792 -17.15 4.81 -33.58
N ALA B 793 -16.17 3.96 -33.90
CA ALA B 793 -15.60 3.97 -35.25
C ALA B 793 -16.64 3.58 -36.29
N ILE B 794 -17.50 2.61 -35.96
CA ILE B 794 -18.59 2.26 -36.87
C ILE B 794 -19.54 3.43 -37.05
N CYS B 795 -19.74 4.24 -35.99
CA CYS B 795 -20.52 5.47 -36.13
C CYS B 795 -19.85 6.43 -37.10
N PHE B 796 -18.52 6.54 -37.02
CA PHE B 796 -17.79 7.34 -38.01
C PHE B 796 -18.08 6.87 -39.43
N PHE B 797 -18.02 5.55 -39.64
CA PHE B 797 -18.25 5.02 -40.98
C PHE B 797 -19.66 5.27 -41.46
N PHE B 798 -20.65 5.09 -40.59
CA PHE B 798 -22.04 5.32 -40.99
C PHE B 798 -22.32 6.80 -41.22
N ALA B 799 -21.69 7.68 -40.44
CA ALA B 799 -21.79 9.10 -40.69
C ALA B 799 -21.20 9.47 -42.05
N PHE B 800 -20.08 8.82 -42.41
CA PHE B 800 -19.53 9.02 -43.74
C PHE B 800 -20.52 8.57 -44.80
N LYS B 801 -21.13 7.40 -44.61
CA LYS B 801 -22.07 6.87 -45.59
C LYS B 801 -23.34 7.70 -45.71
N SER B 802 -23.71 8.44 -44.66
CA SER B 802 -24.95 9.21 -44.67
C SER B 802 -24.73 10.69 -44.94
N ARG B 803 -23.62 11.04 -45.61
CA ARG B 803 -23.31 12.44 -45.89
C ARG B 803 -23.97 12.95 -47.16
N LYS B 804 -24.66 12.09 -47.91
CA LYS B 804 -25.27 12.45 -49.18
C LYS B 804 -26.79 12.39 -49.07
N LEU B 805 -27.32 12.90 -47.96
CA LEU B 805 -28.73 12.83 -47.64
C LEU B 805 -29.31 14.24 -47.41
N PRO B 806 -30.62 14.40 -47.54
CA PRO B 806 -31.22 15.72 -47.34
C PRO B 806 -30.96 16.28 -45.96
N GLU B 807 -31.16 17.60 -45.84
CA GLU B 807 -30.79 18.32 -44.62
C GLU B 807 -31.55 17.81 -43.41
N ASN B 808 -32.85 17.56 -43.57
CA ASN B 808 -33.64 17.06 -42.46
C ASN B 808 -33.19 15.68 -42.01
N PHE B 809 -32.61 14.89 -42.90
CA PHE B 809 -32.14 13.55 -42.59
C PHE B 809 -30.63 13.44 -42.53
N ASN B 810 -29.92 14.57 -42.54
CA ASN B 810 -28.47 14.59 -42.52
C ASN B 810 -28.01 14.93 -41.10
N GLU B 811 -27.29 14.00 -40.49
CA GLU B 811 -26.68 14.21 -39.19
C GLU B 811 -25.23 13.77 -39.17
N ALA B 812 -24.59 13.74 -40.34
CA ALA B 812 -23.25 13.18 -40.47
C ALA B 812 -22.24 13.95 -39.64
N LYS B 813 -22.22 15.29 -39.76
CA LYS B 813 -21.24 16.05 -39.01
C LYS B 813 -21.50 16.01 -37.52
N PHE B 814 -22.76 15.93 -37.11
CA PHE B 814 -23.07 15.84 -35.69
C PHE B 814 -22.62 14.52 -35.09
N ILE B 815 -22.85 13.40 -35.79
CA ILE B 815 -22.33 12.12 -35.34
C ILE B 815 -20.81 12.16 -35.28
N THR B 816 -20.19 12.71 -36.33
CA THR B 816 -18.73 12.76 -36.38
C THR B 816 -18.17 13.57 -35.23
N PHE B 817 -18.77 14.72 -34.93
CA PHE B 817 -18.25 15.58 -33.87
C PHE B 817 -18.52 15.00 -32.50
N SER B 818 -19.67 14.33 -32.32
CA SER B 818 -19.93 13.65 -31.06
C SER B 818 -18.88 12.59 -30.79
N MET B 819 -18.58 11.77 -31.80
CA MET B 819 -17.62 10.69 -31.57
C MET B 819 -16.20 11.22 -31.50
N LEU B 820 -15.92 12.33 -32.19
CA LEU B 820 -14.64 13.00 -32.03
C LEU B 820 -14.46 13.51 -30.61
N ILE B 821 -15.52 14.09 -30.04
CA ILE B 821 -15.44 14.54 -28.65
C ILE B 821 -15.18 13.36 -27.73
N PHE B 822 -15.89 12.25 -27.94
CA PHE B 822 -15.67 11.05 -27.15
C PHE B 822 -14.21 10.61 -27.20
N PHE B 823 -13.69 10.40 -28.41
CA PHE B 823 -12.33 9.91 -28.57
C PHE B 823 -11.31 10.91 -28.03
N ILE B 824 -11.47 12.19 -28.35
CA ILE B 824 -10.53 13.21 -27.92
C ILE B 824 -10.48 13.29 -26.40
N VAL B 825 -11.64 13.30 -25.75
CA VAL B 825 -11.68 13.40 -24.30
C VAL B 825 -11.04 12.18 -23.66
N TRP B 826 -11.39 10.98 -24.14
CA TRP B 826 -10.88 9.79 -23.47
C TRP B 826 -9.39 9.59 -23.73
N ILE B 827 -8.90 9.97 -24.91
CA ILE B 827 -7.47 9.87 -25.18
C ILE B 827 -6.71 10.91 -24.35
N SER B 828 -7.29 12.10 -24.19
CA SER B 828 -6.64 13.15 -23.41
C SER B 828 -6.40 12.73 -21.97
N PHE B 829 -7.28 11.91 -21.41
CA PHE B 829 -7.22 11.54 -20.00
C PHE B 829 -6.44 10.25 -19.75
N ILE B 830 -5.85 9.66 -20.79
CA ILE B 830 -5.05 8.45 -20.62
C ILE B 830 -3.83 8.71 -19.74
N PRO B 831 -3.03 9.76 -19.97
CA PRO B 831 -1.90 10.03 -19.06
C PRO B 831 -2.34 10.33 -17.64
N ALA B 832 -3.57 10.77 -17.43
CA ALA B 832 -4.11 10.97 -16.09
C ALA B 832 -4.55 9.66 -15.44
N TYR B 833 -5.16 8.77 -16.21
CA TYR B 833 -5.60 7.50 -15.66
C TYR B 833 -4.44 6.59 -15.31
N ALA B 834 -3.29 6.75 -15.98
CA ALA B 834 -2.14 5.91 -15.76
C ALA B 834 -1.12 6.52 -14.81
N SER B 835 -1.41 7.69 -14.23
CA SER B 835 -0.44 8.36 -13.38
C SER B 835 -1.06 8.99 -12.13
N THR B 836 -2.29 8.63 -11.79
CA THR B 836 -2.98 9.32 -10.72
C THR B 836 -3.81 8.32 -9.92
N TYR B 837 -4.04 8.65 -8.66
CA TYR B 837 -4.86 7.85 -7.76
C TYR B 837 -5.73 8.79 -6.93
N GLY B 838 -6.46 8.19 -6.00
CA GLY B 838 -7.26 8.96 -5.08
C GLY B 838 -8.49 9.57 -5.73
N LYS B 839 -8.89 10.72 -5.19
CA LYS B 839 -10.07 11.42 -5.66
C LYS B 839 -9.93 11.87 -7.11
N PHE B 840 -8.68 12.09 -7.54
CA PHE B 840 -8.46 12.69 -8.85
C PHE B 840 -8.71 11.71 -9.98
N VAL B 841 -8.46 10.42 -9.75
CA VAL B 841 -8.73 9.44 -10.82
C VAL B 841 -10.24 9.28 -11.03
N SER B 842 -11.01 9.27 -9.94
CA SER B 842 -12.46 9.28 -10.08
C SER B 842 -12.94 10.57 -10.69
N ALA B 843 -12.27 11.69 -10.40
CA ALA B 843 -12.60 12.95 -11.05
C ALA B 843 -12.35 12.88 -12.55
N VAL B 844 -11.25 12.24 -12.96
CA VAL B 844 -10.98 12.00 -14.37
C VAL B 844 -12.12 11.20 -14.99
N GLU B 845 -12.53 10.13 -14.31
CA GLU B 845 -13.60 9.28 -14.83
C GLU B 845 -14.89 10.09 -15.02
N VAL B 846 -15.27 10.87 -14.00
CA VAL B 846 -16.51 11.64 -14.06
C VAL B 846 -16.42 12.70 -15.14
N ILE B 847 -15.30 13.41 -15.24
CA ILE B 847 -15.17 14.47 -16.23
C ILE B 847 -15.22 13.90 -17.63
N ALA B 848 -14.55 12.77 -17.86
CA ALA B 848 -14.59 12.15 -19.18
C ALA B 848 -16.00 11.71 -19.54
N ILE B 849 -16.70 11.09 -18.59
CA ILE B 849 -18.07 10.63 -18.84
C ILE B 849 -18.98 11.81 -19.14
N LEU B 850 -18.88 12.87 -18.33
CA LEU B 850 -19.72 14.04 -18.52
C LEU B 850 -19.42 14.73 -19.84
N ALA B 851 -18.15 14.83 -20.21
CA ALA B 851 -17.79 15.45 -21.48
C ALA B 851 -18.35 14.66 -22.65
N ALA B 852 -18.21 13.33 -22.60
CA ALA B 852 -18.74 12.50 -23.68
C ALA B 852 -20.25 12.63 -23.79
N SER B 853 -20.94 12.55 -22.66
CA SER B 853 -22.40 12.62 -22.66
C SER B 853 -22.89 13.97 -23.15
N PHE B 854 -22.26 15.06 -22.65
CA PHE B 854 -22.66 16.39 -23.07
C PHE B 854 -22.40 16.61 -24.55
N GLY B 855 -21.25 16.16 -25.05
CA GLY B 855 -20.94 16.30 -26.44
C GLY B 855 -21.93 15.56 -27.31
N LEU B 856 -22.26 14.33 -26.94
CA LEU B 856 -23.21 13.56 -27.72
C LEU B 856 -24.58 14.22 -27.71
N LEU B 857 -25.07 14.60 -26.54
CA LEU B 857 -26.38 15.24 -26.42
C LEU B 857 -26.43 16.52 -27.24
N ALA B 858 -25.42 17.38 -27.08
CA ALA B 858 -25.40 18.64 -27.80
C ALA B 858 -25.37 18.42 -29.30
N CYS B 859 -24.42 17.62 -29.80
CA CYS B 859 -24.28 17.43 -31.23
C CYS B 859 -25.54 16.84 -31.84
N ILE B 860 -26.13 15.83 -31.19
CA ILE B 860 -27.28 15.16 -31.78
C ILE B 860 -28.59 15.92 -31.58
N PHE B 861 -28.68 16.85 -30.63
CA PHE B 861 -30.00 17.38 -30.33
C PHE B 861 -30.12 18.90 -30.31
N PHE B 862 -29.04 19.64 -30.05
CA PHE B 862 -29.17 21.06 -29.77
C PHE B 862 -29.61 21.84 -31.01
N ASN B 863 -29.07 21.50 -32.18
CA ASN B 863 -29.50 22.17 -33.40
C ASN B 863 -30.97 21.92 -33.69
N LYS B 864 -31.42 20.67 -33.52
CA LYS B 864 -32.82 20.35 -33.77
C LYS B 864 -33.73 21.06 -32.77
N ILE B 865 -33.32 21.12 -31.50
CA ILE B 865 -34.10 21.83 -30.50
C ILE B 865 -34.18 23.31 -30.85
N TYR B 866 -33.06 23.88 -31.30
CA TYR B 866 -33.03 25.28 -31.71
C TYR B 866 -34.02 25.53 -32.84
N ILE B 867 -34.03 24.67 -33.85
CA ILE B 867 -34.94 24.87 -34.97
C ILE B 867 -36.39 24.67 -34.54
N ILE B 868 -36.63 23.70 -33.66
CA ILE B 868 -37.99 23.41 -33.22
C ILE B 868 -38.57 24.60 -32.46
N LEU B 869 -37.83 25.09 -31.47
CA LEU B 869 -38.34 26.17 -30.62
C LEU B 869 -38.14 27.52 -31.28
N PHE B 870 -36.90 27.86 -31.60
CA PHE B 870 -36.60 29.17 -32.14
C PHE B 870 -36.68 29.13 -33.67
N LYS B 871 -37.27 30.18 -34.24
CA LYS B 871 -37.51 30.27 -35.67
C LYS B 871 -38.20 28.99 -36.16
N PRO B 872 -39.48 28.81 -35.85
CA PRO B 872 -40.10 27.49 -36.04
C PRO B 872 -40.43 27.15 -37.49
N SER B 873 -40.41 28.13 -38.39
CA SER B 873 -40.92 27.94 -39.73
C SER B 873 -40.27 26.77 -40.45
N ARG B 874 -38.99 26.51 -40.15
CA ARG B 874 -38.29 25.41 -40.82
C ARG B 874 -38.91 24.06 -40.49
N ASN B 875 -39.54 23.93 -39.32
CA ASN B 875 -40.13 22.67 -38.90
C ASN B 875 -41.33 22.31 -39.75
N GLY C 2 -37.03 -38.21 -52.60
CA GLY C 2 -37.57 -39.26 -53.43
C GLY C 2 -37.73 -40.58 -52.68
N CYS C 3 -38.77 -41.31 -53.04
CA CYS C 3 -39.09 -42.59 -52.38
C CYS C 3 -40.08 -43.34 -53.27
N THR C 4 -40.44 -44.55 -52.81
CA THR C 4 -41.48 -45.41 -53.39
C THR C 4 -41.33 -45.61 -54.91
N LEU C 5 -40.12 -45.39 -55.44
CA LEU C 5 -39.80 -45.62 -56.84
C LEU C 5 -40.80 -44.95 -57.78
N SER C 6 -41.14 -43.69 -57.51
CA SER C 6 -42.02 -42.92 -58.38
C SER C 6 -41.18 -42.38 -59.54
N ALA C 7 -41.07 -43.20 -60.58
CA ALA C 7 -40.15 -42.91 -61.68
C ALA C 7 -40.55 -41.67 -62.45
N GLU C 8 -41.83 -41.61 -62.87
CA GLU C 8 -42.28 -40.47 -63.66
C GLU C 8 -42.49 -39.24 -62.78
N ASP C 9 -42.79 -39.45 -61.49
CA ASP C 9 -43.02 -38.32 -60.60
C ASP C 9 -41.75 -37.49 -60.41
N LYS C 10 -40.58 -38.14 -60.40
CA LYS C 10 -39.34 -37.37 -60.24
C LYS C 10 -39.07 -36.52 -61.48
N ALA C 11 -39.41 -37.03 -62.66
CA ALA C 11 -39.31 -36.21 -63.87
C ALA C 11 -40.28 -35.04 -63.81
N ALA C 12 -41.48 -35.28 -63.29
CA ALA C 12 -42.43 -34.18 -63.09
C ALA C 12 -41.88 -33.14 -62.13
N VAL C 13 -41.22 -33.59 -61.06
CA VAL C 13 -40.63 -32.67 -60.10
C VAL C 13 -39.52 -31.86 -60.73
N GLU C 14 -38.71 -32.49 -61.59
CA GLU C 14 -37.65 -31.75 -62.28
C GLU C 14 -38.24 -30.71 -63.23
N ARG C 15 -39.33 -31.08 -63.92
CA ARG C 15 -40.02 -30.11 -64.77
C ARG C 15 -40.53 -28.93 -63.95
N SER C 16 -41.16 -29.22 -62.82
CA SER C 16 -41.64 -28.16 -61.93
C SER C 16 -40.49 -27.33 -61.40
N LYS C 17 -39.32 -27.95 -61.19
CA LYS C 17 -38.15 -27.21 -60.74
C LYS C 17 -37.70 -26.21 -61.80
N MET C 18 -37.66 -26.63 -63.06
CA MET C 18 -37.30 -25.70 -64.13
C MET C 18 -38.32 -24.57 -64.22
N ILE C 19 -39.61 -24.91 -64.13
CA ILE C 19 -40.66 -23.90 -64.24
C ILE C 19 -40.56 -22.90 -63.09
N GLU C 20 -40.33 -23.41 -61.87
CA GLU C 20 -40.18 -22.54 -60.71
C GLU C 20 -38.94 -21.66 -60.83
N LYS C 21 -37.86 -22.19 -61.40
CA LYS C 21 -36.68 -21.37 -61.65
C LYS C 21 -37.00 -20.22 -62.59
N GLN C 22 -37.73 -20.51 -63.66
CA GLN C 22 -38.11 -19.45 -64.59
C GLN C 22 -39.00 -18.41 -63.91
N LEU C 23 -39.97 -18.86 -63.12
CA LEU C 23 -40.86 -17.94 -62.42
C LEU C 23 -40.09 -17.07 -61.42
N GLN C 24 -39.15 -17.68 -60.68
CA GLN C 24 -38.36 -16.92 -59.72
C GLN C 24 -37.49 -15.89 -60.44
N LYS C 25 -36.93 -16.26 -61.59
CA LYS C 25 -36.15 -15.30 -62.37
C LYS C 25 -37.04 -14.14 -62.83
N ASP C 26 -38.27 -14.45 -63.27
CA ASP C 26 -39.18 -13.41 -63.73
C ASP C 26 -39.61 -12.51 -62.57
N LYS C 27 -39.63 -13.06 -61.36
CA LYS C 27 -40.04 -12.32 -60.18
C LYS C 27 -39.16 -11.09 -59.95
N GLN C 28 -37.86 -11.22 -60.21
CA GLN C 28 -36.95 -10.09 -60.02
C GLN C 28 -37.34 -8.93 -60.92
N VAL C 29 -37.56 -9.21 -62.20
CA VAL C 29 -37.93 -8.15 -63.15
C VAL C 29 -39.29 -7.57 -62.77
N TYR C 30 -40.25 -8.42 -62.42
CA TYR C 30 -41.58 -7.93 -62.09
C TYR C 30 -41.55 -7.03 -60.86
N ARG C 31 -40.82 -7.43 -59.82
CA ARG C 31 -40.74 -6.63 -58.61
C ARG C 31 -39.99 -5.33 -58.86
N ALA C 32 -38.91 -5.38 -59.63
CA ALA C 32 -38.14 -4.18 -59.92
C ALA C 32 -38.88 -3.21 -60.82
N THR C 33 -39.68 -3.72 -61.76
CA THR C 33 -40.36 -2.86 -62.73
C THR C 33 -41.39 -1.98 -62.04
N HIS C 34 -41.34 -0.69 -62.32
CA HIS C 34 -42.35 0.22 -61.82
C HIS C 34 -43.61 0.17 -62.68
N ARG C 35 -44.73 0.55 -62.08
CA ARG C 35 -46.03 0.46 -62.72
C ARG C 35 -46.64 1.84 -62.86
N LEU C 36 -47.12 2.15 -64.05
CA LEU C 36 -47.64 3.46 -64.40
C LEU C 36 -49.01 3.30 -65.03
N LEU C 37 -49.93 4.16 -64.62
CA LEU C 37 -51.29 4.18 -65.15
C LEU C 37 -51.42 5.42 -66.01
N LEU C 38 -51.38 5.26 -67.33
CA LEU C 38 -51.37 6.41 -68.23
C LEU C 38 -52.81 6.73 -68.61
N LEU C 39 -53.35 7.75 -67.95
CA LEU C 39 -54.71 8.19 -68.16
C LEU C 39 -54.73 9.30 -69.21
N GLY C 40 -55.86 9.99 -69.36
CA GLY C 40 -55.91 11.14 -70.24
C GLY C 40 -56.72 10.93 -71.50
N ALA C 41 -57.32 12.00 -72.02
CA ALA C 41 -58.11 11.92 -73.22
C ALA C 41 -57.24 11.74 -74.46
N ASP C 42 -57.89 11.38 -75.57
CA ASP C 42 -57.16 11.12 -76.81
C ASP C 42 -56.50 12.40 -77.35
N ASN C 43 -57.16 13.54 -77.18
CA ASN C 43 -56.61 14.81 -77.66
C ASN C 43 -55.38 15.24 -76.89
N SER C 44 -55.08 14.59 -75.76
CA SER C 44 -53.95 15.02 -74.93
C SER C 44 -52.63 14.83 -75.66
N GLY C 45 -52.61 14.03 -76.71
CA GLY C 45 -51.39 13.72 -77.41
C GLY C 45 -50.57 12.62 -76.80
N LYS C 46 -51.17 11.80 -75.93
CA LYS C 46 -50.43 10.72 -75.28
C LYS C 46 -49.89 9.72 -76.30
N SER C 47 -50.44 9.70 -77.51
CA SER C 47 -49.87 8.87 -78.56
C SER C 47 -48.45 9.32 -78.89
N THR C 48 -48.22 10.63 -78.97
CA THR C 48 -46.89 11.13 -79.25
C THR C 48 -45.91 10.77 -78.13
N ILE C 49 -46.36 10.87 -76.88
CA ILE C 49 -45.46 10.60 -75.77
C ILE C 49 -45.16 9.12 -75.65
N VAL C 50 -46.14 8.26 -75.95
CA VAL C 50 -45.88 6.82 -75.93
C VAL C 50 -44.98 6.43 -77.09
N LYS C 51 -45.11 7.13 -78.23
CA LYS C 51 -44.16 6.93 -79.31
C LYS C 51 -42.75 7.31 -78.88
N GLN C 52 -42.62 8.41 -78.14
CA GLN C 52 -41.31 8.81 -77.63
C GLN C 52 -40.76 7.77 -76.66
N MET C 53 -41.60 7.20 -75.81
CA MET C 53 -41.17 6.08 -74.97
C MET C 53 -40.70 4.90 -75.82
N ARG C 54 -41.37 4.65 -76.95
CA ARG C 54 -40.93 3.59 -77.85
C ARG C 54 -39.55 3.90 -78.40
N ILE C 55 -39.31 5.16 -78.74
CA ILE C 55 -38.00 5.58 -79.24
C ILE C 55 -36.96 5.45 -78.15
N LEU C 56 -37.15 6.16 -77.03
CA LEU C 56 -36.20 6.16 -75.93
C LEU C 56 -36.76 5.30 -74.79
N HIS C 57 -36.04 4.24 -74.45
CA HIS C 57 -36.46 3.32 -73.39
C HIS C 57 -36.66 4.05 -72.06
N ILE C 69 -52.70 -3.04 -78.20
CA ILE C 69 -52.85 -3.66 -76.90
C ILE C 69 -52.47 -2.69 -75.79
N PHE C 70 -52.14 -1.46 -76.21
CA PHE C 70 -51.82 -0.32 -75.35
C PHE C 70 -51.01 -0.70 -74.09
N GLU C 71 -49.86 -1.34 -74.30
CA GLU C 71 -48.88 -1.51 -73.24
C GLU C 71 -47.71 -0.58 -73.51
N THR C 72 -46.76 -0.56 -72.58
CA THR C 72 -45.51 0.17 -72.79
C THR C 72 -44.45 -0.39 -71.87
N LYS C 73 -43.46 -1.06 -72.43
CA LYS C 73 -42.28 -1.54 -71.72
C LYS C 73 -41.14 -0.60 -72.06
N PHE C 74 -40.69 0.23 -71.12
CA PHE C 74 -39.51 1.04 -71.39
C PHE C 74 -38.54 1.01 -70.21
N GLN C 75 -37.26 0.88 -70.51
CA GLN C 75 -36.22 0.68 -69.51
C GLN C 75 -35.38 1.95 -69.41
N VAL C 76 -35.64 2.77 -68.39
CA VAL C 76 -34.82 3.95 -68.15
C VAL C 76 -33.61 3.49 -67.34
N ASP C 77 -32.43 3.58 -67.95
CA ASP C 77 -31.20 3.09 -67.34
C ASP C 77 -31.36 1.63 -66.93
N LYS C 78 -31.33 1.36 -65.62
CA LYS C 78 -31.43 -0.01 -65.12
C LYS C 78 -32.81 -0.33 -64.53
N VAL C 79 -33.79 0.56 -64.66
CA VAL C 79 -35.11 0.35 -64.06
C VAL C 79 -36.16 0.31 -65.16
N ASN C 80 -37.00 -0.72 -65.12
CA ASN C 80 -38.05 -0.94 -66.10
C ASN C 80 -39.34 -0.24 -65.68
N PHE C 81 -40.16 0.08 -66.68
CA PHE C 81 -41.47 0.67 -66.44
C PHE C 81 -42.50 0.04 -67.36
N HIS C 82 -43.69 -0.19 -66.79
CA HIS C 82 -44.84 -0.75 -67.49
C HIS C 82 -46.00 0.22 -67.40
N MET C 83 -46.41 0.77 -68.55
CA MET C 83 -47.59 1.62 -68.64
C MET C 83 -48.77 0.76 -69.07
N PHE C 84 -49.79 0.68 -68.21
CA PHE C 84 -51.00 -0.04 -68.59
C PHE C 84 -51.82 0.76 -69.60
N ASP C 85 -51.75 2.09 -69.53
CA ASP C 85 -52.32 2.98 -70.55
C ASP C 85 -53.81 2.76 -70.76
N VAL C 86 -54.56 2.51 -69.69
CA VAL C 86 -56.01 2.50 -69.82
C VAL C 86 -56.49 3.93 -69.95
N GLY C 87 -57.57 4.14 -70.71
CA GLY C 87 -58.03 5.48 -70.98
C GLY C 87 -58.39 6.25 -69.73
N GLY C 88 -59.23 5.66 -68.87
CA GLY C 88 -59.68 6.33 -67.67
C GLY C 88 -60.35 7.64 -67.96
N GLN C 89 -60.89 7.76 -69.17
CA GLN C 89 -61.48 9.01 -69.62
C GLN C 89 -62.96 9.08 -69.29
N ARG C 90 -63.58 10.20 -69.63
CA ARG C 90 -65.00 10.38 -69.38
C ARG C 90 -65.83 9.39 -70.18
N ASP C 91 -65.46 9.15 -71.43
CA ASP C 91 -66.24 8.33 -72.34
C ASP C 91 -65.72 6.90 -72.47
N GLU C 92 -64.41 6.70 -72.37
CA GLU C 92 -63.84 5.38 -72.60
C GLU C 92 -64.30 4.40 -71.52
N ARG C 93 -64.61 3.18 -71.95
CA ARG C 93 -65.21 2.16 -71.08
C ARG C 93 -64.17 1.24 -70.45
N ARG C 94 -62.94 1.69 -70.24
CA ARG C 94 -61.93 0.89 -69.56
C ARG C 94 -62.09 1.06 -68.05
N LYS C 95 -63.09 0.38 -67.50
CA LYS C 95 -63.37 0.41 -66.08
C LYS C 95 -62.46 -0.55 -65.31
N TRP C 96 -61.17 -0.51 -65.63
CA TRP C 96 -60.18 -1.36 -64.97
C TRP C 96 -59.28 -0.56 -64.04
N ILE C 97 -59.83 0.49 -63.42
CA ILE C 97 -59.10 1.20 -62.39
C ILE C 97 -58.99 0.35 -61.13
N GLN C 98 -60.05 -0.38 -60.78
CA GLN C 98 -59.99 -1.27 -59.62
C GLN C 98 -58.92 -2.33 -59.82
N CYS C 99 -58.87 -2.95 -61.00
CA CYS C 99 -57.75 -3.78 -61.38
C CYS C 99 -56.53 -2.89 -61.63
N PHE C 100 -55.35 -3.49 -61.55
CA PHE C 100 -54.10 -2.78 -61.77
C PHE C 100 -54.01 -1.55 -60.87
N ASN C 101 -54.36 -1.76 -59.60
CA ASN C 101 -54.49 -0.65 -58.66
C ASN C 101 -53.17 -0.28 -58.00
N ASP C 102 -52.42 -1.26 -57.51
CA ASP C 102 -51.17 -0.99 -56.80
C ASP C 102 -50.08 -0.70 -57.85
N VAL C 103 -50.05 0.56 -58.29
CA VAL C 103 -49.09 1.01 -59.28
C VAL C 103 -48.18 2.05 -58.65
N THR C 104 -47.04 2.29 -59.29
CA THR C 104 -46.10 3.27 -58.79
C THR C 104 -46.57 4.70 -59.03
N ALA C 105 -47.17 4.99 -60.20
CA ALA C 105 -47.55 6.36 -60.46
C ALA C 105 -48.65 6.42 -61.50
N ILE C 106 -49.29 7.58 -61.60
CA ILE C 106 -50.33 7.86 -62.59
C ILE C 106 -49.78 8.95 -63.50
N ILE C 107 -49.80 8.70 -64.81
CA ILE C 107 -49.36 9.68 -65.80
C ILE C 107 -50.61 10.29 -66.43
N PHE C 108 -50.90 11.54 -66.07
CA PHE C 108 -52.10 12.22 -66.55
C PHE C 108 -51.68 13.25 -67.59
N VAL C 109 -51.81 12.90 -68.85
CA VAL C 109 -51.41 13.75 -69.97
C VAL C 109 -52.59 14.64 -70.32
N VAL C 110 -52.33 15.94 -70.47
CA VAL C 110 -53.38 16.93 -70.73
C VAL C 110 -52.96 17.80 -71.91
N ASP C 111 -53.93 18.08 -72.78
CA ASP C 111 -53.73 18.99 -73.91
C ASP C 111 -54.09 20.39 -73.44
N SER C 112 -53.08 21.11 -72.93
CA SER C 112 -53.32 22.46 -72.44
C SER C 112 -53.63 23.43 -73.57
N SER C 113 -53.38 23.05 -74.83
CA SER C 113 -53.63 23.95 -75.94
C SER C 113 -55.12 24.20 -76.14
N ASP C 114 -55.94 23.15 -76.02
CA ASP C 114 -57.38 23.25 -76.28
C ASP C 114 -58.07 23.69 -75.00
N TYR C 115 -58.60 24.92 -75.02
CA TYR C 115 -59.23 25.47 -73.83
C TYR C 115 -60.60 24.83 -73.58
N ASN C 116 -61.34 24.55 -74.64
CA ASN C 116 -62.71 24.05 -74.48
C ASN C 116 -62.72 22.70 -73.77
N ARG C 117 -61.81 21.81 -74.16
CA ARG C 117 -61.68 20.51 -73.52
C ARG C 117 -60.85 20.57 -72.23
N LEU C 118 -60.27 21.72 -71.92
CA LEU C 118 -59.44 21.82 -70.71
C LEU C 118 -60.29 21.67 -69.45
N GLN C 119 -61.51 22.20 -69.47
CA GLN C 119 -62.39 22.06 -68.31
C GLN C 119 -62.76 20.59 -68.09
N GLU C 120 -63.00 19.87 -69.19
CA GLU C 120 -63.23 18.43 -69.09
C GLU C 120 -61.99 17.72 -68.55
N ALA C 121 -60.81 18.22 -68.92
CA ALA C 121 -59.58 17.68 -68.33
C ALA C 121 -59.54 17.92 -66.83
N LEU C 122 -59.96 19.12 -66.39
CA LEU C 122 -60.11 19.38 -64.97
C LEU C 122 -61.02 18.36 -64.31
N ASN C 123 -62.17 18.09 -64.93
CA ASN C 123 -63.12 17.13 -64.35
C ASN C 123 -62.51 15.73 -64.26
N ASP C 124 -61.80 15.31 -65.31
CA ASP C 124 -61.17 13.99 -65.28
C ASP C 124 -60.12 13.91 -64.19
N PHE C 125 -59.31 14.96 -64.04
CA PHE C 125 -58.29 14.97 -62.99
C PHE C 125 -58.92 14.95 -61.62
N LYS C 126 -60.03 15.69 -61.44
CA LYS C 126 -60.75 15.67 -60.18
C LYS C 126 -61.25 14.26 -59.86
N SER C 127 -61.83 13.60 -60.86
CA SER C 127 -62.35 12.24 -60.66
C SER C 127 -61.23 11.28 -60.29
N ILE C 128 -60.08 11.41 -60.96
CA ILE C 128 -58.96 10.51 -60.67
C ILE C 128 -58.38 10.77 -59.29
N TRP C 129 -58.18 12.05 -58.94
CA TRP C 129 -57.56 12.41 -57.67
C TRP C 129 -58.47 12.13 -56.49
N ASN C 130 -59.79 12.16 -56.67
CA ASN C 130 -60.71 11.86 -55.59
C ASN C 130 -61.14 10.41 -55.52
N ASN C 131 -60.88 9.62 -56.56
CA ASN C 131 -61.22 8.21 -56.54
C ASN C 131 -60.47 7.49 -55.43
N ARG C 132 -61.21 6.89 -54.51
CA ARG C 132 -60.59 6.25 -53.36
C ARG C 132 -59.80 5.01 -53.73
N TRP C 133 -60.05 4.43 -54.91
CA TRP C 133 -59.21 3.32 -55.37
C TRP C 133 -57.78 3.78 -55.58
N LEU C 134 -57.59 4.98 -56.14
CA LEU C 134 -56.28 5.52 -56.45
C LEU C 134 -55.86 6.63 -55.50
N ARG C 135 -56.35 6.59 -54.25
CA ARG C 135 -56.02 7.65 -53.29
C ARG C 135 -54.53 7.65 -52.97
N THR C 136 -53.96 6.47 -52.72
CA THR C 136 -52.55 6.40 -52.37
C THR C 136 -51.65 6.83 -53.53
N ILE C 137 -52.00 6.42 -54.76
CA ILE C 137 -51.11 6.63 -55.89
C ILE C 137 -51.06 8.12 -56.26
N SER C 138 -49.86 8.60 -56.55
CA SER C 138 -49.65 9.98 -56.96
C SER C 138 -49.92 10.14 -58.45
N VAL C 139 -49.77 11.36 -58.94
CA VAL C 139 -50.07 11.70 -60.34
C VAL C 139 -48.86 12.40 -60.93
N ILE C 140 -48.35 11.86 -62.03
CA ILE C 140 -47.31 12.54 -62.82
C ILE C 140 -48.06 13.31 -63.91
N LEU C 141 -48.28 14.59 -63.66
CA LEU C 141 -49.14 15.40 -64.51
C LEU C 141 -48.34 15.99 -65.66
N PHE C 142 -48.52 15.43 -66.86
CA PHE C 142 -47.85 15.94 -68.06
C PHE C 142 -48.79 16.88 -68.81
N LEU C 143 -48.62 18.18 -68.57
CA LEU C 143 -49.35 19.15 -69.36
C LEU C 143 -48.71 19.23 -70.75
N ASN C 144 -49.29 18.52 -71.71
CA ASN C 144 -48.64 18.23 -72.98
C ASN C 144 -49.11 19.19 -74.06
N LYS C 145 -48.51 19.04 -75.25
CA LYS C 145 -48.82 19.87 -76.43
C LYS C 145 -48.69 21.35 -76.09
N GLN C 146 -47.67 21.66 -75.28
CA GLN C 146 -47.55 22.99 -74.69
C GLN C 146 -47.14 24.05 -75.69
N ASP C 147 -46.45 23.64 -76.76
CA ASP C 147 -45.99 24.60 -77.77
C ASP C 147 -47.16 25.26 -78.47
N LEU C 148 -48.19 24.49 -78.81
CA LEU C 148 -49.39 25.07 -79.43
C LEU C 148 -50.10 26.01 -78.47
N LEU C 149 -50.07 25.70 -77.17
CA LEU C 149 -50.58 26.66 -76.18
C LEU C 149 -49.76 27.95 -76.21
N ALA C 150 -48.45 27.84 -76.35
CA ALA C 150 -47.61 29.03 -76.46
C ALA C 150 -47.99 29.84 -77.69
N GLU C 151 -48.21 29.17 -78.82
CA GLU C 151 -48.61 29.89 -80.04
C GLU C 151 -49.96 30.58 -79.84
N LYS C 152 -50.91 29.88 -79.20
CA LYS C 152 -52.24 30.47 -79.00
C LYS C 152 -52.15 31.71 -78.11
N VAL C 153 -51.42 31.62 -76.99
CA VAL C 153 -51.33 32.77 -76.10
C VAL C 153 -50.51 33.90 -76.74
N LEU C 154 -49.54 33.56 -77.60
CA LEU C 154 -48.77 34.60 -78.26
C LEU C 154 -49.65 35.48 -79.13
N ALA C 155 -50.58 34.89 -79.85
CA ALA C 155 -51.55 35.65 -80.61
C ALA C 155 -52.76 36.01 -79.74
N GLY C 156 -53.65 36.83 -80.29
CA GLY C 156 -54.85 37.20 -79.58
C GLY C 156 -56.05 36.43 -80.06
N LYS C 157 -55.81 35.31 -80.74
CA LYS C 157 -56.89 34.52 -81.32
C LYS C 157 -57.80 33.94 -80.24
N SER C 158 -57.22 33.33 -79.22
CA SER C 158 -57.97 32.73 -78.13
C SER C 158 -57.35 33.15 -76.81
N LYS C 159 -58.21 33.31 -75.80
CA LYS C 159 -57.78 33.76 -74.48
C LYS C 159 -58.32 32.84 -73.41
N ILE C 160 -57.61 32.77 -72.29
CA ILE C 160 -58.03 31.97 -71.16
C ILE C 160 -59.34 32.51 -70.59
N GLU C 161 -59.54 33.82 -70.67
CA GLU C 161 -60.74 34.44 -70.10
C GLU C 161 -62.01 33.92 -70.76
N ASP C 162 -61.90 33.32 -71.95
CA ASP C 162 -63.07 32.82 -72.65
C ASP C 162 -63.77 31.72 -71.85
N TYR C 163 -62.99 30.81 -71.25
CA TYR C 163 -63.59 29.68 -70.54
C TYR C 163 -63.34 29.79 -69.05
N PHE C 164 -62.08 29.88 -68.63
CA PHE C 164 -61.78 30.06 -67.22
C PHE C 164 -62.02 31.51 -66.85
N PRO C 165 -62.90 31.78 -65.89
CA PRO C 165 -63.25 33.18 -65.59
C PRO C 165 -62.15 33.91 -64.85
N GLU C 166 -61.52 33.24 -63.89
CA GLU C 166 -60.52 33.91 -63.06
C GLU C 166 -59.12 33.81 -63.64
N PHE C 167 -58.95 34.24 -64.90
CA PHE C 167 -57.61 34.48 -65.41
C PHE C 167 -57.08 35.85 -64.99
N ALA C 168 -57.95 36.77 -64.61
CA ALA C 168 -57.54 38.06 -64.10
C ALA C 168 -57.18 37.95 -62.63
N ARG C 169 -56.51 38.98 -62.12
CA ARG C 169 -56.00 39.00 -60.75
C ARG C 169 -55.06 37.82 -60.51
N TYR C 170 -54.36 37.40 -61.57
CA TYR C 170 -53.43 36.29 -61.52
C TYR C 170 -52.06 36.78 -61.97
N THR C 171 -51.15 36.93 -61.01
CA THR C 171 -49.76 37.25 -61.29
C THR C 171 -48.97 35.95 -61.31
N THR C 172 -47.95 35.89 -62.16
CA THR C 172 -47.13 34.70 -62.27
C THR C 172 -46.54 34.35 -60.90
N PRO C 173 -46.75 33.15 -60.40
CA PRO C 173 -46.33 32.82 -59.03
C PRO C 173 -44.83 32.95 -58.86
N GLU C 174 -44.41 33.23 -57.62
CA GLU C 174 -43.00 33.37 -57.30
C GLU C 174 -42.25 32.08 -57.62
N ASP C 175 -41.07 32.23 -58.20
CA ASP C 175 -40.18 31.13 -58.57
C ASP C 175 -40.80 30.19 -59.60
N ALA C 176 -41.84 30.64 -60.30
CA ALA C 176 -42.35 29.87 -61.43
C ALA C 176 -41.34 29.90 -62.56
N THR C 177 -40.60 28.81 -62.73
CA THR C 177 -39.33 28.75 -63.44
C THR C 177 -39.40 29.48 -64.78
N PRO C 178 -38.71 30.62 -64.95
CA PRO C 178 -38.68 31.28 -66.25
C PRO C 178 -38.03 30.42 -67.32
N GLU C 179 -38.43 30.60 -68.56
CA GLU C 179 -37.64 30.11 -69.68
C GLU C 179 -37.02 31.28 -70.42
N PRO C 180 -35.69 31.35 -70.51
CA PRO C 180 -35.02 32.51 -71.13
C PRO C 180 -35.60 32.89 -72.48
N GLY C 181 -36.20 34.09 -72.55
CA GLY C 181 -36.78 34.60 -73.77
C GLY C 181 -38.25 34.28 -73.98
N GLU C 182 -38.82 33.42 -73.15
CA GLU C 182 -40.22 33.04 -73.32
C GLU C 182 -41.12 34.23 -73.01
N ASP C 183 -42.22 34.34 -73.76
CA ASP C 183 -43.16 35.45 -73.61
C ASP C 183 -43.76 35.44 -72.20
N PRO C 184 -43.67 36.54 -71.46
CA PRO C 184 -44.24 36.57 -70.11
C PRO C 184 -45.72 36.24 -70.05
N ARG C 185 -46.50 36.68 -71.05
CA ARG C 185 -47.91 36.34 -71.08
C ARG C 185 -48.11 34.83 -71.22
N VAL C 186 -47.32 34.20 -72.08
CA VAL C 186 -47.40 32.76 -72.26
C VAL C 186 -47.04 32.04 -70.97
N THR C 187 -45.99 32.51 -70.28
CA THR C 187 -45.60 31.89 -69.02
C THR C 187 -46.69 32.05 -67.97
N ARG C 188 -47.32 33.22 -67.91
CA ARG C 188 -48.40 33.45 -66.96
C ARG C 188 -49.56 32.49 -67.22
N ALA C 189 -49.96 32.35 -68.49
CA ALA C 189 -51.02 31.40 -68.83
C ALA C 189 -50.61 29.98 -68.50
N LYS C 190 -49.35 29.64 -68.77
CA LYS C 190 -48.82 28.31 -68.51
C LYS C 190 -48.95 27.95 -67.03
N TYR C 191 -48.46 28.82 -66.16
CA TYR C 191 -48.51 28.52 -64.74
C TYR C 191 -49.93 28.65 -64.19
N PHE C 192 -50.79 29.45 -64.83
CA PHE C 192 -52.19 29.42 -64.45
C PHE C 192 -52.81 28.04 -64.71
N ILE C 193 -52.55 27.49 -65.90
CA ILE C 193 -53.08 26.16 -66.21
C ILE C 193 -52.53 25.12 -65.25
N ARG C 194 -51.25 25.22 -64.90
CA ARG C 194 -50.68 24.25 -63.96
C ARG C 194 -51.29 24.39 -62.56
N ASP C 195 -51.31 25.61 -62.01
CA ASP C 195 -51.84 25.80 -60.67
C ASP C 195 -53.33 25.51 -60.62
N GLU C 196 -54.01 25.57 -61.76
CA GLU C 196 -55.42 25.19 -61.79
C GLU C 196 -55.58 23.72 -61.46
N PHE C 197 -54.65 22.88 -61.92
CA PHE C 197 -54.69 21.46 -61.57
C PHE C 197 -54.19 21.23 -60.14
N LEU C 198 -53.15 21.94 -59.74
CA LEU C 198 -52.69 21.82 -58.36
C LEU C 198 -53.76 22.25 -57.36
N ARG C 199 -54.69 23.11 -57.76
CA ARG C 199 -55.79 23.47 -56.88
C ARG C 199 -56.66 22.26 -56.54
N ILE C 200 -56.97 21.43 -57.54
CA ILE C 200 -57.67 20.19 -57.27
C ILE C 200 -56.80 19.23 -56.47
N SER C 201 -55.52 19.14 -56.85
CA SER C 201 -54.64 18.17 -56.19
C SER C 201 -54.51 18.47 -54.70
N THR C 202 -54.60 19.76 -54.32
CA THR C 202 -54.47 20.12 -52.92
C THR C 202 -55.61 19.56 -52.08
N ALA C 203 -56.83 19.62 -52.59
CA ALA C 203 -58.00 19.24 -51.81
C ALA C 203 -58.12 17.73 -51.69
N SER C 204 -58.84 17.30 -50.65
CA SER C 204 -59.14 15.89 -50.40
C SER C 204 -57.86 15.05 -50.32
N GLY C 205 -56.92 15.50 -49.51
CA GLY C 205 -55.68 14.78 -49.36
C GLY C 205 -54.96 15.05 -48.05
N ASP C 206 -54.46 13.98 -47.42
CA ASP C 206 -53.64 14.09 -46.22
C ASP C 206 -52.15 14.16 -46.54
N GLY C 207 -51.80 14.65 -47.72
CA GLY C 207 -50.42 14.61 -48.16
C GLY C 207 -49.96 13.25 -48.61
N ARG C 208 -50.87 12.30 -48.77
CA ARG C 208 -50.49 10.94 -49.14
C ARG C 208 -49.84 10.90 -50.52
N HIS C 209 -50.40 11.63 -51.48
CA HIS C 209 -49.92 11.61 -52.85
C HIS C 209 -49.78 13.03 -53.38
N TYR C 210 -48.76 13.23 -54.21
CA TYR C 210 -48.43 14.55 -54.74
C TYR C 210 -48.55 14.54 -56.25
N CYS C 211 -49.21 15.56 -56.80
CA CYS C 211 -49.36 15.71 -58.25
C CYS C 211 -48.12 16.41 -58.82
N TYR C 212 -47.10 15.60 -59.11
CA TYR C 212 -45.87 16.10 -59.73
C TYR C 212 -46.19 16.73 -61.08
N PRO C 213 -46.11 18.04 -61.21
CA PRO C 213 -46.46 18.69 -62.47
C PRO C 213 -45.25 18.89 -63.37
N HIS C 214 -45.49 18.75 -64.67
CA HIS C 214 -44.45 18.92 -65.66
C HIS C 214 -45.04 19.52 -66.92
N PHE C 215 -44.29 20.42 -67.53
CA PHE C 215 -44.62 21.02 -68.81
C PHE C 215 -43.91 20.23 -69.91
N THR C 216 -44.67 19.68 -70.83
CA THR C 216 -44.11 18.81 -71.86
C THR C 216 -44.67 19.18 -73.22
N CYS C 217 -43.95 18.75 -74.26
CA CYS C 217 -44.36 18.93 -75.64
C CYS C 217 -44.12 17.63 -76.39
N ALA C 218 -44.78 17.51 -77.54
CA ALA C 218 -44.65 16.27 -78.32
C ALA C 218 -43.27 16.11 -78.97
N VAL C 219 -42.32 17.01 -78.75
CA VAL C 219 -41.00 16.90 -79.35
C VAL C 219 -39.99 16.86 -78.19
N ASP C 220 -40.41 16.29 -77.08
CA ASP C 220 -39.57 16.19 -75.88
C ASP C 220 -39.13 14.75 -75.67
N THR C 221 -37.82 14.53 -75.66
CA THR C 221 -37.23 13.23 -75.44
C THR C 221 -36.87 12.97 -73.99
N GLU C 222 -37.04 13.96 -73.11
CA GLU C 222 -36.64 13.84 -71.72
C GLU C 222 -37.76 13.35 -70.82
N ASN C 223 -38.95 13.07 -71.37
CA ASN C 223 -40.09 12.66 -70.56
C ASN C 223 -39.80 11.39 -69.78
N ALA C 224 -39.01 10.48 -70.36
CA ALA C 224 -38.64 9.26 -69.66
C ALA C 224 -37.87 9.56 -68.39
N ARG C 225 -36.93 10.51 -68.46
CA ARG C 225 -36.16 10.85 -67.26
C ARG C 225 -37.01 11.59 -66.25
N ARG C 226 -37.97 12.41 -66.70
CA ARG C 226 -38.90 13.03 -65.75
C ARG C 226 -39.70 11.96 -65.02
N ILE C 227 -40.20 10.96 -65.75
CA ILE C 227 -40.94 9.88 -65.10
C ILE C 227 -40.03 9.11 -64.14
N PHE C 228 -38.76 8.90 -64.52
CA PHE C 228 -37.82 8.24 -63.63
C PHE C 228 -37.65 9.00 -62.34
N ASN C 229 -37.42 10.32 -62.44
CA ASN C 229 -37.21 11.12 -61.25
C ASN C 229 -38.45 11.17 -60.37
N ASP C 230 -39.62 11.36 -60.97
CA ASP C 230 -40.85 11.37 -60.18
C ASP C 230 -41.13 10.02 -59.53
N CYS C 231 -40.86 8.92 -60.25
CA CYS C 231 -41.07 7.61 -59.66
C CYS C 231 -40.11 7.35 -58.50
N LYS C 232 -38.85 7.76 -58.66
CA LYS C 232 -37.91 7.62 -57.56
C LYS C 232 -38.34 8.45 -56.36
N ASP C 233 -38.81 9.68 -56.61
CA ASP C 233 -39.27 10.53 -55.52
C ASP C 233 -40.50 9.93 -54.84
N ILE C 234 -41.41 9.34 -55.63
CA ILE C 234 -42.61 8.73 -55.07
C ILE C 234 -42.24 7.54 -54.18
N ILE C 235 -41.33 6.70 -54.66
CA ILE C 235 -40.88 5.56 -53.87
C ILE C 235 -40.19 6.04 -52.60
N LEU C 236 -39.36 7.09 -52.72
CA LEU C 236 -38.70 7.64 -51.56
C LEU C 236 -39.70 8.14 -50.52
N GLN C 237 -40.70 8.89 -50.96
CA GLN C 237 -41.70 9.42 -50.03
C GLN C 237 -42.50 8.31 -49.38
N MET C 238 -42.86 7.28 -50.17
CA MET C 238 -43.68 6.20 -49.63
C MET C 238 -42.90 5.37 -48.61
N ASN C 239 -41.61 5.12 -48.89
CA ASN C 239 -40.76 4.49 -47.89
C ASN C 239 -40.59 5.37 -46.67
N LEU C 240 -40.43 6.68 -46.87
CA LEU C 240 -40.21 7.61 -45.77
C LEU C 240 -41.38 7.68 -44.81
N ARG C 241 -42.60 7.76 -45.32
CA ARG C 241 -43.76 7.73 -44.43
C ARG C 241 -44.13 6.33 -43.98
N GLU C 242 -43.63 5.31 -44.67
CA GLU C 242 -43.85 3.93 -44.27
C GLU C 242 -42.98 3.54 -43.08
N TYR C 243 -41.79 4.12 -42.96
CA TYR C 243 -40.93 3.93 -41.81
C TYR C 243 -41.15 5.00 -40.75
N ASN C 244 -42.16 5.85 -40.92
CA ASN C 244 -42.46 6.95 -40.01
C ASN C 244 -41.28 7.90 -39.89
N LEU C 245 -40.91 8.50 -41.02
CA LEU C 245 -39.88 9.52 -41.05
C LEU C 245 -40.37 10.82 -41.68
N VAL C 246 -41.48 10.80 -42.42
CA VAL C 246 -42.11 12.00 -42.94
C VAL C 246 -43.61 11.98 -42.66
N GLU D 11 -92.66 6.53 -86.39
CA GLU D 11 -93.33 5.24 -86.42
C GLU D 11 -92.59 4.23 -85.56
N LEU D 12 -91.50 4.67 -84.95
CA LEU D 12 -90.72 3.79 -84.07
C LEU D 12 -91.52 3.43 -82.82
N ASP D 13 -92.35 4.36 -82.35
CA ASP D 13 -93.16 4.09 -81.16
C ASP D 13 -94.11 2.92 -81.38
N GLN D 14 -94.53 2.70 -82.63
CA GLN D 14 -95.38 1.55 -82.93
C GLN D 14 -94.66 0.24 -82.64
N LEU D 15 -93.44 0.11 -83.14
CA LEU D 15 -92.64 -1.08 -82.85
C LEU D 15 -92.34 -1.18 -81.36
N ARG D 16 -92.08 -0.04 -80.71
CA ARG D 16 -91.81 -0.04 -79.28
C ARG D 16 -93.00 -0.58 -78.49
N GLN D 17 -94.21 -0.14 -78.81
CA GLN D 17 -95.38 -0.59 -78.06
C GLN D 17 -95.72 -2.04 -78.40
N GLU D 18 -95.47 -2.46 -79.65
CA GLU D 18 -95.65 -3.87 -79.98
C GLU D 18 -94.72 -4.75 -79.16
N ALA D 19 -93.45 -4.35 -79.07
CA ALA D 19 -92.48 -5.10 -78.26
C ALA D 19 -92.87 -5.07 -76.79
N GLU D 20 -93.37 -3.93 -76.31
CA GLU D 20 -93.80 -3.83 -74.92
C GLU D 20 -94.96 -4.77 -74.62
N GLN D 21 -95.91 -4.86 -75.55
CA GLN D 21 -97.00 -5.82 -75.39
C GLN D 21 -96.48 -7.25 -75.37
N LEU D 22 -95.49 -7.55 -76.22
CA LEU D 22 -94.88 -8.88 -76.18
C LEU D 22 -94.21 -9.14 -74.84
N LYS D 23 -93.53 -8.14 -74.29
CA LYS D 23 -92.89 -8.31 -72.97
C LYS D 23 -93.93 -8.53 -71.88
N ASN D 24 -95.06 -7.82 -71.96
CA ASN D 24 -96.14 -8.04 -71.00
C ASN D 24 -96.69 -9.46 -71.12
N GLN D 25 -96.82 -9.96 -72.35
CA GLN D 25 -97.24 -11.33 -72.55
C GLN D 25 -96.23 -12.30 -71.93
N ILE D 26 -94.94 -12.03 -72.11
CA ILE D 26 -93.92 -12.88 -71.49
C ILE D 26 -94.08 -12.87 -69.98
N ARG D 27 -94.25 -11.69 -69.40
CA ARG D 27 -94.30 -11.56 -67.95
C ARG D 27 -95.50 -12.27 -67.36
N ASP D 28 -96.69 -12.04 -67.92
CA ASP D 28 -97.88 -12.66 -67.32
C ASP D 28 -97.94 -14.15 -67.66
N ALA D 29 -97.32 -14.59 -68.76
CA ALA D 29 -97.20 -16.01 -69.02
C ALA D 29 -96.32 -16.68 -67.95
N ARG D 30 -95.18 -16.05 -67.63
CA ARG D 30 -94.32 -16.58 -66.58
C ARG D 30 -95.06 -16.62 -65.24
N LYS D 31 -95.80 -15.56 -64.92
CA LYS D 31 -96.55 -15.54 -63.67
C LYS D 31 -97.61 -16.64 -63.64
N ALA D 32 -98.32 -16.83 -64.75
CA ALA D 32 -99.31 -17.90 -64.81
C ALA D 32 -98.66 -19.27 -64.65
N CYS D 33 -97.44 -19.43 -65.13
CA CYS D 33 -96.68 -20.64 -64.91
C CYS D 33 -96.05 -20.70 -63.52
N ALA D 34 -96.06 -19.59 -62.78
CA ALA D 34 -95.47 -19.56 -61.45
C ALA D 34 -96.49 -19.98 -60.40
N ASP D 35 -96.72 -21.29 -60.28
CA ASP D 35 -97.72 -21.77 -59.31
C ASP D 35 -97.18 -21.71 -57.88
N ALA D 36 -95.89 -21.98 -57.69
CA ALA D 36 -95.30 -22.03 -56.37
C ALA D 36 -93.87 -21.49 -56.44
N THR D 37 -93.13 -21.68 -55.35
CA THR D 37 -91.73 -21.29 -55.25
C THR D 37 -90.91 -22.51 -54.82
N LEU D 38 -89.63 -22.53 -55.21
CA LEU D 38 -88.77 -23.65 -54.88
C LEU D 38 -88.62 -23.83 -53.38
N SER D 39 -88.78 -22.74 -52.60
CA SER D 39 -88.73 -22.86 -51.16
C SER D 39 -89.89 -23.70 -50.64
N GLN D 40 -91.08 -23.52 -51.21
CA GLN D 40 -92.24 -24.31 -50.80
C GLN D 40 -92.04 -25.77 -51.15
N ILE D 41 -91.52 -26.05 -52.34
CA ILE D 41 -91.37 -27.43 -52.80
C ILE D 41 -90.34 -28.18 -51.97
N THR D 42 -89.26 -27.50 -51.58
CA THR D 42 -88.16 -28.13 -50.84
C THR D 42 -88.15 -27.59 -49.42
N ASN D 43 -89.00 -28.17 -48.56
CA ASN D 43 -89.05 -27.83 -47.15
C ASN D 43 -88.75 -29.02 -46.27
N ASN D 44 -89.38 -30.16 -46.54
CA ASN D 44 -89.18 -31.35 -45.71
C ASN D 44 -87.77 -31.91 -45.89
N ILE D 45 -87.10 -31.55 -46.99
CA ILE D 45 -85.75 -32.02 -47.24
C ILE D 45 -84.82 -31.50 -46.16
N ASP D 46 -84.02 -32.39 -45.58
CA ASP D 46 -83.13 -32.00 -44.50
C ASP D 46 -82.09 -31.02 -45.02
N PRO D 47 -81.73 -29.99 -44.24
CA PRO D 47 -80.65 -29.10 -44.65
C PRO D 47 -79.33 -29.85 -44.73
N VAL D 48 -78.44 -29.34 -45.59
CA VAL D 48 -77.15 -29.99 -45.81
C VAL D 48 -76.35 -30.04 -44.52
N GLY D 49 -76.54 -29.05 -43.64
CA GLY D 49 -75.79 -28.95 -42.41
C GLY D 49 -74.58 -28.05 -42.58
N ARG D 50 -73.76 -28.00 -41.52
CA ARG D 50 -72.55 -27.19 -41.52
C ARG D 50 -71.47 -27.91 -42.33
N ILE D 51 -71.62 -27.83 -43.66
CA ILE D 51 -70.60 -28.34 -44.56
C ILE D 51 -69.33 -27.54 -44.34
N GLN D 52 -68.29 -28.20 -43.83
CA GLN D 52 -67.05 -27.55 -43.47
C GLN D 52 -65.93 -28.05 -44.37
N MET D 53 -65.24 -27.12 -44.99
CA MET D 53 -64.16 -27.42 -45.92
C MET D 53 -62.93 -26.61 -45.54
N ARG D 54 -61.78 -27.27 -45.56
CA ARG D 54 -60.51 -26.63 -45.23
C ARG D 54 -59.57 -26.76 -46.43
N THR D 55 -58.65 -25.79 -46.53
CA THR D 55 -57.68 -25.80 -47.61
C THR D 55 -56.79 -27.03 -47.54
N ARG D 56 -56.93 -27.92 -48.52
CA ARG D 56 -56.06 -29.08 -48.61
C ARG D 56 -54.72 -28.75 -49.24
N ARG D 57 -54.71 -27.98 -50.32
CA ARG D 57 -53.47 -27.57 -50.97
C ARG D 57 -53.60 -26.12 -51.41
N THR D 58 -52.45 -25.44 -51.45
CA THR D 58 -52.37 -24.06 -51.91
C THR D 58 -51.30 -23.96 -52.98
N LEU D 59 -51.65 -23.34 -54.11
CA LEU D 59 -50.72 -23.16 -55.21
C LEU D 59 -50.30 -21.69 -55.24
N ARG D 60 -48.99 -21.48 -55.15
CA ARG D 60 -48.38 -20.17 -54.98
C ARG D 60 -47.25 -20.02 -56.01
N GLY D 61 -47.59 -19.57 -57.21
CA GLY D 61 -46.57 -19.39 -58.23
C GLY D 61 -46.72 -18.11 -59.00
N HIS D 62 -47.89 -17.50 -58.92
CA HIS D 62 -48.10 -16.24 -59.62
C HIS D 62 -47.48 -15.10 -58.83
N LEU D 63 -47.30 -13.97 -59.52
CA LEU D 63 -46.77 -12.77 -58.91
C LEU D 63 -47.82 -11.71 -58.67
N ALA D 64 -48.79 -11.59 -59.58
CA ALA D 64 -49.86 -10.62 -59.52
C ALA D 64 -51.20 -11.33 -59.35
N LYS D 65 -52.29 -10.56 -59.45
CA LYS D 65 -53.62 -11.08 -59.19
C LYS D 65 -54.00 -12.17 -60.18
N ILE D 66 -54.74 -13.15 -59.69
CA ILE D 66 -55.26 -14.24 -60.52
C ILE D 66 -56.66 -13.84 -60.98
N TYR D 67 -56.91 -13.91 -62.29
CA TYR D 67 -58.20 -13.50 -62.82
C TYR D 67 -59.15 -14.65 -63.11
N ALA D 68 -58.65 -15.79 -63.55
CA ALA D 68 -59.54 -16.86 -63.99
C ALA D 68 -58.83 -18.20 -63.83
N MET D 69 -59.62 -19.27 -63.90
CA MET D 69 -59.10 -20.62 -63.85
C MET D 69 -60.05 -21.52 -64.62
N HIS D 70 -59.63 -22.77 -64.80
CA HIS D 70 -60.52 -23.80 -65.33
C HIS D 70 -59.94 -25.16 -64.99
N TRP D 71 -60.76 -26.01 -64.37
CA TRP D 71 -60.35 -27.37 -64.05
C TRP D 71 -60.30 -28.21 -65.32
N GLY D 72 -59.42 -29.19 -65.33
CA GLY D 72 -59.37 -30.14 -66.42
C GLY D 72 -60.46 -31.20 -66.29
N THR D 73 -60.71 -31.88 -67.41
CA THR D 73 -61.72 -32.94 -67.40
C THR D 73 -61.30 -34.09 -66.50
N ASP D 74 -60.00 -34.38 -66.43
CA ASP D 74 -59.52 -35.41 -65.52
C ASP D 74 -59.58 -34.95 -64.07
N SER D 75 -59.89 -33.67 -63.83
CA SER D 75 -59.99 -33.10 -62.49
C SER D 75 -58.64 -33.14 -61.76
N ARG D 76 -57.54 -33.04 -62.50
CA ARG D 76 -56.22 -33.01 -61.90
C ARG D 76 -55.36 -31.84 -62.34
N LEU D 77 -55.47 -31.36 -63.56
CA LEU D 77 -54.71 -30.23 -64.05
C LEU D 77 -55.62 -29.02 -64.19
N LEU D 78 -55.23 -27.90 -63.60
CA LEU D 78 -56.02 -26.68 -63.68
C LEU D 78 -55.17 -25.53 -64.18
N VAL D 79 -55.72 -24.75 -65.11
CA VAL D 79 -55.04 -23.60 -65.70
C VAL D 79 -55.45 -22.36 -64.91
N SER D 80 -54.53 -21.41 -64.80
CA SER D 80 -54.81 -20.16 -64.09
C SER D 80 -54.00 -19.05 -64.74
N ALA D 81 -54.67 -17.95 -65.08
CA ALA D 81 -54.01 -16.80 -65.69
C ALA D 81 -53.89 -15.67 -64.69
N SER D 82 -52.80 -14.91 -64.81
CA SER D 82 -52.57 -13.81 -63.89
C SER D 82 -52.01 -12.59 -64.62
N GLN D 83 -52.05 -11.45 -63.93
CA GLN D 83 -51.57 -10.20 -64.52
C GLN D 83 -50.08 -10.23 -64.83
N ASP D 84 -49.32 -11.13 -64.19
CA ASP D 84 -47.88 -11.18 -64.41
C ASP D 84 -47.52 -11.55 -65.85
N GLY D 85 -48.52 -11.85 -66.68
CA GLY D 85 -48.28 -12.36 -68.00
C GLY D 85 -48.14 -13.86 -68.08
N LYS D 86 -48.64 -14.60 -67.10
CA LYS D 86 -48.45 -16.03 -67.00
C LYS D 86 -49.79 -16.75 -67.02
N LEU D 87 -49.74 -17.97 -67.56
CA LEU D 87 -50.84 -18.91 -67.72
C LEU D 87 -50.31 -20.26 -67.25
N ILE D 88 -50.44 -20.53 -65.95
CA ILE D 88 -49.78 -21.68 -65.36
C ILE D 88 -50.75 -22.86 -65.26
N ILE D 89 -50.25 -24.05 -65.54
CA ILE D 89 -51.07 -25.26 -65.55
C ILE D 89 -50.59 -26.12 -64.38
N TRP D 90 -51.28 -25.98 -63.25
CA TRP D 90 -50.93 -26.71 -62.04
C TRP D 90 -51.45 -28.14 -62.09
N ASP D 91 -50.71 -29.02 -61.42
CA ASP D 91 -51.15 -30.39 -61.16
C ASP D 91 -51.68 -30.41 -59.73
N SER D 92 -53.00 -30.46 -59.58
CA SER D 92 -53.60 -30.25 -58.27
C SER D 92 -53.35 -31.42 -57.33
N TYR D 93 -53.13 -32.61 -57.87
CA TYR D 93 -52.85 -33.77 -57.02
C TYR D 93 -51.57 -33.59 -56.22
N THR D 94 -50.47 -33.21 -56.88
CA THR D 94 -49.18 -33.14 -56.23
C THR D 94 -48.59 -31.74 -56.15
N THR D 95 -49.41 -30.70 -56.32
CA THR D 95 -49.02 -29.30 -56.13
C THR D 95 -47.94 -28.86 -57.12
N ASN D 96 -47.49 -29.76 -57.99
CA ASN D 96 -46.44 -29.41 -58.93
C ASN D 96 -46.98 -28.52 -60.05
N LYS D 97 -46.10 -28.17 -60.97
CA LYS D 97 -46.48 -27.44 -62.17
C LYS D 97 -46.22 -28.32 -63.39
N VAL D 98 -46.97 -28.06 -64.46
CA VAL D 98 -46.84 -28.85 -65.67
C VAL D 98 -46.46 -27.93 -66.83
N HIS D 99 -46.91 -26.67 -66.78
CA HIS D 99 -46.59 -25.70 -67.81
C HIS D 99 -46.70 -24.30 -67.22
N ALA D 100 -45.96 -23.37 -67.81
CA ALA D 100 -46.08 -21.95 -67.51
C ALA D 100 -45.95 -21.16 -68.80
N ILE D 101 -47.03 -20.49 -69.20
CA ILE D 101 -47.13 -19.87 -70.53
C ILE D 101 -46.87 -18.38 -70.38
N PRO D 102 -45.76 -17.87 -70.92
CA PRO D 102 -45.63 -16.41 -71.03
C PRO D 102 -46.65 -15.87 -72.02
N LEU D 103 -47.12 -14.66 -71.74
CA LEU D 103 -48.23 -14.08 -72.49
C LEU D 103 -47.89 -12.65 -72.90
N ARG D 104 -48.32 -12.29 -74.11
CA ARG D 104 -48.00 -10.97 -74.64
C ARG D 104 -48.70 -9.86 -73.86
N SER D 105 -49.95 -10.09 -73.48
CA SER D 105 -50.72 -9.09 -72.76
C SER D 105 -50.64 -9.35 -71.26
N SER D 106 -50.38 -8.29 -70.49
CA SER D 106 -50.28 -8.44 -69.04
C SER D 106 -51.58 -8.93 -68.44
N TRP D 107 -52.69 -8.27 -68.76
CA TRP D 107 -54.01 -8.71 -68.34
C TRP D 107 -54.42 -9.95 -69.13
N VAL D 108 -54.87 -10.97 -68.43
CA VAL D 108 -55.52 -12.13 -69.02
C VAL D 108 -56.75 -12.43 -68.18
N MET D 109 -57.90 -11.92 -68.61
CA MET D 109 -59.11 -11.94 -67.81
C MET D 109 -59.96 -13.18 -68.07
N THR D 110 -59.48 -14.08 -68.93
CA THR D 110 -60.20 -15.32 -69.18
C THR D 110 -59.22 -16.39 -69.65
N CYS D 111 -59.43 -17.60 -69.15
CA CYS D 111 -58.70 -18.77 -69.59
C CYS D 111 -59.67 -19.94 -69.65
N ALA D 112 -59.25 -21.02 -70.32
CA ALA D 112 -60.10 -22.19 -70.48
C ALA D 112 -59.22 -23.39 -70.75
N TYR D 113 -59.66 -24.56 -70.28
CA TYR D 113 -58.92 -25.80 -70.47
C TYR D 113 -59.78 -26.73 -71.32
N ALA D 114 -59.21 -27.23 -72.40
CA ALA D 114 -59.97 -28.02 -73.36
C ALA D 114 -60.40 -29.35 -72.74
N PRO D 115 -61.59 -29.85 -73.10
CA PRO D 115 -62.03 -31.14 -72.56
C PRO D 115 -61.11 -32.29 -72.92
N SER D 116 -60.51 -32.27 -74.10
CA SER D 116 -59.57 -33.32 -74.48
C SER D 116 -58.26 -33.17 -73.72
N GLY D 117 -58.03 -32.01 -73.13
CA GLY D 117 -56.79 -31.74 -72.42
C GLY D 117 -55.63 -31.37 -73.30
N ASN D 118 -55.85 -31.19 -74.59
CA ASN D 118 -54.78 -30.89 -75.54
C ASN D 118 -54.59 -29.41 -75.78
N TYR D 119 -55.44 -28.56 -75.21
CA TYR D 119 -55.44 -27.15 -75.58
C TYR D 119 -55.77 -26.33 -74.35
N VAL D 120 -55.28 -25.08 -74.33
CA VAL D 120 -55.69 -24.08 -73.35
C VAL D 120 -55.96 -22.78 -74.09
N ALA D 121 -56.65 -21.87 -73.42
CA ALA D 121 -57.04 -20.61 -74.02
C ALA D 121 -56.71 -19.47 -73.07
N CYS D 122 -56.70 -18.26 -73.61
CA CYS D 122 -56.47 -17.06 -72.81
C CYS D 122 -56.90 -15.85 -73.62
N GLY D 123 -57.44 -14.86 -72.93
CA GLY D 123 -57.93 -13.65 -73.57
C GLY D 123 -57.93 -12.48 -72.62
N GLY D 124 -58.33 -11.32 -73.16
CA GLY D 124 -58.34 -10.10 -72.38
C GLY D 124 -58.74 -8.90 -73.21
N LEU D 125 -58.27 -7.73 -72.78
CA LEU D 125 -58.55 -6.48 -73.49
C LEU D 125 -57.81 -6.44 -74.82
N ASP D 126 -56.91 -7.39 -75.04
CA ASP D 126 -56.17 -7.47 -76.29
C ASP D 126 -57.06 -7.80 -77.47
N ASN D 127 -58.31 -8.16 -77.23
CA ASN D 127 -59.33 -8.43 -78.25
C ASN D 127 -59.07 -9.73 -79.00
N ILE D 128 -58.08 -10.51 -78.57
CA ILE D 128 -57.66 -11.71 -79.26
C ILE D 128 -57.79 -12.91 -78.33
N CYS D 129 -58.41 -13.98 -78.82
CA CYS D 129 -58.56 -15.22 -78.08
C CYS D 129 -57.45 -16.15 -78.52
N SER D 130 -56.39 -16.24 -77.73
CA SER D 130 -55.27 -17.09 -78.11
C SER D 130 -55.52 -18.52 -77.71
N ILE D 131 -55.02 -19.45 -78.53
CA ILE D 131 -55.17 -20.88 -78.26
C ILE D 131 -53.81 -21.54 -78.25
N TYR D 132 -53.42 -22.07 -77.09
CA TYR D 132 -52.12 -22.71 -76.92
C TYR D 132 -52.27 -24.23 -76.95
N ASN D 133 -51.37 -24.88 -77.68
CA ASN D 133 -51.40 -26.32 -77.88
C ASN D 133 -50.45 -26.98 -76.89
N LEU D 134 -51.02 -27.69 -75.90
CA LEU D 134 -50.18 -28.31 -74.87
C LEU D 134 -49.34 -29.44 -75.44
N LYS D 135 -49.89 -30.25 -76.33
CA LYS D 135 -49.13 -31.35 -76.94
C LYS D 135 -48.34 -30.80 -78.11
N THR D 136 -47.08 -30.49 -77.86
CA THR D 136 -46.15 -30.04 -78.89
C THR D 136 -45.02 -31.06 -79.03
N ARG D 137 -44.41 -31.06 -80.21
CA ARG D 137 -43.33 -32.01 -80.48
C ARG D 137 -42.16 -31.80 -79.53
N GLU D 138 -41.78 -30.54 -79.31
CA GLU D 138 -40.71 -30.20 -78.39
C GLU D 138 -41.14 -30.30 -76.92
N GLY D 139 -42.43 -30.15 -76.65
CA GLY D 139 -42.90 -30.03 -75.28
C GLY D 139 -43.02 -28.61 -74.78
N ASN D 140 -42.75 -27.62 -75.63
CA ASN D 140 -42.89 -26.21 -75.29
C ASN D 140 -44.12 -25.67 -75.99
N VAL D 141 -44.98 -25.01 -75.24
CA VAL D 141 -46.30 -24.61 -75.73
C VAL D 141 -46.23 -23.18 -76.28
N ARG D 142 -46.84 -22.98 -77.44
CA ARG D 142 -46.91 -21.67 -78.08
C ARG D 142 -48.28 -21.49 -78.70
N VAL D 143 -48.51 -20.30 -79.25
CA VAL D 143 -49.80 -20.01 -79.87
C VAL D 143 -50.05 -20.94 -81.03
N SER D 144 -51.26 -21.49 -81.11
CA SER D 144 -51.69 -22.30 -82.24
C SER D 144 -52.69 -21.60 -83.14
N ARG D 145 -53.47 -20.65 -82.61
CA ARG D 145 -54.38 -19.84 -83.43
C ARG D 145 -54.79 -18.59 -82.68
N GLU D 146 -54.41 -17.42 -83.20
CA GLU D 146 -54.80 -16.14 -82.60
C GLU D 146 -56.16 -15.73 -83.18
N LEU D 147 -57.21 -16.02 -82.42
CA LEU D 147 -58.56 -15.68 -82.84
C LEU D 147 -58.79 -14.18 -82.66
N ALA D 148 -59.00 -13.48 -83.78
CA ALA D 148 -59.27 -12.06 -83.76
C ALA D 148 -60.50 -11.78 -84.62
N GLY D 149 -61.19 -10.69 -84.28
CA GLY D 149 -62.43 -10.37 -84.95
C GLY D 149 -63.45 -9.71 -84.04
N HIS D 150 -63.16 -9.67 -82.75
CA HIS D 150 -63.99 -8.91 -81.82
C HIS D 150 -63.56 -7.45 -81.80
N THR D 151 -64.45 -6.59 -81.31
CA THR D 151 -64.16 -5.17 -81.13
C THR D 151 -64.32 -4.78 -79.67
N GLY D 152 -64.24 -5.76 -78.77
CA GLY D 152 -64.35 -5.52 -77.35
C GLY D 152 -63.56 -6.57 -76.60
N TYR D 153 -63.35 -6.30 -75.31
CA TYR D 153 -62.46 -7.14 -74.51
C TYR D 153 -63.05 -8.53 -74.35
N LEU D 154 -62.21 -9.55 -74.55
CA LEU D 154 -62.65 -10.92 -74.36
C LEU D 154 -62.82 -11.17 -72.87
N SER D 155 -63.98 -11.71 -72.49
CA SER D 155 -64.34 -11.80 -71.07
C SER D 155 -64.38 -13.24 -70.57
N CYS D 156 -64.92 -14.17 -71.35
CA CYS D 156 -64.96 -15.56 -70.95
C CYS D 156 -64.99 -16.43 -72.20
N CYS D 157 -64.08 -17.40 -72.26
CA CYS D 157 -63.99 -18.33 -73.37
C CYS D 157 -64.10 -19.75 -72.85
N ARG D 158 -64.74 -20.61 -73.63
CA ARG D 158 -64.98 -21.99 -73.24
C ARG D 158 -64.86 -22.89 -74.47
N PHE D 159 -64.56 -24.16 -74.23
CA PHE D 159 -64.39 -25.13 -75.30
C PHE D 159 -65.56 -26.10 -75.32
N LEU D 160 -66.29 -26.13 -76.45
CA LEU D 160 -67.26 -27.19 -76.64
C LEU D 160 -66.56 -28.53 -76.93
N ASP D 161 -65.56 -28.49 -77.80
CA ASP D 161 -64.74 -29.65 -78.11
C ASP D 161 -63.33 -29.18 -78.46
N ASP D 162 -62.55 -30.04 -79.12
CA ASP D 162 -61.19 -29.70 -79.47
C ASP D 162 -61.08 -28.72 -80.63
N ASN D 163 -62.20 -28.35 -81.26
CA ASN D 163 -62.15 -27.49 -82.44
C ASN D 163 -63.12 -26.32 -82.43
N GLN D 164 -64.10 -26.29 -81.53
CA GLN D 164 -65.05 -25.19 -81.45
C GLN D 164 -64.90 -24.50 -80.10
N ILE D 165 -64.93 -23.16 -80.11
CA ILE D 165 -64.71 -22.39 -78.88
C ILE D 165 -65.69 -21.22 -78.85
N VAL D 166 -66.44 -21.11 -77.75
CA VAL D 166 -67.37 -20.00 -77.57
C VAL D 166 -66.69 -18.90 -76.76
N THR D 167 -66.72 -17.67 -77.28
CA THR D 167 -65.95 -16.57 -76.68
C THR D 167 -66.87 -15.37 -76.45
N SER D 168 -67.27 -15.15 -75.20
CA SER D 168 -67.97 -13.94 -74.86
C SER D 168 -67.01 -12.76 -74.78
N SER D 169 -67.48 -11.60 -75.22
CA SER D 169 -66.63 -10.41 -75.28
C SER D 169 -67.43 -9.19 -74.87
N GLY D 170 -66.70 -8.12 -74.57
CA GLY D 170 -67.33 -6.89 -74.12
C GLY D 170 -68.04 -6.10 -75.20
N ASP D 171 -67.85 -6.45 -76.47
CA ASP D 171 -68.57 -5.77 -77.56
C ASP D 171 -69.91 -6.43 -77.86
N THR D 172 -70.64 -6.73 -76.79
CA THR D 172 -72.04 -7.11 -76.82
C THR D 172 -72.32 -8.24 -77.81
N THR D 173 -71.46 -9.26 -77.79
CA THR D 173 -71.75 -10.45 -78.58
C THR D 173 -70.96 -11.63 -78.07
N CYS D 174 -71.37 -12.82 -78.50
CA CYS D 174 -70.66 -14.07 -78.28
C CYS D 174 -70.38 -14.71 -79.63
N ALA D 175 -69.33 -15.52 -79.68
CA ALA D 175 -68.90 -16.14 -80.93
C ALA D 175 -68.80 -17.65 -80.76
N LEU D 176 -68.63 -18.34 -81.88
CA LEU D 176 -68.51 -19.79 -81.92
C LEU D 176 -67.33 -20.14 -82.86
N TRP D 177 -66.17 -19.58 -82.55
CA TRP D 177 -65.01 -19.73 -83.43
C TRP D 177 -64.70 -21.20 -83.70
N ASP D 178 -64.35 -21.50 -84.94
CA ASP D 178 -63.83 -22.81 -85.34
C ASP D 178 -62.31 -22.69 -85.34
N ILE D 179 -61.66 -23.42 -84.44
CA ILE D 179 -60.21 -23.31 -84.28
C ILE D 179 -59.49 -23.72 -85.56
N GLU D 180 -60.01 -24.74 -86.24
CA GLU D 180 -59.35 -25.22 -87.46
C GLU D 180 -59.33 -24.14 -88.53
N THR D 181 -60.42 -23.39 -88.67
CA THR D 181 -60.51 -22.33 -89.68
C THR D 181 -60.17 -20.95 -89.13
N GLY D 182 -60.51 -20.68 -87.86
CA GLY D 182 -60.23 -19.39 -87.28
C GLY D 182 -61.27 -18.32 -87.53
N GLN D 183 -62.39 -18.67 -88.17
CA GLN D 183 -63.43 -17.70 -88.50
C GLN D 183 -64.65 -17.94 -87.62
N GLN D 184 -65.52 -16.94 -87.58
CA GLN D 184 -66.73 -16.98 -86.78
C GLN D 184 -67.81 -17.72 -87.55
N THR D 185 -68.14 -18.95 -87.11
CA THR D 185 -69.22 -19.68 -87.74
C THR D 185 -70.56 -19.02 -87.46
N THR D 186 -70.83 -18.70 -86.20
CA THR D 186 -72.04 -17.97 -85.81
C THR D 186 -71.65 -16.90 -84.81
N THR D 187 -72.28 -15.73 -84.92
CA THR D 187 -72.07 -14.62 -84.00
C THR D 187 -73.38 -14.34 -83.29
N PHE D 188 -73.36 -14.42 -81.96
CA PHE D 188 -74.58 -14.25 -81.15
C PHE D 188 -74.65 -12.80 -80.69
N THR D 189 -75.41 -11.99 -81.42
CA THR D 189 -75.60 -10.58 -81.08
C THR D 189 -76.99 -10.38 -80.50
N GLY D 190 -77.13 -9.34 -79.68
CA GLY D 190 -78.40 -9.08 -79.03
C GLY D 190 -78.25 -8.50 -77.63
N HIS D 191 -77.14 -8.77 -76.97
CA HIS D 191 -76.88 -8.13 -75.69
C HIS D 191 -76.66 -6.64 -75.88
N THR D 192 -77.10 -5.86 -74.91
CA THR D 192 -76.90 -4.41 -74.94
C THR D 192 -75.74 -3.96 -74.06
N GLY D 193 -74.94 -4.89 -73.55
CA GLY D 193 -73.81 -4.54 -72.71
C GLY D 193 -72.65 -5.51 -72.82
N ASP D 194 -71.59 -5.26 -72.06
CA ASP D 194 -70.42 -6.12 -72.10
C ASP D 194 -70.77 -7.50 -71.55
N VAL D 195 -70.58 -8.53 -72.38
CA VAL D 195 -70.89 -9.90 -71.97
C VAL D 195 -69.81 -10.37 -71.00
N MET D 196 -70.12 -10.35 -69.71
CA MET D 196 -69.10 -10.58 -68.69
C MET D 196 -68.70 -12.04 -68.62
N SER D 197 -69.66 -12.96 -68.70
CA SER D 197 -69.37 -14.37 -68.54
C SER D 197 -70.36 -15.21 -69.33
N LEU D 198 -70.00 -16.47 -69.56
CA LEU D 198 -70.88 -17.44 -70.18
C LEU D 198 -70.65 -18.80 -69.52
N SER D 199 -71.49 -19.75 -69.88
CA SER D 199 -71.32 -21.13 -69.45
C SER D 199 -71.97 -22.05 -70.47
N LEU D 200 -71.34 -23.20 -70.69
CA LEU D 200 -71.84 -24.21 -71.62
C LEU D 200 -72.56 -25.30 -70.83
N ALA D 201 -73.69 -25.77 -71.37
CA ALA D 201 -74.37 -26.91 -70.78
C ALA D 201 -73.51 -28.15 -71.01
N PRO D 202 -73.67 -29.20 -70.20
CA PRO D 202 -72.85 -30.40 -70.38
C PRO D 202 -72.91 -30.96 -71.78
N ASP D 203 -74.09 -30.91 -72.42
CA ASP D 203 -74.24 -31.44 -73.77
C ASP D 203 -73.53 -30.60 -74.82
N THR D 204 -73.05 -29.40 -74.46
CA THR D 204 -72.40 -28.48 -75.39
C THR D 204 -73.29 -28.17 -76.59
N ARG D 205 -74.59 -28.05 -76.33
CA ARG D 205 -75.55 -27.66 -77.34
C ARG D 205 -76.28 -26.36 -77.02
N LEU D 206 -76.32 -25.95 -75.76
CA LEU D 206 -76.96 -24.71 -75.33
C LEU D 206 -76.03 -24.03 -74.35
N PHE D 207 -75.70 -22.77 -74.59
CA PHE D 207 -74.88 -22.03 -73.64
C PHE D 207 -75.58 -20.73 -73.27
N VAL D 208 -75.37 -20.31 -72.02
CA VAL D 208 -75.99 -19.09 -71.50
C VAL D 208 -74.93 -18.02 -71.40
N SER D 209 -75.34 -16.79 -71.08
CA SER D 209 -74.39 -15.69 -70.96
C SER D 209 -74.97 -14.67 -69.98
N GLY D 210 -74.13 -13.71 -69.62
CA GLY D 210 -74.56 -12.61 -68.80
C GLY D 210 -73.79 -11.37 -69.18
N ALA D 211 -74.42 -10.21 -69.01
CA ALA D 211 -73.84 -8.97 -69.49
C ALA D 211 -74.19 -7.84 -68.53
N CYS D 212 -73.71 -6.65 -68.87
CA CYS D 212 -74.01 -5.47 -68.06
C CYS D 212 -75.46 -5.06 -68.16
N ASP D 213 -76.21 -5.64 -69.10
CA ASP D 213 -77.64 -5.38 -69.22
C ASP D 213 -78.47 -6.03 -68.12
N ALA D 214 -77.82 -6.62 -67.12
CA ALA D 214 -78.49 -7.31 -66.02
C ALA D 214 -79.42 -8.39 -66.56
N SER D 215 -78.98 -9.07 -67.61
CA SER D 215 -79.80 -10.05 -68.29
C SER D 215 -78.98 -11.28 -68.60
N ALA D 216 -79.61 -12.45 -68.52
CA ALA D 216 -79.01 -13.70 -68.94
C ALA D 216 -79.79 -14.25 -70.13
N LYS D 217 -79.04 -14.65 -71.16
CA LYS D 217 -79.65 -15.10 -72.40
C LYS D 217 -79.17 -16.49 -72.74
N LEU D 218 -80.10 -17.38 -73.07
CA LEU D 218 -79.77 -18.74 -73.48
C LEU D 218 -79.56 -18.74 -74.99
N TRP D 219 -78.31 -18.95 -75.38
CA TRP D 219 -77.98 -19.05 -76.80
C TRP D 219 -77.90 -20.51 -77.22
N ASP D 220 -78.10 -20.75 -78.51
CA ASP D 220 -78.00 -22.09 -79.08
C ASP D 220 -76.86 -22.10 -80.09
N VAL D 221 -75.93 -23.05 -79.92
CA VAL D 221 -74.80 -23.15 -80.82
C VAL D 221 -75.16 -23.66 -82.21
N ARG D 222 -76.26 -24.40 -82.34
CA ARG D 222 -76.65 -24.99 -83.60
C ARG D 222 -77.60 -24.12 -84.41
N GLU D 223 -78.18 -23.08 -83.81
CA GLU D 223 -79.08 -22.18 -84.51
C GLU D 223 -78.66 -20.72 -84.44
N GLY D 224 -77.83 -20.34 -83.46
CA GLY D 224 -77.40 -18.95 -83.36
C GLY D 224 -78.53 -17.99 -83.07
N MET D 225 -79.45 -18.39 -82.19
CA MET D 225 -80.60 -17.55 -81.84
C MET D 225 -80.75 -17.52 -80.33
N CYS D 226 -81.09 -16.34 -79.81
CA CYS D 226 -81.35 -16.17 -78.38
C CYS D 226 -82.66 -16.86 -78.05
N ARG D 227 -82.59 -18.08 -77.52
CA ARG D 227 -83.81 -18.84 -77.25
C ARG D 227 -84.64 -18.18 -76.16
N GLN D 228 -84.02 -17.82 -75.05
CA GLN D 228 -84.72 -17.21 -73.92
C GLN D 228 -83.86 -16.09 -73.35
N THR D 229 -84.47 -15.26 -72.52
CA THR D 229 -83.76 -14.19 -71.80
C THR D 229 -84.23 -14.19 -70.35
N PHE D 230 -83.33 -14.56 -69.45
CA PHE D 230 -83.64 -14.63 -68.02
C PHE D 230 -83.09 -13.39 -67.32
N THR D 231 -83.81 -12.29 -67.50
CA THR D 231 -83.46 -11.02 -66.88
C THR D 231 -84.19 -10.85 -65.55
N GLY D 232 -83.44 -11.00 -64.46
CA GLY D 232 -84.02 -10.87 -63.14
C GLY D 232 -83.08 -10.25 -62.13
N HIS D 233 -81.94 -9.75 -62.59
CA HIS D 233 -80.91 -9.20 -61.71
C HIS D 233 -81.02 -7.68 -61.67
N GLU D 234 -80.67 -7.11 -60.52
CA GLU D 234 -80.68 -5.66 -60.34
C GLU D 234 -79.34 -5.01 -60.68
N SER D 235 -78.32 -5.79 -61.04
CA SER D 235 -77.01 -5.24 -61.32
C SER D 235 -76.30 -6.11 -62.36
N ASP D 236 -75.01 -5.85 -62.54
CA ASP D 236 -74.25 -6.51 -63.59
C ASP D 236 -73.96 -7.95 -63.22
N ILE D 237 -74.36 -8.88 -64.09
CA ILE D 237 -74.15 -10.31 -63.87
C ILE D 237 -72.65 -10.58 -64.06
N ASN D 238 -71.96 -10.90 -62.96
CA ASN D 238 -70.52 -11.10 -63.04
C ASN D 238 -70.16 -12.53 -63.42
N ALA D 239 -70.96 -13.51 -63.00
CA ALA D 239 -70.61 -14.90 -63.27
C ALA D 239 -71.88 -15.72 -63.45
N ILE D 240 -71.71 -16.88 -64.08
CA ILE D 240 -72.83 -17.73 -64.47
C ILE D 240 -72.32 -19.17 -64.51
N CYS D 241 -73.25 -20.11 -64.38
CA CYS D 241 -72.90 -21.53 -64.37
C CYS D 241 -74.04 -22.32 -65.01
N PHE D 242 -74.04 -23.62 -64.77
CA PHE D 242 -75.14 -24.50 -65.17
C PHE D 242 -75.41 -25.50 -64.05
N PHE D 243 -76.68 -25.81 -63.83
CA PHE D 243 -77.03 -26.96 -63.02
C PHE D 243 -76.60 -28.22 -63.75
N PRO D 244 -76.09 -29.24 -63.05
CA PRO D 244 -75.54 -30.42 -63.74
C PRO D 244 -76.50 -31.09 -64.70
N ASN D 245 -77.79 -31.13 -64.36
CA ASN D 245 -78.76 -31.75 -65.28
C ASN D 245 -78.89 -30.95 -66.56
N GLY D 246 -78.63 -29.64 -66.52
CA GLY D 246 -78.75 -28.79 -67.68
C GLY D 246 -80.07 -28.07 -67.83
N ASN D 247 -80.89 -28.04 -66.79
CA ASN D 247 -82.20 -27.41 -66.84
C ASN D 247 -82.26 -26.10 -66.07
N ALA D 248 -81.18 -25.71 -65.40
CA ALA D 248 -81.18 -24.49 -64.59
C ALA D 248 -79.76 -23.94 -64.53
N PHE D 249 -79.64 -22.69 -64.10
CA PHE D 249 -78.34 -22.05 -63.99
C PHE D 249 -78.41 -20.91 -62.99
N ALA D 250 -77.35 -20.76 -62.20
CA ALA D 250 -77.28 -19.73 -61.18
C ALA D 250 -76.34 -18.62 -61.62
N THR D 251 -76.81 -17.38 -61.50
CA THR D 251 -76.06 -16.20 -61.89
C THR D 251 -75.73 -15.38 -60.67
N GLY D 252 -74.47 -14.95 -60.58
CA GLY D 252 -74.03 -14.05 -59.52
C GLY D 252 -73.71 -12.69 -60.11
N SER D 253 -74.22 -11.64 -59.46
CA SER D 253 -74.12 -10.29 -59.96
C SER D 253 -73.46 -9.39 -58.93
N ASP D 254 -73.39 -8.10 -59.26
CA ASP D 254 -72.83 -7.10 -58.37
C ASP D 254 -73.80 -6.63 -57.30
N ASP D 255 -75.05 -7.11 -57.34
CA ASP D 255 -76.06 -6.75 -56.37
C ASP D 255 -76.03 -7.66 -55.14
N ALA D 256 -74.94 -8.40 -54.94
CA ALA D 256 -74.76 -9.29 -53.80
C ALA D 256 -75.80 -10.40 -53.77
N THR D 257 -76.30 -10.82 -54.92
CA THR D 257 -77.31 -11.85 -55.01
C THR D 257 -76.95 -12.87 -56.08
N CYS D 258 -77.29 -14.13 -55.81
CA CYS D 258 -77.20 -15.22 -56.77
C CYS D 258 -78.62 -15.72 -57.03
N ARG D 259 -79.01 -15.74 -58.30
CA ARG D 259 -80.35 -16.17 -58.69
C ARG D 259 -80.28 -17.42 -59.53
N LEU D 260 -81.10 -18.41 -59.18
CA LEU D 260 -81.15 -19.68 -59.91
C LEU D 260 -82.31 -19.62 -60.89
N PHE D 261 -81.99 -19.25 -62.14
CA PHE D 261 -82.97 -19.27 -63.20
C PHE D 261 -83.17 -20.69 -63.72
N ASP D 262 -84.33 -20.93 -64.32
CA ASP D 262 -84.68 -22.25 -64.82
C ASP D 262 -84.96 -22.18 -66.31
N LEU D 263 -84.65 -23.26 -67.02
CA LEU D 263 -84.79 -23.27 -68.47
C LEU D 263 -86.20 -23.64 -68.90
N ARG D 264 -86.70 -24.80 -68.44
CA ARG D 264 -88.02 -25.25 -68.83
C ARG D 264 -89.15 -24.39 -68.27
N ALA D 265 -88.84 -23.49 -67.32
CA ALA D 265 -89.84 -22.61 -66.75
C ALA D 265 -89.63 -21.15 -67.11
N ASP D 266 -88.46 -20.78 -67.62
CA ASP D 266 -88.16 -19.40 -68.03
C ASP D 266 -88.41 -18.40 -66.90
N GLN D 267 -87.99 -18.76 -65.68
CA GLN D 267 -88.15 -17.88 -64.54
C GLN D 267 -87.22 -18.31 -63.42
N GLU D 268 -86.87 -17.33 -62.58
CA GLU D 268 -86.03 -17.61 -61.42
C GLU D 268 -86.76 -18.46 -60.41
N LEU D 269 -86.01 -19.26 -59.64
CA LEU D 269 -86.59 -20.13 -58.63
C LEU D 269 -86.26 -19.68 -57.21
N MET D 270 -85.02 -19.27 -56.95
CA MET D 270 -84.63 -18.82 -55.62
C MET D 270 -83.66 -17.64 -55.71
N THR D 271 -83.53 -16.88 -54.63
CA THR D 271 -82.61 -15.75 -54.56
C THR D 271 -81.63 -16.01 -53.42
N TYR D 272 -80.40 -16.41 -53.78
CA TYR D 272 -79.37 -16.73 -52.80
C TYR D 272 -78.69 -15.44 -52.36
N SER D 273 -79.34 -14.75 -51.43
CA SER D 273 -78.80 -13.51 -50.88
C SER D 273 -79.01 -13.49 -49.38
N HIS D 274 -78.06 -12.88 -48.68
CA HIS D 274 -78.10 -12.78 -47.23
C HIS D 274 -77.79 -11.35 -46.83
N ASP D 275 -78.43 -10.89 -45.75
CA ASP D 275 -78.29 -9.50 -45.33
C ASP D 275 -76.84 -9.19 -44.95
N ASN D 276 -76.14 -10.16 -44.37
CA ASN D 276 -74.77 -9.94 -43.94
C ASN D 276 -73.86 -9.63 -45.13
N ILE D 277 -74.04 -10.37 -46.23
CA ILE D 277 -73.17 -10.23 -47.39
C ILE D 277 -73.67 -9.06 -48.23
N ILE D 278 -72.80 -8.07 -48.46
CA ILE D 278 -73.16 -6.88 -49.21
C ILE D 278 -72.38 -6.75 -50.51
N CYS D 279 -71.24 -7.42 -50.64
CA CYS D 279 -70.36 -7.26 -51.77
C CYS D 279 -70.84 -8.10 -52.96
N GLY D 280 -70.29 -7.79 -54.14
CA GLY D 280 -70.69 -8.45 -55.36
C GLY D 280 -70.01 -9.80 -55.57
N ILE D 281 -70.74 -10.69 -56.23
CA ILE D 281 -70.20 -12.00 -56.57
C ILE D 281 -69.22 -11.87 -57.73
N THR D 282 -68.20 -12.73 -57.74
CA THR D 282 -67.24 -12.78 -58.82
C THR D 282 -67.29 -14.09 -59.60
N SER D 283 -67.54 -15.20 -58.91
CA SER D 283 -67.57 -16.51 -59.56
C SER D 283 -68.51 -17.44 -58.81
N VAL D 284 -69.24 -18.26 -59.58
CA VAL D 284 -70.18 -19.23 -59.04
C VAL D 284 -69.91 -20.59 -59.67
N SER D 285 -70.34 -21.64 -58.98
CA SER D 285 -70.24 -23.00 -59.49
C SER D 285 -71.18 -23.88 -58.71
N PHE D 286 -71.40 -25.09 -59.23
CA PHE D 286 -72.26 -26.08 -58.58
C PHE D 286 -71.44 -27.32 -58.24
N SER D 287 -71.91 -28.07 -57.25
CA SER D 287 -71.34 -29.38 -57.00
C SER D 287 -71.77 -30.36 -58.10
N LYS D 288 -71.25 -31.58 -58.02
CA LYS D 288 -71.66 -32.60 -58.98
C LYS D 288 -73.14 -32.91 -58.86
N SER D 289 -73.66 -32.99 -57.64
CA SER D 289 -75.09 -33.17 -57.45
C SER D 289 -75.86 -31.91 -57.84
N GLY D 290 -75.29 -30.75 -57.57
CA GLY D 290 -75.96 -29.49 -57.81
C GLY D 290 -76.67 -28.90 -56.61
N ARG D 291 -76.61 -29.57 -55.46
CA ARG D 291 -77.27 -29.08 -54.25
C ARG D 291 -76.50 -27.95 -53.58
N LEU D 292 -75.18 -27.88 -53.80
CA LEU D 292 -74.34 -26.86 -53.17
C LEU D 292 -73.91 -25.86 -54.24
N LEU D 293 -74.32 -24.60 -54.07
CA LEU D 293 -73.90 -23.51 -54.94
C LEU D 293 -72.72 -22.79 -54.27
N LEU D 294 -71.53 -23.03 -54.81
CA LEU D 294 -70.34 -22.37 -54.27
C LEU D 294 -70.13 -21.06 -55.00
N ALA D 295 -70.27 -19.95 -54.28
CA ALA D 295 -70.21 -18.62 -54.88
C ALA D 295 -69.10 -17.81 -54.22
N GLY D 296 -68.17 -17.31 -55.03
CA GLY D 296 -67.18 -16.39 -54.53
C GLY D 296 -67.77 -15.00 -54.34
N TYR D 297 -67.04 -14.19 -53.59
CA TYR D 297 -67.54 -12.86 -53.23
C TYR D 297 -66.35 -11.90 -53.19
N ASP D 298 -66.65 -10.63 -52.94
CA ASP D 298 -65.62 -9.61 -52.75
C ASP D 298 -65.22 -9.45 -51.30
N ASP D 299 -65.92 -10.11 -50.37
CA ASP D 299 -65.54 -10.14 -48.96
C ASP D 299 -64.42 -11.11 -48.67
N PHE D 300 -63.71 -11.57 -49.70
CA PHE D 300 -62.57 -12.48 -49.66
C PHE D 300 -63.01 -13.91 -49.40
N ASN D 301 -64.31 -14.18 -49.29
CA ASN D 301 -64.81 -15.48 -48.89
C ASN D 301 -65.73 -16.05 -49.96
N CYS D 302 -65.77 -17.38 -50.02
CA CYS D 302 -66.72 -18.10 -50.85
C CYS D 302 -67.77 -18.72 -49.94
N ASN D 303 -69.04 -18.36 -50.17
CA ASN D 303 -70.14 -18.80 -49.31
C ASN D 303 -70.88 -19.94 -50.01
N VAL D 304 -70.68 -21.16 -49.52
CA VAL D 304 -71.37 -22.32 -50.05
C VAL D 304 -72.82 -22.28 -49.59
N TRP D 305 -73.73 -22.11 -50.55
CA TRP D 305 -75.16 -22.07 -50.31
C TRP D 305 -75.77 -23.43 -50.58
N ASP D 306 -76.92 -23.70 -49.95
CA ASP D 306 -77.71 -24.88 -50.27
C ASP D 306 -78.68 -24.50 -51.38
N ALA D 307 -78.49 -25.08 -52.57
CA ALA D 307 -79.25 -24.64 -53.74
C ALA D 307 -80.74 -24.86 -53.57
N LEU D 308 -81.14 -26.00 -53.01
CA LEU D 308 -82.55 -26.31 -52.88
C LEU D 308 -83.21 -25.58 -51.72
N LYS D 309 -82.44 -24.97 -50.82
CA LYS D 309 -83.00 -24.33 -49.64
C LYS D 309 -82.58 -22.87 -49.47
N ALA D 310 -81.65 -22.37 -50.27
CA ALA D 310 -81.16 -20.99 -50.18
C ALA D 310 -80.62 -20.68 -48.78
N ASP D 311 -79.92 -21.66 -48.19
CA ASP D 311 -79.31 -21.50 -46.89
C ASP D 311 -77.80 -21.52 -47.02
N ARG D 312 -77.13 -20.66 -46.25
CA ARG D 312 -75.68 -20.54 -46.30
C ARG D 312 -75.09 -21.76 -45.61
N ALA D 313 -74.73 -22.77 -46.42
CA ALA D 313 -74.21 -24.01 -45.86
C ALA D 313 -72.89 -23.79 -45.14
N GLY D 314 -71.98 -23.04 -45.76
CA GLY D 314 -70.67 -22.87 -45.14
C GLY D 314 -69.89 -21.74 -45.76
N VAL D 315 -68.67 -21.56 -45.25
CA VAL D 315 -67.76 -20.52 -45.75
C VAL D 315 -66.41 -21.15 -46.04
N LEU D 316 -65.69 -20.53 -46.98
CA LEU D 316 -64.36 -20.96 -47.42
C LEU D 316 -63.37 -19.82 -47.25
N ALA D 317 -63.40 -19.18 -46.08
CA ALA D 317 -62.51 -18.05 -45.83
C ALA D 317 -61.07 -18.53 -45.71
N GLY D 318 -60.14 -17.61 -45.95
CA GLY D 318 -58.72 -17.95 -45.90
C GLY D 318 -57.88 -17.20 -46.91
N HIS D 319 -58.51 -16.65 -47.94
CA HIS D 319 -57.76 -15.86 -48.90
C HIS D 319 -57.51 -14.46 -48.36
N ASP D 320 -56.47 -13.82 -48.88
CA ASP D 320 -56.04 -12.50 -48.42
C ASP D 320 -56.54 -11.38 -49.31
N ASN D 321 -57.36 -11.68 -50.31
CA ASN D 321 -57.89 -10.65 -51.19
C ASN D 321 -59.13 -11.20 -51.89
N ARG D 322 -59.65 -10.42 -52.84
CA ARG D 322 -60.87 -10.76 -53.55
C ARG D 322 -60.75 -12.10 -54.26
N VAL D 323 -61.74 -12.96 -54.05
CA VAL D 323 -61.78 -14.24 -54.76
C VAL D 323 -62.30 -14.00 -56.17
N SER D 324 -61.44 -14.18 -57.16
CA SER D 324 -61.77 -13.85 -58.54
C SER D 324 -62.28 -15.02 -59.35
N CYS D 325 -61.96 -16.26 -58.98
CA CYS D 325 -62.44 -17.39 -59.77
C CYS D 325 -62.66 -18.59 -58.85
N LEU D 326 -63.64 -19.40 -59.23
CA LEU D 326 -64.02 -20.58 -58.45
C LEU D 326 -64.40 -21.68 -59.42
N GLY D 327 -63.93 -22.90 -59.14
CA GLY D 327 -64.24 -24.02 -59.99
C GLY D 327 -64.34 -25.34 -59.25
N VAL D 328 -65.33 -26.15 -59.59
CA VAL D 328 -65.55 -27.45 -58.97
C VAL D 328 -65.16 -28.53 -59.98
N THR D 329 -64.46 -29.55 -59.51
CA THR D 329 -64.03 -30.63 -60.38
C THR D 329 -65.22 -31.30 -61.05
N ASP D 330 -64.98 -31.84 -62.24
CA ASP D 330 -66.04 -32.53 -62.97
C ASP D 330 -66.55 -33.74 -62.20
N ASP D 331 -65.67 -34.38 -61.44
CA ASP D 331 -66.09 -35.47 -60.56
C ASP D 331 -66.54 -34.98 -59.19
N GLY D 332 -66.51 -33.67 -58.94
CA GLY D 332 -67.00 -33.13 -57.69
C GLY D 332 -66.11 -33.41 -56.50
N MET D 333 -64.85 -33.73 -56.72
CA MET D 333 -63.95 -34.09 -55.64
C MET D 333 -63.51 -32.88 -54.82
N ALA D 334 -62.85 -31.91 -55.47
CA ALA D 334 -62.27 -30.79 -54.75
C ALA D 334 -62.64 -29.48 -55.45
N VAL D 335 -62.83 -28.44 -54.66
CA VAL D 335 -63.12 -27.12 -55.18
C VAL D 335 -61.86 -26.26 -55.12
N ALA D 336 -61.66 -25.44 -56.14
CA ALA D 336 -60.47 -24.60 -56.20
C ALA D 336 -60.87 -23.17 -56.48
N THR D 337 -60.41 -22.25 -55.64
CA THR D 337 -60.67 -20.83 -55.79
C THR D 337 -59.35 -20.10 -55.95
N GLY D 338 -59.27 -19.28 -56.99
CA GLY D 338 -58.12 -18.41 -57.22
C GLY D 338 -58.49 -16.98 -56.88
N SER D 339 -57.60 -16.31 -56.14
CA SER D 339 -57.92 -14.99 -55.62
C SER D 339 -56.88 -13.98 -56.06
N TRP D 340 -57.22 -12.70 -55.85
CA TRP D 340 -56.35 -11.60 -56.21
C TRP D 340 -55.07 -11.56 -55.39
N ASP D 341 -55.00 -12.30 -54.28
CA ASP D 341 -53.79 -12.31 -53.46
C ASP D 341 -52.65 -13.07 -54.13
N SER D 342 -52.82 -13.50 -55.39
CA SER D 342 -51.84 -14.27 -56.14
C SER D 342 -51.69 -15.68 -55.57
N PHE D 343 -52.78 -16.25 -55.07
CA PHE D 343 -52.80 -17.62 -54.59
C PHE D 343 -54.03 -18.33 -55.16
N LEU D 344 -53.96 -19.66 -55.19
CA LEU D 344 -55.11 -20.43 -55.61
C LEU D 344 -55.20 -21.69 -54.76
N LYS D 345 -56.29 -21.83 -54.01
CA LYS D 345 -56.41 -22.89 -53.01
C LYS D 345 -57.40 -23.96 -53.46
N ILE D 346 -57.03 -25.22 -53.22
CA ILE D 346 -57.85 -26.38 -53.58
C ILE D 346 -58.62 -26.86 -52.36
N TRP D 347 -59.84 -26.37 -52.18
CA TRP D 347 -60.64 -26.82 -51.05
C TRP D 347 -61.27 -28.17 -51.35
N ASN D 348 -61.71 -28.84 -50.29
CA ASN D 348 -62.36 -30.14 -50.42
C ASN D 348 -63.19 -30.42 -49.19
N SER E 8 -81.94 1.34 -85.67
CA SER E 8 -83.17 2.06 -85.37
C SER E 8 -84.40 1.20 -85.67
N ILE E 9 -84.94 1.35 -86.89
CA ILE E 9 -86.11 0.58 -87.27
C ILE E 9 -85.77 -0.91 -87.34
N ALA E 10 -84.62 -1.24 -87.94
CA ALA E 10 -84.21 -2.64 -88.03
C ALA E 10 -83.97 -3.24 -86.66
N GLN E 11 -83.36 -2.48 -85.75
CA GLN E 11 -83.13 -2.98 -84.39
C GLN E 11 -84.45 -3.28 -83.69
N ALA E 12 -85.43 -2.37 -83.81
CA ALA E 12 -86.72 -2.60 -83.17
C ALA E 12 -87.44 -3.80 -83.80
N ARG E 13 -87.37 -3.95 -85.11
CA ARG E 13 -87.98 -5.10 -85.77
C ARG E 13 -87.34 -6.40 -85.29
N LYS E 14 -86.00 -6.42 -85.19
CA LYS E 14 -85.30 -7.59 -84.68
C LYS E 14 -85.72 -7.89 -83.25
N LEU E 15 -85.86 -6.85 -82.43
CA LEU E 15 -86.28 -7.06 -81.04
C LEU E 15 -87.68 -7.64 -80.97
N VAL E 16 -88.60 -7.14 -81.80
CA VAL E 16 -89.96 -7.66 -81.81
C VAL E 16 -89.98 -9.11 -82.23
N GLU E 17 -89.20 -9.45 -83.26
CA GLU E 17 -89.12 -10.83 -83.71
C GLU E 17 -88.54 -11.73 -82.62
N GLN E 18 -87.53 -11.22 -81.90
CA GLN E 18 -86.93 -11.99 -80.82
C GLN E 18 -87.92 -12.25 -79.69
N LEU E 19 -88.73 -11.23 -79.35
CA LEU E 19 -89.78 -11.45 -78.35
C LEU E 19 -90.81 -12.46 -78.82
N LYS E 20 -91.16 -12.44 -80.11
CA LYS E 20 -92.03 -13.50 -80.63
C LYS E 20 -91.42 -14.86 -80.41
N MET E 21 -90.13 -15.01 -80.75
CA MET E 21 -89.45 -16.29 -80.59
C MET E 21 -89.44 -16.73 -79.14
N GLU E 22 -89.19 -15.79 -78.22
CA GLU E 22 -89.22 -16.11 -76.80
C GLU E 22 -90.60 -16.55 -76.34
N ALA E 23 -91.65 -15.90 -76.87
CA ALA E 23 -93.00 -16.24 -76.46
C ALA E 23 -93.42 -17.60 -77.00
N ASN E 24 -92.82 -18.03 -78.11
CA ASN E 24 -93.26 -19.28 -78.74
C ASN E 24 -92.95 -20.52 -77.89
N ILE E 25 -92.10 -20.40 -76.88
CA ILE E 25 -91.68 -21.56 -76.10
C ILE E 25 -92.86 -22.07 -75.27
N ASP E 26 -92.74 -23.29 -74.75
CA ASP E 26 -93.78 -23.91 -73.93
C ASP E 26 -93.31 -23.96 -72.48
N ARG E 27 -93.66 -22.92 -71.74
CA ARG E 27 -93.26 -22.83 -70.34
C ARG E 27 -94.06 -23.82 -69.49
N ILE E 28 -93.44 -24.29 -68.41
CA ILE E 28 -94.05 -25.30 -67.55
C ILE E 28 -94.15 -24.75 -66.14
N LYS E 29 -94.84 -25.48 -65.26
CA LYS E 29 -95.07 -25.04 -63.89
C LYS E 29 -93.77 -25.02 -63.10
N VAL E 30 -93.73 -24.17 -62.08
CA VAL E 30 -92.58 -24.14 -61.18
C VAL E 30 -92.48 -25.45 -60.41
N SER E 31 -93.62 -26.04 -60.07
CA SER E 31 -93.62 -27.25 -59.25
C SER E 31 -92.91 -28.40 -59.95
N LYS E 32 -93.18 -28.59 -61.24
CA LYS E 32 -92.57 -29.70 -61.96
C LYS E 32 -91.06 -29.51 -62.07
N ALA E 33 -90.61 -28.30 -62.42
CA ALA E 33 -89.19 -28.04 -62.52
C ALA E 33 -88.50 -28.20 -61.17
N ALA E 34 -89.14 -27.72 -60.11
CA ALA E 34 -88.58 -27.89 -58.77
C ALA E 34 -88.49 -29.35 -58.37
N ALA E 35 -89.51 -30.14 -58.70
CA ALA E 35 -89.46 -31.57 -58.42
C ALA E 35 -88.33 -32.24 -59.18
N ASP E 36 -88.15 -31.87 -60.45
CA ASP E 36 -87.05 -32.43 -61.24
C ASP E 36 -85.70 -32.07 -60.63
N LEU E 37 -85.53 -30.82 -60.22
CA LEU E 37 -84.27 -30.39 -59.62
C LEU E 37 -84.01 -31.14 -58.31
N MET E 38 -85.03 -31.27 -57.48
CA MET E 38 -84.87 -31.98 -56.21
C MET E 38 -84.56 -33.45 -56.43
N ALA E 39 -85.24 -34.07 -57.39
CA ALA E 39 -84.98 -35.48 -57.68
C ALA E 39 -83.57 -35.69 -58.20
N TYR E 40 -83.09 -34.77 -59.05
CA TYR E 40 -81.72 -34.88 -59.53
C TYR E 40 -80.73 -34.68 -58.41
N CYS E 41 -81.02 -33.77 -57.47
CA CYS E 41 -80.14 -33.58 -56.33
C CYS E 41 -80.06 -34.81 -55.45
N GLU E 42 -81.21 -35.44 -55.16
CA GLU E 42 -81.21 -36.61 -54.30
C GLU E 42 -80.59 -37.82 -54.99
N ALA E 43 -80.85 -37.99 -56.28
CA ALA E 43 -80.34 -39.16 -56.99
C ALA E 43 -78.83 -39.18 -57.05
N HIS E 44 -78.21 -38.03 -57.27
CA HIS E 44 -76.76 -37.92 -57.38
C HIS E 44 -76.11 -37.40 -56.11
N ALA E 45 -76.76 -37.59 -54.96
CA ALA E 45 -76.16 -37.14 -53.70
C ALA E 45 -74.89 -37.91 -53.40
N LYS E 46 -74.87 -39.22 -53.67
CA LYS E 46 -73.67 -40.01 -53.42
C LYS E 46 -72.54 -39.60 -54.34
N GLU E 47 -72.86 -39.11 -55.55
CA GLU E 47 -71.84 -38.71 -56.50
C GLU E 47 -71.18 -37.40 -56.11
N ASP E 48 -71.60 -36.78 -55.01
CA ASP E 48 -71.02 -35.50 -54.60
C ASP E 48 -70.18 -35.68 -53.35
N PRO E 49 -68.86 -35.82 -53.48
CA PRO E 49 -68.00 -35.87 -52.29
C PRO E 49 -68.07 -34.62 -51.44
N LEU E 50 -68.42 -33.48 -52.05
CA LEU E 50 -68.50 -32.23 -51.30
C LEU E 50 -69.60 -32.25 -50.27
N LEU E 51 -70.70 -32.97 -50.54
CA LEU E 51 -71.82 -33.05 -49.61
C LEU E 51 -71.54 -34.06 -48.50
N THR E 52 -71.39 -35.32 -48.86
CA THR E 52 -71.07 -36.35 -47.90
C THR E 52 -69.56 -36.51 -47.80
N PRO E 53 -68.95 -36.24 -46.63
CA PRO E 53 -67.49 -36.31 -46.55
C PRO E 53 -66.96 -37.70 -46.81
N VAL E 54 -66.30 -37.88 -47.94
CA VAL E 54 -65.71 -39.16 -48.31
C VAL E 54 -64.54 -39.42 -47.36
N PRO E 55 -64.24 -40.69 -47.02
CA PRO E 55 -63.06 -40.96 -46.19
C PRO E 55 -61.79 -40.42 -46.82
N ALA E 56 -60.88 -39.90 -45.99
CA ALA E 56 -59.68 -39.23 -46.49
C ALA E 56 -58.80 -40.19 -47.29
N SER E 57 -58.93 -41.50 -47.06
CA SER E 57 -58.18 -42.46 -47.85
C SER E 57 -58.54 -42.36 -49.32
N GLU E 58 -59.83 -42.23 -49.62
CA GLU E 58 -60.25 -42.12 -51.01
C GLU E 58 -59.98 -40.73 -51.57
N ASN E 59 -60.12 -39.70 -50.74
CA ASN E 59 -59.89 -38.32 -51.17
C ASN E 59 -58.48 -38.14 -51.71
N PRO E 60 -58.34 -37.92 -53.02
CA PRO E 60 -56.99 -37.74 -53.58
C PRO E 60 -56.27 -36.52 -53.02
N PHE E 61 -57.01 -35.49 -52.67
CA PHE E 61 -56.43 -34.26 -52.12
C PHE E 61 -56.21 -34.33 -50.62
N ARG E 62 -56.07 -35.54 -50.06
CA ARG E 62 -55.85 -35.70 -48.64
C ARG E 62 -54.55 -35.05 -48.21
N GLU E 63 -54.51 -34.57 -46.97
CA GLU E 63 -53.31 -33.95 -46.44
C GLU E 63 -52.18 -34.95 -46.28
C1 NAG F . 60.49 -9.60 29.33
C2 NAG F . 62.02 -9.76 29.42
C3 NAG F . 62.69 -9.23 28.16
C4 NAG F . 62.09 -9.86 26.92
C5 NAG F . 60.58 -9.68 26.90
C6 NAG F . 59.90 -10.41 25.76
C7 NAG F . 63.68 -9.45 31.20
C8 NAG F . 64.07 -8.65 32.39
N2 NAG F . 62.54 -9.09 30.60
O3 NAG F . 64.09 -9.48 28.22
O4 NAG F . 62.64 -9.23 25.76
O5 NAG F . 60.02 -10.21 28.12
O6 NAG F . 59.69 -11.78 26.06
O7 NAG F . 64.36 -10.39 30.78
C1 NAG F . 63.29 -10.19 24.91
C2 NAG F . 63.18 -9.70 23.46
C3 NAG F . 63.93 -10.64 22.53
C4 NAG F . 65.37 -10.82 23.00
C5 NAG F . 65.38 -11.28 24.45
C6 NAG F . 66.77 -11.40 25.04
C7 NAG F . 61.16 -8.41 22.95
C8 NAG F . 61.94 -7.19 23.28
N2 NAG F . 61.79 -9.58 23.05
O3 NAG F . 63.91 -10.11 21.20
O4 NAG F . 66.04 -11.78 22.19
O5 NAG F . 64.68 -10.33 25.27
O6 NAG F . 66.73 -11.54 26.44
O7 NAG F . 59.98 -8.34 22.59
C1 NAG G . 32.32 -8.10 21.30
C2 NAG G . 32.57 -8.39 19.82
C3 NAG G . 33.83 -7.66 19.33
C4 NAG G . 33.81 -6.19 19.73
C5 NAG G . 33.52 -6.05 21.22
C6 NAG G . 33.36 -4.60 21.65
C7 NAG G . 31.73 -10.59 19.11
C8 NAG G . 30.43 -9.90 18.81
N2 NAG G . 32.71 -9.82 19.59
O3 NAG G . 33.92 -7.78 17.92
O4 NAG G . 35.09 -5.61 19.48
O5 NAG G . 32.28 -6.71 21.52
O6 NAG G . 32.88 -3.79 20.60
O7 NAG G . 31.88 -11.79 18.93
C1 NAG G . 35.04 -4.84 18.26
C2 NAG G . 35.94 -3.62 18.43
C3 NAG G . 35.95 -2.80 17.14
C4 NAG G . 36.34 -3.68 15.95
C5 NAG G . 35.45 -4.91 15.89
C6 NAG G . 35.87 -5.90 14.82
C7 NAG G . 36.23 -2.66 20.66
C8 NAG G . 37.53 -3.40 20.70
N2 NAG G . 35.51 -2.81 19.54
O3 NAG G . 36.87 -1.72 17.27
O4 NAG G . 36.22 -2.94 14.75
O5 NAG G . 35.48 -5.61 17.14
O6 NAG G . 36.61 -6.97 15.39
O7 NAG G . 35.85 -1.97 21.61
C1 NAG H . 15.68 6.94 63.91
C2 NAG H . 15.24 6.69 65.36
C3 NAG H . 13.75 6.37 65.41
C4 NAG H . 12.95 7.46 64.73
C5 NAG H . 13.45 7.66 63.31
C6 NAG H . 12.79 8.81 62.58
C7 NAG H . 16.93 5.81 66.91
C8 NAG H . 17.12 7.22 67.35
N2 NAG H . 16.02 5.61 65.95
O3 NAG H . 13.34 6.25 66.77
O4 NAG H . 11.57 7.09 64.70
O5 NAG H . 14.86 7.96 63.33
O6 NAG H . 13.48 10.03 62.81
O7 NAG H . 17.57 4.89 67.39
C1 NAG H . 10.80 8.08 65.42
C2 NAG H . 9.43 8.22 64.74
C3 NAG H . 8.57 9.21 65.50
C4 NAG H . 8.48 8.84 66.97
C5 NAG H . 9.90 8.68 67.55
C6 NAG H . 9.89 8.21 68.98
C7 NAG H . 9.43 7.76 62.33
C8 NAG H . 9.10 6.34 62.67
N2 NAG H . 9.57 8.60 63.35
O3 NAG H . 7.26 9.23 64.93
O4 NAG H . 7.80 9.85 67.69
O5 NAG H . 10.63 7.72 66.78
O6 NAG H . 11.20 7.81 69.40
O7 NAG H . 9.56 8.12 61.16
C1 NAG I . 18.30 13.09 35.52
C2 NAG I . 16.89 13.63 35.26
C3 NAG I . 15.86 12.81 36.03
C4 NAG I . 16.01 11.33 35.72
C5 NAG I . 17.45 10.88 35.97
C6 NAG I . 17.70 9.46 35.54
C7 NAG I . 17.09 16.01 34.73
C8 NAG I . 16.93 17.41 35.24
N2 NAG I . 16.80 15.04 35.60
O3 NAG I . 14.56 13.25 35.69
O4 NAG I . 15.12 10.57 36.53
O5 NAG I . 18.35 11.70 35.22
O6 NAG I . 17.23 8.52 36.50
O7 NAG I . 17.48 15.77 33.59
C1 NAG I . 14.15 9.92 35.69
C2 NAG I . 13.45 8.84 36.51
C3 NAG I . 12.38 8.14 35.67
C4 NAG I . 11.43 9.17 35.06
C5 NAG I . 12.21 10.24 34.31
C6 NAG I . 11.33 11.37 33.81
C7 NAG I . 14.80 7.85 38.30
C8 NAG I . 14.21 8.90 39.21
N2 NAG I . 14.39 7.87 37.03
O3 NAG I . 11.65 7.24 36.49
O4 NAG I . 10.53 8.54 34.18
O5 NAG I . 13.19 10.84 35.18
O6 NAG I . 9.97 11.12 34.09
O7 NAG I . 15.60 7.01 38.72
C1 NAG J . 19.15 -15.41 40.24
C2 NAG J . 19.20 -14.70 41.59
C3 NAG J . 18.18 -15.30 42.55
C4 NAG J . 16.80 -15.29 41.92
C5 NAG J . 16.83 -15.97 40.55
C6 NAG J . 15.51 -15.88 39.82
C7 NAG J . 21.18 -13.72 42.68
C8 NAG J . 20.45 -12.41 42.62
N2 NAG J . 20.54 -14.77 42.16
O3 NAG J . 18.17 -14.56 43.76
O4 NAG J . 15.87 -15.98 42.76
O5 NAG J . 17.81 -15.33 39.72
O6 NAG J . 14.43 -15.82 40.72
O7 NAG J . 22.31 -13.81 43.15
C1 NAG K . 29.06 -32.14 34.21
C2 NAG K . 28.94 -33.64 34.42
C3 NAG K . 29.77 -34.40 33.39
C4 NAG K . 29.41 -33.95 31.98
C5 NAG K . 29.49 -32.43 31.87
C6 NAG K . 29.00 -31.91 30.54
C7 NAG K . 28.50 -34.06 36.81
C8 NAG K . 29.09 -34.46 38.12
N2 NAG K . 29.34 -34.01 35.77
O3 NAG K . 29.56 -35.80 33.53
O4 NAG K . 30.28 -34.55 31.04
O5 NAG K . 28.67 -31.81 32.88
O6 NAG K . 28.86 -30.50 30.54
O7 NAG K . 27.31 -33.80 36.69
C1 NAG L . 72.73 -1.07 38.60
C2 NAG L . 72.20 0.13 37.82
C3 NAG L . 72.51 -0.04 36.33
C4 NAG L . 74.00 -0.29 36.12
C5 NAG L . 74.47 -1.46 36.97
C6 NAG L . 75.96 -1.68 36.92
C7 NAG L . 70.29 1.14 38.95
C8 NAG L . 68.79 1.21 39.04
N2 NAG L . 70.79 0.31 38.03
O3 NAG L . 72.10 1.13 35.62
O4 NAG L . 74.26 -0.57 34.75
O5 NAG L . 74.13 -1.22 38.35
O6 NAG L . 76.30 -3.02 37.22
O7 NAG L . 71.01 1.80 39.69
N TCR M . 50.87 -12.80 45.86
CA TCR M . 49.59 -13.17 46.55
CB TCR M . 49.70 -14.50 47.30
CG TCR M . 50.30 -15.47 46.42
CD2 TCR M . 50.37 -16.87 46.60
CE2 TCR M . 51.05 -17.37 45.48
CE3 TCR M . 49.94 -17.73 47.61
CD1 TCR M . 50.88 -15.15 45.23
NE1 TCR M . 51.35 -16.30 44.65
CZ2 TCR M . 51.30 -18.73 45.32
CZ3 TCR M . 50.19 -19.07 47.45
CH2 TCR M . 50.86 -19.57 46.32
C9 TCR M . 51.00 -13.75 44.70
C TCR M . 49.23 -12.04 47.56
OXT TCR M . 49.81 -10.94 47.47
O1 TCR M . 48.36 -12.29 48.42
P PO4 N . 56.93 -21.92 43.04
O1 PO4 N . 56.08 -20.87 42.38
O2 PO4 N . 58.32 -21.37 43.26
O3 PO4 N . 57.00 -23.13 42.14
O4 PO4 N . 56.33 -22.32 44.36
CA CA O . 51.95 -16.22 55.09
CA CA P . 48.74 -23.22 46.75
CA CA Q . 20.79 -2.04 35.56
CA CA R . 35.51 5.63 27.36
C13 9IG S . 0.78 25.05 -21.48
C14 9IG S . 0.40 24.22 -20.24
C15 9IG S . 0.95 24.73 -18.95
C16 9IG S . 0.23 25.60 -18.13
C17 9IG S . 0.75 26.08 -16.93
C18 9IG S . 2.01 25.72 -16.50
C19 9IG S . 2.77 24.86 -17.28
C20 9IG S . 2.23 24.40 -18.47
C01 9IG S . 2.19 23.52 -26.06
C02 9IG S . 1.01 24.14 -25.29
C03 9IG S . 0.59 25.46 -25.93
C04 9IG S . -0.72 25.59 -26.45
C05 9IG S . -1.06 26.81 -27.04
C06 9IG S . -0.22 27.89 -27.15
C07 9IG S . 1.07 27.74 -26.64
C08 9IG S . 1.45 26.53 -26.04
C10 9IG S . -3.33 26.36 -26.68
C12 9IG S . 0.35 24.46 -22.87
N11 9IG S . 1.44 24.34 -23.87
O09 9IG S . -2.37 26.91 -27.54
CL21 9IG S . 3.25 23.33 -19.38
CAA Y01 T . -4.95 10.95 -36.19
CBA Y01 T . -5.50 10.56 -37.56
CAB Y01 T . -6.05 9.13 -37.53
CAN Y01 T . -6.56 11.54 -38.10
CAJ Y01 T . -6.39 12.01 -39.56
CAO Y01 T . -7.70 11.90 -40.35
CBB Y01 T . -7.72 10.67 -41.30
CAC Y01 T . -8.11 9.40 -40.55
CBE Y01 T . -8.60 10.98 -42.57
CAP Y01 T . -8.88 9.63 -43.31
CAQ Y01 T . -10.36 9.63 -43.66
CBG Y01 T . -10.60 11.11 -43.82
CBI Y01 T . -10.04 11.67 -42.52
CAE Y01 T . -10.93 11.26 -41.36
CAU Y01 T . -10.02 13.19 -42.70
CAS Y01 T . -11.38 13.78 -43.16
CBF Y01 T . -12.05 13.07 -44.35
CBD Y01 T . -12.03 11.57 -44.07
CAK Y01 T . -12.57 10.80 -45.25
CAI Y01 T . -13.75 11.34 -45.80
CAZ Y01 T . -14.23 12.61 -45.57
CAV Y01 T . -15.49 12.90 -46.28
CBH Y01 T . -13.50 13.55 -44.68
CAD Y01 T . -14.31 13.77 -43.42
CAT Y01 T . -13.46 14.87 -45.45
CAR Y01 T . -14.83 15.33 -45.93
CBC Y01 T . -15.49 14.31 -46.84
OAW Y01 T . -16.87 14.54 -47.05
CAY Y01 T . -17.22 15.36 -48.07
OAG Y01 T . -17.97 16.29 -47.69
CAM Y01 T . -16.75 15.14 -49.45
CAL Y01 T . -17.78 14.49 -50.34
CAX Y01 T . -17.12 13.67 -51.46
OAH Y01 T . -16.19 12.91 -51.13
OAF Y01 T . -17.58 13.86 -52.62
C1 NAG U . 41.95 17.98 31.54
C2 NAG U . 43.04 16.93 31.27
C3 NAG U . 44.24 17.58 30.61
C4 NAG U . 43.83 18.37 29.38
C5 NAG U . 42.73 19.36 29.74
C6 NAG U . 42.19 20.11 28.54
C7 NAG U . 42.85 15.12 32.92
C8 NAG U . 43.38 14.56 34.21
N2 NAG U . 43.41 16.26 32.50
O3 NAG U . 45.18 16.57 30.26
O4 NAG U . 44.95 19.08 28.86
O5 NAG U . 41.62 18.66 30.32
O6 NAG U . 42.12 19.27 27.39
O7 NAG U . 41.96 14.56 32.29
C1 NAG V . 36.09 33.21 42.83
C2 NAG V . 36.67 34.49 43.37
C3 NAG V . 35.57 35.33 44.05
C4 NAG V . 34.42 35.55 43.09
C5 NAG V . 33.93 34.21 42.53
C6 NAG V . 32.86 34.36 41.47
C7 NAG V . 39.03 34.12 43.95
C8 NAG V . 40.01 33.84 45.04
N2 NAG V . 37.75 34.23 44.31
O3 NAG V . 36.11 36.58 44.45
O4 NAG V . 33.34 36.19 43.76
O5 NAG V . 35.02 33.51 41.92
O6 NAG V . 33.34 35.10 40.35
O7 NAG V . 39.38 34.25 42.78
C1 NAG W . 17.75 -5.90 75.78
C2 NAG W . 17.06 -6.67 74.65
C3 NAG W . 15.64 -6.13 74.43
C4 NAG W . 14.86 -6.14 75.73
C5 NAG W . 15.64 -5.39 76.82
C6 NAG W . 14.97 -5.46 78.17
C7 NAG W . 18.68 -7.56 73.04
C8 NAG W . 19.37 -7.33 71.74
N2 NAG W . 17.82 -6.60 73.42
O3 NAG W . 14.98 -6.93 73.46
O4 NAG W . 13.60 -5.50 75.55
O5 NAG W . 16.94 -5.97 76.96
O6 NAG W . 15.57 -4.55 79.09
O7 NAG W . 18.86 -8.57 73.71
N TCR X . 34.76 6.92 61.05
CA TCR X . 35.95 7.45 60.31
CB TCR X . 36.69 8.53 61.11
CG TCR X . 35.72 9.48 61.57
CD2 TCR X . 35.96 10.75 62.14
CE2 TCR X . 34.68 11.29 62.42
CE3 TCR X . 37.11 11.48 62.42
CD1 TCR X . 34.36 9.27 61.51
NE1 TCR X . 33.72 10.36 62.03
CZ2 TCR X . 34.53 12.54 63.00
CZ3 TCR X . 36.95 12.72 63.00
CH2 TCR X . 35.68 13.24 63.28
C9 TCR X . 33.74 8.03 60.97
C TCR X . 36.92 6.28 59.98
OXT TCR X . 38.09 6.56 59.67
O1 TCR X . 36.49 5.11 60.04
P PO4 Y . 31.69 15.54 68.34
O1 PO4 Y . 31.54 14.54 67.23
O2 PO4 Y . 31.32 14.90 69.65
O3 PO4 Y . 30.78 16.71 68.07
O4 PO4 Y . 33.12 16.02 68.40
CA CA Z . 43.45 7.71 66.10
CA CA AA . 37.04 19.06 63.75
C13 9IG BA . -11.85 4.47 -17.87
C14 9IG BA . -10.36 4.28 -18.20
C15 9IG BA . -9.90 4.96 -19.47
C16 9IG BA . -9.82 4.25 -20.68
C17 9IG BA . -9.39 4.86 -21.86
C18 9IG BA . -9.03 6.20 -21.88
C19 9IG BA . -9.10 6.93 -20.70
C20 9IG BA . -9.52 6.30 -19.54
C01 9IG BA . -16.32 4.29 -17.21
C02 9IG BA . -15.04 4.13 -18.03
C03 9IG BA . -15.35 3.48 -19.37
C04 9IG BA . -14.95 4.12 -20.57
C05 9IG BA . -15.25 3.50 -21.77
C06 9IG BA . -15.92 2.30 -21.88
C07 9IG BA . -16.31 1.68 -20.70
C08 9IG BA . -16.03 2.27 -19.46
C10 9IG BA . -13.54 4.70 -22.83
C12 9IG BA . -12.70 3.17 -17.81
N11 9IG BA . -14.08 3.30 -17.23
O09 9IG BA . -14.84 4.15 -22.94
CL21 9IG BA . -9.58 7.30 -18.13
CAD A1AF7 CA . -23.58 18.09 -47.70
OAE A1AF7 CA . -24.80 17.77 -47.09
OAF A1AF7 CA . -21.86 16.70 -48.54
P A1AF7 CA . -21.67 17.87 -43.68
C01 A1AF7 CA . -19.36 14.53 -42.17
C1 A1AF7 CA . -17.16 16.24 -40.73
O01 A1AF7 CA . -17.69 16.26 -41.97
C02 A1AF7 CA . -19.08 16.06 -42.18
C2 A1AF7 CA . -15.80 15.62 -40.66
O02 A1AF7 CA . -17.80 16.70 -39.80
C03 A1AF7 CA . -19.27 16.67 -43.59
C3 A1AF7 CA . -14.85 16.54 -39.88
O03 A1AF7 CA . -18.61 14.03 -43.24
C04 A1AF7 CA . -21.49 17.57 -46.34
C4 A1AF7 CA . -13.95 15.80 -38.87
O04 A1AF7 CA . -18.47 12.08 -44.30
C05 A1AF7 CA . -22.53 17.02 -47.34
C5 A1AF7 CA . -12.46 15.91 -39.20
C06 A1AF7 CA . -8.05 13.55 -34.92
C6 A1AF7 CA . -11.54 15.17 -38.21
C07 A1AF7 CA . -7.31 13.67 -33.58
C7 A1AF7 CA . -10.21 14.67 -38.80
C08 A1AF7 CA . -7.87 12.76 -32.50
C8 A1AF7 CA . -9.11 14.44 -37.76
C09 A1AF7 CA . -6.85 12.47 -31.38
C9 A1AF7 CA . -9.41 15.04 -36.43
C10 A1AF7 CA . -8.97 14.68 -35.23
C11 A1AF7 CA . -7.47 12.59 -29.99
O11 A1AF7 CA . -20.59 16.57 -43.92
C12 A1AF7 CA . -6.51 13.16 -28.94
O12 A1AF7 CA . -22.17 18.01 -45.25
C13 A1AF7 CA . -7.13 14.33 -28.19
O13 A1AF7 CA . -20.80 19.04 -43.39
C14 A1AF7 CA . -6.11 15.23 -27.53
O14 A1AF7 CA . -22.80 17.36 -42.88
C15 A1AF7 CA . -10.28 10.28 -36.26
C16 A1AF7 CA . -10.46 9.83 -34.80
C17 A1AF7 CA . -9.55 8.67 -34.41
C18 A1AF7 CA . -8.57 9.04 -33.28
C19 A1AF7 CA . -18.26 12.72 -43.30
C20 A1AF7 CA . -17.63 12.28 -42.00
C21 A1AF7 CA . -16.57 11.18 -42.16
C22 A1AF7 CA . -16.16 10.61 -40.80
C23 A1AF7 CA . -14.63 10.52 -40.63
C24 A1AF7 CA . -13.99 11.52 -39.64
C25 A1AF7 CA . -13.55 10.97 -38.27
C26 A1AF7 CA . -12.06 11.14 -37.89
C27 A1AF7 CA . -11.48 9.93 -37.14
C28 A1AF7 CA . -7.63 7.87 -32.91
C29 A1AF7 CA . -5.28 7.22 -32.25
C30 A1AF7 CA . -6.23 8.38 -32.52
#